data_2CTO
#
_entry.id   2CTO
#
_entity_poly.entity_id   1
_entity_poly.type   'polypeptide(L)'
_entity_poly.pdbx_seq_one_letter_code
;GSSGSSGMPNRKASRNAYYFFVQEKIPELRRRGLPVARVADAIPYCSSDWALLREEEKEKYAEMAREWRAAQGKDPGPSE
KQKPVFTSGPSSG
;
_entity_poly.pdbx_strand_id   A
#
# COMPACT_ATOMS: atom_id res chain seq x y z
N GLY A 1 2.75 14.72 -20.94
CA GLY A 1 3.96 14.91 -21.72
C GLY A 1 4.45 13.63 -22.36
N SER A 2 5.77 13.50 -22.48
CA SER A 2 6.37 12.31 -23.08
C SER A 2 6.37 11.15 -22.09
N SER A 3 5.27 10.41 -22.05
CA SER A 3 5.14 9.28 -21.15
C SER A 3 4.05 8.33 -21.63
N GLY A 4 4.39 7.05 -21.73
CA GLY A 4 3.43 6.05 -22.18
C GLY A 4 2.25 5.93 -21.24
N SER A 5 1.42 4.91 -21.46
CA SER A 5 0.24 4.69 -20.63
C SER A 5 0.50 3.59 -19.61
N SER A 6 -0.02 3.79 -18.40
CA SER A 6 0.15 2.82 -17.32
C SER A 6 -0.96 2.96 -16.29
N GLY A 7 -1.10 1.94 -15.44
CA GLY A 7 -2.12 1.97 -14.41
C GLY A 7 -3.40 1.31 -14.85
N MET A 8 -3.89 0.37 -14.05
CA MET A 8 -5.13 -0.33 -14.37
C MET A 8 -6.06 -0.38 -13.16
N PRO A 9 -7.37 -0.29 -13.42
CA PRO A 9 -8.39 -0.31 -12.37
C PRO A 9 -8.52 -1.69 -11.72
N ASN A 10 -8.28 -1.74 -10.41
CA ASN A 10 -8.36 -2.99 -9.66
C ASN A 10 -8.46 -2.73 -8.17
N ARG A 11 -9.62 -3.05 -7.59
CA ARG A 11 -9.84 -2.85 -6.16
C ARG A 11 -9.27 -4.01 -5.35
N LYS A 12 -8.03 -3.85 -4.89
CA LYS A 12 -7.38 -4.89 -4.10
C LYS A 12 -7.69 -4.73 -2.62
N ALA A 13 -7.91 -5.85 -1.94
CA ALA A 13 -8.21 -5.83 -0.52
C ALA A 13 -7.00 -5.39 0.30
N SER A 14 -5.85 -5.98 0.00
CA SER A 14 -4.62 -5.66 0.70
C SER A 14 -4.10 -4.27 0.31
N ARG A 15 -3.50 -3.58 1.26
CA ARG A 15 -2.98 -2.24 1.01
C ARG A 15 -1.69 -2.31 0.20
N ASN A 16 -1.77 -1.86 -1.05
CA ASN A 16 -0.61 -1.87 -1.94
C ASN A 16 -0.07 -0.46 -2.15
N ALA A 17 1.11 -0.37 -2.75
CA ALA A 17 1.73 0.92 -3.02
C ALA A 17 0.69 1.98 -3.37
N TYR A 18 -0.24 1.62 -4.24
CA TYR A 18 -1.29 2.52 -4.67
C TYR A 18 -2.17 2.92 -3.49
N TYR A 19 -2.51 1.94 -2.65
CA TYR A 19 -3.35 2.19 -1.48
C TYR A 19 -2.67 3.14 -0.51
N PHE A 20 -1.37 2.92 -0.29
CA PHE A 20 -0.60 3.76 0.63
C PHE A 20 -0.55 5.21 0.12
N PHE A 21 -0.37 5.36 -1.19
CA PHE A 21 -0.30 6.69 -1.80
C PHE A 21 -1.61 7.45 -1.60
N VAL A 22 -2.73 6.75 -1.76
CA VAL A 22 -4.04 7.35 -1.60
C VAL A 22 -4.31 7.70 -0.14
N GLN A 23 -3.91 6.81 0.76
CA GLN A 23 -4.12 7.02 2.19
C GLN A 23 -3.52 8.35 2.63
N GLU A 24 -2.35 8.68 2.10
CA GLU A 24 -1.68 9.92 2.44
C GLU A 24 -2.24 11.08 1.63
N LYS A 25 -3.33 10.82 0.90
CA LYS A 25 -3.97 11.83 0.08
C LYS A 25 -5.42 12.05 0.52
N ILE A 26 -5.95 11.09 1.27
CA ILE A 26 -7.32 11.18 1.74
C ILE A 26 -7.60 12.54 2.37
N PRO A 27 -6.81 12.90 3.39
CA PRO A 27 -6.96 14.18 4.09
C PRO A 27 -6.54 15.37 3.23
N GLU A 28 -5.72 15.09 2.22
CA GLU A 28 -5.24 16.13 1.31
C GLU A 28 -6.37 16.61 0.39
N LEU A 29 -7.17 15.67 -0.07
CA LEU A 29 -8.29 16.00 -0.96
C LEU A 29 -9.44 16.64 -0.18
N ARG A 30 -9.69 16.13 1.01
CA ARG A 30 -10.77 16.65 1.85
C ARG A 30 -10.68 18.18 1.95
N ARG A 31 -9.47 18.69 2.17
CA ARG A 31 -9.26 20.12 2.28
C ARG A 31 -9.49 20.82 0.94
N ARG A 32 -9.03 20.20 -0.13
CA ARG A 32 -9.20 20.75 -1.46
C ARG A 32 -10.66 21.07 -1.75
N GLY A 33 -11.55 20.20 -1.29
CA GLY A 33 -12.97 20.41 -1.50
C GLY A 33 -13.62 19.28 -2.29
N LEU A 34 -13.24 18.05 -1.97
CA LEU A 34 -13.79 16.89 -2.66
C LEU A 34 -14.33 15.87 -1.66
N PRO A 35 -15.43 15.20 -2.04
CA PRO A 35 -16.08 14.20 -1.18
C PRO A 35 -15.23 12.94 -1.05
N VAL A 36 -14.34 12.92 -0.06
CA VAL A 36 -13.48 11.78 0.18
C VAL A 36 -13.49 11.38 1.65
N ALA A 37 -14.18 10.29 1.96
CA ALA A 37 -14.26 9.80 3.33
C ALA A 37 -13.18 8.77 3.62
N ARG A 38 -12.94 7.88 2.65
CA ARG A 38 -11.93 6.85 2.80
C ARG A 38 -11.15 6.67 1.51
N VAL A 39 -10.21 5.72 1.52
CA VAL A 39 -9.37 5.46 0.35
C VAL A 39 -10.23 5.16 -0.87
N ALA A 40 -11.14 4.18 -0.73
CA ALA A 40 -12.02 3.80 -1.82
C ALA A 40 -12.58 5.02 -2.54
N ASP A 41 -12.79 6.11 -1.79
CA ASP A 41 -13.31 7.33 -2.36
C ASP A 41 -12.20 8.13 -3.04
N ALA A 42 -11.04 8.19 -2.40
CA ALA A 42 -9.90 8.91 -2.94
C ALA A 42 -9.13 8.06 -3.96
N ILE A 43 -9.71 6.93 -4.33
CA ILE A 43 -9.09 6.03 -5.29
C ILE A 43 -8.99 6.67 -6.66
N PRO A 44 -10.15 7.06 -7.22
CA PRO A 44 -10.22 7.69 -8.54
C PRO A 44 -9.64 9.10 -8.54
N TYR A 45 -9.95 9.86 -7.49
CA TYR A 45 -9.46 11.23 -7.36
C TYR A 45 -7.93 11.26 -7.34
N CYS A 46 -7.32 10.09 -7.22
CA CYS A 46 -5.87 9.98 -7.18
C CYS A 46 -5.37 8.95 -8.19
N SER A 47 -6.10 8.82 -9.28
CA SER A 47 -5.74 7.86 -10.33
C SER A 47 -4.76 8.48 -11.31
N SER A 48 -4.93 9.77 -11.58
CA SER A 48 -4.07 10.48 -12.51
C SER A 48 -2.77 10.91 -11.83
N ASP A 49 -2.87 11.21 -10.54
CA ASP A 49 -1.70 11.63 -9.76
C ASP A 49 -0.73 10.48 -9.57
N TRP A 50 -1.27 9.27 -9.37
CA TRP A 50 -0.44 8.09 -9.17
C TRP A 50 0.36 7.77 -10.43
N ALA A 51 -0.26 7.96 -11.59
CA ALA A 51 0.39 7.69 -12.87
C ALA A 51 1.58 8.63 -13.08
N LEU A 52 1.56 9.77 -12.40
CA LEU A 52 2.63 10.74 -12.52
C LEU A 52 3.89 10.26 -11.81
N LEU A 53 3.70 9.50 -10.74
CA LEU A 53 4.83 8.97 -9.97
C LEU A 53 5.79 8.19 -10.87
N ARG A 54 7.03 8.06 -10.43
CA ARG A 54 8.05 7.36 -11.20
C ARG A 54 8.24 5.94 -10.65
N GLU A 55 8.72 5.04 -11.51
CA GLU A 55 8.95 3.66 -11.12
C GLU A 55 9.56 3.58 -9.73
N GLU A 56 10.58 4.40 -9.48
CA GLU A 56 11.24 4.43 -8.18
C GLU A 56 10.23 4.65 -7.06
N GLU A 57 9.36 5.64 -7.24
CA GLU A 57 8.35 5.95 -6.24
C GLU A 57 7.40 4.78 -6.04
N LYS A 58 6.81 4.30 -7.13
CA LYS A 58 5.88 3.18 -7.07
C LYS A 58 6.48 2.02 -6.29
N GLU A 59 7.74 1.70 -6.58
CA GLU A 59 8.42 0.60 -5.90
C GLU A 59 8.58 0.91 -4.41
N LYS A 60 8.84 2.17 -4.09
CA LYS A 60 9.01 2.59 -2.70
C LYS A 60 7.74 2.33 -1.90
N TYR A 61 6.61 2.78 -2.41
CA TYR A 61 5.33 2.59 -1.74
C TYR A 61 4.96 1.12 -1.66
N ALA A 62 5.30 0.37 -2.72
CA ALA A 62 5.00 -1.05 -2.77
C ALA A 62 5.89 -1.82 -1.80
N GLU A 63 7.12 -1.36 -1.61
CA GLU A 63 8.05 -2.01 -0.71
C GLU A 63 7.66 -1.79 0.74
N MET A 64 7.47 -0.51 1.11
CA MET A 64 7.09 -0.17 2.47
C MET A 64 5.74 -0.79 2.84
N ALA A 65 4.85 -0.88 1.86
CA ALA A 65 3.54 -1.46 2.07
C ALA A 65 3.63 -2.98 2.31
N ARG A 66 4.35 -3.65 1.43
CA ARG A 66 4.52 -5.09 1.55
C ARG A 66 5.15 -5.47 2.89
N GLU A 67 6.26 -4.82 3.21
CA GLU A 67 6.96 -5.08 4.46
C GLU A 67 6.07 -4.75 5.66
N TRP A 68 5.24 -3.72 5.52
CA TRP A 68 4.35 -3.30 6.58
C TRP A 68 3.33 -4.40 6.90
N ARG A 69 2.72 -4.94 5.87
CA ARG A 69 1.72 -6.00 6.04
C ARG A 69 2.37 -7.28 6.57
N ALA A 70 3.55 -7.59 6.06
CA ALA A 70 4.27 -8.79 6.49
C ALA A 70 4.62 -8.71 7.97
N ALA A 71 5.18 -7.58 8.38
CA ALA A 71 5.56 -7.37 9.78
C ALA A 71 4.32 -7.30 10.68
N GLN A 72 3.24 -6.73 10.15
CA GLN A 72 2.01 -6.59 10.90
C GLN A 72 1.26 -7.92 10.97
N GLY A 73 1.51 -8.79 9.99
CA GLY A 73 0.85 -10.08 9.96
C GLY A 73 1.59 -11.12 10.77
N LYS A 74 2.78 -11.50 10.31
CA LYS A 74 3.59 -12.50 11.01
C LYS A 74 3.40 -12.39 12.51
N ASP A 75 3.42 -11.16 13.02
CA ASP A 75 3.26 -10.92 14.46
C ASP A 75 2.28 -9.78 14.70
N PRO A 76 1.49 -9.90 15.78
CA PRO A 76 0.50 -8.89 16.15
C PRO A 76 1.15 -7.60 16.66
N GLY A 77 2.42 -7.69 17.01
CA GLY A 77 3.15 -6.53 17.51
C GLY A 77 3.87 -5.78 16.40
N PRO A 78 4.40 -4.59 16.74
CA PRO A 78 5.12 -3.76 15.78
C PRO A 78 6.48 -4.35 15.39
N SER A 79 6.98 -3.96 14.23
CA SER A 79 8.25 -4.46 13.74
C SER A 79 8.76 -3.60 12.57
N GLU A 80 9.82 -2.85 12.82
CA GLU A 80 10.40 -2.00 11.79
C GLU A 80 11.90 -2.25 11.64
N LYS A 81 12.37 -2.32 10.41
CA LYS A 81 13.78 -2.57 10.13
C LYS A 81 14.11 -2.27 8.67
N GLN A 82 15.39 -2.08 8.38
CA GLN A 82 15.83 -1.80 7.02
C GLN A 82 17.35 -1.74 6.94
N LYS A 83 17.89 -2.13 5.79
CA LYS A 83 19.33 -2.13 5.58
C LYS A 83 19.76 -0.95 4.72
N PRO A 84 20.94 -0.37 5.03
CA PRO A 84 21.47 0.78 4.29
C PRO A 84 21.92 0.39 2.88
N VAL A 85 21.03 0.57 1.91
CA VAL A 85 21.32 0.24 0.52
C VAL A 85 21.02 1.42 -0.39
N PHE A 86 21.91 1.67 -1.34
CA PHE A 86 21.74 2.77 -2.29
C PHE A 86 22.44 2.46 -3.61
N THR A 87 21.65 2.40 -4.68
CA THR A 87 22.18 2.12 -6.00
C THR A 87 21.27 2.66 -7.10
N SER A 88 21.87 3.22 -8.14
CA SER A 88 21.11 3.78 -9.26
C SER A 88 21.88 3.67 -10.56
N GLY A 89 21.17 3.48 -11.66
CA GLY A 89 21.82 3.36 -12.96
C GLY A 89 22.03 1.92 -13.37
N PRO A 90 21.93 1.66 -14.68
CA PRO A 90 22.11 0.31 -15.24
C PRO A 90 23.56 -0.17 -15.14
N SER A 91 23.74 -1.47 -15.00
CA SER A 91 25.06 -2.06 -14.89
C SER A 91 25.24 -3.18 -15.90
N SER A 92 24.59 -3.05 -17.06
CA SER A 92 24.68 -4.06 -18.11
C SER A 92 25.56 -3.57 -19.25
N GLY A 93 26.01 -4.51 -20.08
CA GLY A 93 26.85 -4.16 -21.20
C GLY A 93 28.32 -4.14 -20.83
N GLY A 1 18.23 -10.63 -14.87
CA GLY A 1 16.87 -10.16 -15.02
C GLY A 1 16.01 -10.48 -13.81
N SER A 2 15.54 -9.44 -13.12
CA SER A 2 14.71 -9.62 -11.94
C SER A 2 13.28 -9.17 -12.21
N SER A 3 12.34 -9.77 -11.49
CA SER A 3 10.93 -9.45 -11.65
C SER A 3 10.66 -7.98 -11.30
N GLY A 4 11.08 -7.59 -10.10
CA GLY A 4 10.88 -6.22 -9.66
C GLY A 4 9.46 -5.97 -9.18
N SER A 5 8.49 -6.45 -9.94
CA SER A 5 7.08 -6.28 -9.59
C SER A 5 6.63 -7.34 -8.59
N SER A 6 5.98 -6.89 -7.52
CA SER A 6 5.50 -7.81 -6.49
C SER A 6 4.05 -8.21 -6.76
N GLY A 7 3.85 -9.45 -7.18
CA GLY A 7 2.51 -9.94 -7.47
C GLY A 7 2.10 -11.05 -6.53
N MET A 8 0.78 -11.17 -6.30
CA MET A 8 0.25 -12.20 -5.42
C MET A 8 -0.50 -13.25 -6.21
N PRO A 9 -0.37 -14.52 -5.78
CA PRO A 9 -1.04 -15.65 -6.44
C PRO A 9 -2.55 -15.63 -6.24
N ASN A 10 -2.99 -15.04 -5.14
CA ASN A 10 -4.41 -14.96 -4.83
C ASN A 10 -5.10 -13.91 -5.70
N ARG A 11 -6.20 -14.30 -6.33
CA ARG A 11 -6.95 -13.39 -7.20
C ARG A 11 -7.70 -12.35 -6.36
N LYS A 12 -7.60 -12.45 -5.05
CA LYS A 12 -8.26 -11.53 -4.15
C LYS A 12 -7.47 -10.22 -4.03
N ALA A 13 -8.16 -9.10 -4.23
CA ALA A 13 -7.52 -7.79 -4.15
C ALA A 13 -7.05 -7.51 -2.72
N SER A 14 -5.91 -6.85 -2.61
CA SER A 14 -5.34 -6.51 -1.31
C SER A 14 -4.56 -5.20 -1.37
N ARG A 15 -4.27 -4.63 -0.20
CA ARG A 15 -3.53 -3.39 -0.13
C ARG A 15 -2.26 -3.44 -0.98
N ASN A 16 -1.80 -2.29 -1.43
CA ASN A 16 -0.61 -2.21 -2.26
C ASN A 16 -0.07 -0.78 -2.31
N ALA A 17 1.13 -0.63 -2.85
CA ALA A 17 1.75 0.69 -2.96
C ALA A 17 0.71 1.77 -3.22
N TYR A 18 -0.21 1.49 -4.14
CA TYR A 18 -1.25 2.44 -4.49
C TYR A 18 -2.06 2.83 -3.25
N TYR A 19 -2.67 1.84 -2.61
CA TYR A 19 -3.47 2.07 -1.41
C TYR A 19 -2.76 3.05 -0.47
N PHE A 20 -1.47 2.85 -0.29
CA PHE A 20 -0.68 3.71 0.60
C PHE A 20 -0.63 5.14 0.06
N PHE A 21 -0.47 5.27 -1.26
CA PHE A 21 -0.42 6.57 -1.88
C PHE A 21 -1.73 7.33 -1.71
N VAL A 22 -2.84 6.60 -1.83
CA VAL A 22 -4.16 7.19 -1.69
C VAL A 22 -4.46 7.54 -0.24
N GLN A 23 -3.95 6.71 0.67
CA GLN A 23 -4.16 6.92 2.10
C GLN A 23 -3.50 8.21 2.57
N GLU A 24 -2.37 8.56 1.93
CA GLU A 24 -1.65 9.77 2.29
C GLU A 24 -2.20 10.96 1.52
N LYS A 25 -3.29 10.75 0.80
CA LYS A 25 -3.92 11.82 0.02
C LYS A 25 -5.36 12.04 0.46
N ILE A 26 -5.89 11.10 1.23
CA ILE A 26 -7.26 11.20 1.72
C ILE A 26 -7.51 12.54 2.39
N PRO A 27 -6.71 12.86 3.42
CA PRO A 27 -6.84 14.11 4.16
C PRO A 27 -6.38 15.31 3.33
N GLU A 28 -5.56 15.04 2.32
CA GLU A 28 -5.05 16.11 1.46
C GLU A 28 -6.16 16.64 0.54
N LEU A 29 -7.02 15.74 0.10
CA LEU A 29 -8.13 16.11 -0.78
C LEU A 29 -9.26 16.75 0.02
N ARG A 30 -9.52 16.21 1.20
CA ARG A 30 -10.58 16.72 2.06
C ARG A 30 -10.49 18.24 2.19
N ARG A 31 -9.28 18.73 2.44
CA ARG A 31 -9.05 20.15 2.60
C ARG A 31 -9.42 20.91 1.32
N ARG A 32 -9.09 20.33 0.18
CA ARG A 32 -9.38 20.94 -1.11
C ARG A 32 -10.89 21.18 -1.27
N GLY A 33 -11.68 20.21 -0.84
CA GLY A 33 -13.13 20.32 -0.94
C GLY A 33 -13.74 19.23 -1.78
N LEU A 34 -13.35 17.99 -1.51
CA LEU A 34 -13.88 16.85 -2.25
C LEU A 34 -14.39 15.77 -1.30
N PRO A 35 -15.49 15.10 -1.70
CA PRO A 35 -16.10 14.04 -0.90
C PRO A 35 -15.25 12.78 -0.83
N VAL A 36 -14.27 12.78 0.08
CA VAL A 36 -13.37 11.65 0.23
C VAL A 36 -13.31 11.19 1.69
N ALA A 37 -14.17 10.24 2.04
CA ALA A 37 -14.23 9.72 3.40
C ALA A 37 -13.20 8.61 3.60
N ARG A 38 -12.99 7.80 2.56
CA ARG A 38 -12.04 6.70 2.63
C ARG A 38 -11.22 6.62 1.34
N VAL A 39 -10.35 5.62 1.26
CA VAL A 39 -9.50 5.43 0.10
C VAL A 39 -10.35 5.18 -1.15
N ALA A 40 -11.27 4.23 -1.05
CA ALA A 40 -12.15 3.89 -2.17
C ALA A 40 -12.73 5.15 -2.81
N ASP A 41 -12.77 6.23 -2.04
CA ASP A 41 -13.31 7.50 -2.53
C ASP A 41 -12.22 8.32 -3.21
N ALA A 42 -11.01 8.27 -2.66
CA ALA A 42 -9.88 9.00 -3.22
C ALA A 42 -9.18 8.19 -4.29
N ILE A 43 -9.72 7.03 -4.60
CA ILE A 43 -9.15 6.16 -5.62
C ILE A 43 -9.09 6.85 -6.98
N PRO A 44 -10.26 7.27 -7.47
CA PRO A 44 -10.39 7.94 -8.76
C PRO A 44 -9.78 9.35 -8.73
N TYR A 45 -10.13 10.12 -7.72
CA TYR A 45 -9.62 11.48 -7.57
C TYR A 45 -8.11 11.50 -7.59
N CYS A 46 -7.50 10.33 -7.39
CA CYS A 46 -6.05 10.21 -7.39
C CYS A 46 -5.60 9.09 -8.31
N SER A 47 -6.34 8.87 -9.39
CA SER A 47 -6.02 7.82 -10.35
C SER A 47 -4.99 8.31 -11.36
N SER A 48 -5.21 9.52 -11.89
CA SER A 48 -4.30 10.10 -12.87
C SER A 48 -2.99 10.55 -12.20
N ASP A 49 -3.10 11.02 -10.97
CA ASP A 49 -1.94 11.47 -10.22
C ASP A 49 -0.95 10.35 -10.00
N TRP A 50 -1.47 9.14 -9.77
CA TRP A 50 -0.62 7.98 -9.55
C TRP A 50 0.16 7.62 -10.81
N ALA A 51 -0.50 7.74 -11.96
CA ALA A 51 0.13 7.43 -13.24
C ALA A 51 1.28 8.39 -13.53
N LEU A 52 1.34 9.49 -12.77
CA LEU A 52 2.39 10.48 -12.95
C LEU A 52 3.61 10.13 -12.11
N LEU A 53 3.41 9.34 -11.07
CA LEU A 53 4.50 8.92 -10.20
C LEU A 53 5.62 8.26 -11.00
N ARG A 54 6.81 8.21 -10.41
CA ARG A 54 7.96 7.61 -11.08
C ARG A 54 8.18 6.18 -10.58
N GLU A 55 8.72 5.34 -11.46
CA GLU A 55 8.98 3.94 -11.11
C GLU A 55 9.57 3.83 -9.70
N GLU A 56 10.57 4.66 -9.43
CA GLU A 56 11.23 4.66 -8.12
C GLU A 56 10.21 4.83 -7.00
N GLU A 57 9.31 5.80 -7.16
CA GLU A 57 8.29 6.07 -6.17
C GLU A 57 7.38 4.86 -5.96
N LYS A 58 6.83 4.36 -7.07
CA LYS A 58 5.94 3.20 -7.01
C LYS A 58 6.60 2.05 -6.24
N GLU A 59 7.85 1.78 -6.56
CA GLU A 59 8.59 0.71 -5.90
C GLU A 59 8.69 0.96 -4.40
N LYS A 60 9.07 2.18 -4.03
CA LYS A 60 9.21 2.55 -2.63
C LYS A 60 7.92 2.24 -1.86
N TYR A 61 6.80 2.76 -2.36
CA TYR A 61 5.50 2.54 -1.72
C TYR A 61 5.20 1.05 -1.61
N ALA A 62 5.53 0.30 -2.65
CA ALA A 62 5.30 -1.13 -2.66
C ALA A 62 6.14 -1.84 -1.60
N GLU A 63 7.40 -1.41 -1.47
CA GLU A 63 8.31 -2.00 -0.50
C GLU A 63 7.79 -1.79 0.93
N MET A 64 7.55 -0.54 1.28
CA MET A 64 7.06 -0.20 2.61
C MET A 64 5.73 -0.90 2.89
N ALA A 65 4.92 -1.05 1.85
CA ALA A 65 3.62 -1.71 1.98
C ALA A 65 3.79 -3.18 2.32
N ARG A 66 4.55 -3.90 1.49
CA ARG A 66 4.79 -5.32 1.70
C ARG A 66 5.36 -5.58 3.08
N GLU A 67 6.47 -4.91 3.38
CA GLU A 67 7.13 -5.07 4.68
C GLU A 67 6.16 -4.78 5.82
N TRP A 68 5.33 -3.76 5.65
CA TRP A 68 4.35 -3.37 6.66
C TRP A 68 3.37 -4.51 6.92
N ARG A 69 2.82 -5.07 5.85
CA ARG A 69 1.87 -6.17 5.96
C ARG A 69 2.52 -7.40 6.57
N ALA A 70 3.76 -7.65 6.18
CA ALA A 70 4.51 -8.81 6.69
C ALA A 70 4.74 -8.69 8.19
N ALA A 71 5.22 -7.53 8.62
CA ALA A 71 5.49 -7.30 10.04
C ALA A 71 4.18 -7.19 10.83
N GLN A 72 3.18 -6.58 10.21
CA GLN A 72 1.88 -6.41 10.85
C GLN A 72 1.15 -7.74 10.97
N GLY A 73 1.51 -8.69 10.10
CA GLY A 73 0.88 -9.99 10.11
C GLY A 73 1.65 -11.00 10.93
N LYS A 74 2.97 -10.97 10.81
CA LYS A 74 3.84 -11.90 11.54
C LYS A 74 4.14 -11.36 12.94
N ASP A 75 3.13 -10.77 13.57
CA ASP A 75 3.29 -10.22 14.92
C ASP A 75 1.99 -10.40 15.72
N PRO A 76 2.15 -10.67 17.02
CA PRO A 76 1.00 -10.85 17.93
C PRO A 76 0.25 -9.56 18.19
N GLY A 77 0.89 -8.43 17.89
CA GLY A 77 0.27 -7.15 18.10
C GLY A 77 0.02 -6.40 16.80
N PRO A 78 -1.10 -6.73 16.14
CA PRO A 78 -1.48 -6.10 14.86
C PRO A 78 -1.89 -4.64 15.03
N SER A 79 -1.95 -4.19 16.28
CA SER A 79 -2.33 -2.82 16.58
C SER A 79 -1.74 -1.85 15.56
N GLU A 80 -2.55 -0.87 15.15
CA GLU A 80 -2.11 0.11 14.16
C GLU A 80 -1.47 1.31 14.84
N LYS A 81 -2.30 2.16 15.44
CA LYS A 81 -1.82 3.35 16.14
C LYS A 81 -1.00 4.23 15.19
N GLN A 82 -1.58 4.55 14.04
CA GLN A 82 -0.90 5.39 13.06
C GLN A 82 -0.39 6.68 13.69
N LYS A 83 0.93 6.89 13.63
CA LYS A 83 1.54 8.08 14.20
C LYS A 83 1.00 9.34 13.53
N PRO A 84 1.00 10.45 14.28
CA PRO A 84 0.51 11.75 13.77
C PRO A 84 1.44 12.34 12.73
N VAL A 85 1.19 12.03 11.46
CA VAL A 85 2.00 12.54 10.37
C VAL A 85 1.48 13.88 9.86
N PHE A 86 2.38 14.86 9.77
CA PHE A 86 2.01 16.19 9.31
C PHE A 86 2.64 16.50 7.95
N THR A 87 2.02 15.98 6.90
CA THR A 87 2.53 16.20 5.54
C THR A 87 1.39 16.50 4.57
N SER A 88 1.48 17.64 3.91
CA SER A 88 0.45 18.05 2.95
C SER A 88 1.07 18.87 1.82
N GLY A 89 0.48 18.74 0.63
CA GLY A 89 0.98 19.49 -0.53
C GLY A 89 0.97 18.65 -1.79
N PRO A 90 0.74 19.32 -2.94
CA PRO A 90 0.70 18.65 -4.24
C PRO A 90 2.08 18.15 -4.68
N SER A 91 2.10 17.02 -5.38
CA SER A 91 3.35 16.44 -5.85
C SER A 91 3.76 17.05 -7.19
N SER A 92 4.41 18.22 -7.12
CA SER A 92 4.85 18.91 -8.32
C SER A 92 6.30 18.54 -8.65
N GLY A 93 6.57 18.34 -9.94
CA GLY A 93 7.91 17.98 -10.37
C GLY A 93 8.05 18.00 -11.88
N GLY A 1 17.06 -11.74 1.40
CA GLY A 1 16.19 -10.64 1.04
C GLY A 1 15.19 -10.31 2.12
N SER A 2 15.58 -9.43 3.05
CA SER A 2 14.70 -9.04 4.15
C SER A 2 13.25 -9.00 3.70
N SER A 3 12.97 -8.18 2.68
CA SER A 3 11.62 -8.05 2.16
C SER A 3 11.02 -9.41 1.84
N GLY A 4 11.66 -10.14 0.94
CA GLY A 4 11.18 -11.46 0.56
C GLY A 4 10.89 -11.56 -0.92
N SER A 5 11.69 -12.37 -1.62
CA SER A 5 11.51 -12.55 -3.06
C SER A 5 10.03 -12.69 -3.41
N SER A 6 9.70 -12.30 -4.63
CA SER A 6 8.32 -12.37 -5.10
C SER A 6 7.71 -13.74 -4.83
N GLY A 7 6.39 -13.79 -4.71
CA GLY A 7 5.71 -15.05 -4.45
C GLY A 7 4.22 -14.88 -4.25
N MET A 8 3.84 -13.84 -3.51
CA MET A 8 2.43 -13.56 -3.24
C MET A 8 1.68 -13.27 -4.53
N PRO A 9 0.43 -13.71 -4.61
CA PRO A 9 -0.42 -13.51 -5.78
C PRO A 9 -0.83 -12.05 -5.96
N ASN A 10 -1.34 -11.71 -7.14
CA ASN A 10 -1.76 -10.35 -7.43
C ASN A 10 -3.28 -10.26 -7.55
N ARG A 11 -3.85 -11.13 -8.39
CA ARG A 11 -5.29 -11.15 -8.60
C ARG A 11 -6.04 -10.85 -7.31
N LYS A 12 -5.53 -11.38 -6.20
CA LYS A 12 -6.14 -11.17 -4.89
C LYS A 12 -6.04 -9.71 -4.48
N ALA A 13 -7.18 -9.07 -4.30
CA ALA A 13 -7.23 -7.67 -3.89
C ALA A 13 -6.62 -7.48 -2.51
N SER A 14 -5.79 -6.44 -2.38
CA SER A 14 -5.13 -6.15 -1.11
C SER A 14 -4.44 -4.79 -1.15
N ARG A 15 -3.99 -4.33 0.01
CA ARG A 15 -3.31 -3.04 0.10
C ARG A 15 -1.95 -3.10 -0.58
N ASN A 16 -1.75 -2.23 -1.57
CA ASN A 16 -0.50 -2.19 -2.31
C ASN A 16 0.03 -0.75 -2.40
N ALA A 17 1.17 -0.59 -3.06
CA ALA A 17 1.77 0.73 -3.22
C ALA A 17 0.71 1.79 -3.50
N TYR A 18 -0.30 1.41 -4.28
CA TYR A 18 -1.37 2.33 -4.62
C TYR A 18 -2.19 2.71 -3.38
N TYR A 19 -2.72 1.70 -2.71
CA TYR A 19 -3.53 1.91 -1.52
C TYR A 19 -2.82 2.85 -0.54
N PHE A 20 -1.53 2.61 -0.33
CA PHE A 20 -0.74 3.44 0.57
C PHE A 20 -0.71 4.89 0.10
N PHE A 21 -0.56 5.08 -1.20
CA PHE A 21 -0.51 6.41 -1.79
C PHE A 21 -1.85 7.13 -1.59
N VAL A 22 -2.94 6.43 -1.88
CA VAL A 22 -4.28 7.01 -1.75
C VAL A 22 -4.55 7.40 -0.30
N GLN A 23 -4.23 6.50 0.63
CA GLN A 23 -4.45 6.76 2.05
C GLN A 23 -3.79 8.07 2.47
N GLU A 24 -2.59 8.31 1.97
CA GLU A 24 -1.85 9.53 2.29
C GLU A 24 -2.38 10.72 1.48
N LYS A 25 -3.49 10.50 0.79
CA LYS A 25 -4.09 11.55 -0.03
C LYS A 25 -5.51 11.86 0.44
N ILE A 26 -6.13 10.89 1.11
CA ILE A 26 -7.49 11.06 1.61
C ILE A 26 -7.67 12.43 2.25
N PRO A 27 -6.85 12.72 3.28
CA PRO A 27 -6.89 13.99 4.00
C PRO A 27 -6.39 15.16 3.14
N GLU A 28 -5.57 14.84 2.15
CA GLU A 28 -5.02 15.86 1.27
C GLU A 28 -6.10 16.42 0.35
N LEU A 29 -6.98 15.55 -0.13
CA LEU A 29 -8.06 15.97 -1.01
C LEU A 29 -9.20 16.63 -0.22
N ARG A 30 -9.53 16.04 0.92
CA ARG A 30 -10.59 16.58 1.77
C ARG A 30 -10.44 18.08 1.94
N ARG A 31 -9.23 18.52 2.24
CA ARG A 31 -8.96 19.94 2.44
C ARG A 31 -9.02 20.69 1.12
N ARG A 32 -8.56 20.04 0.05
CA ARG A 32 -8.57 20.64 -1.28
C ARG A 32 -9.96 21.11 -1.66
N GLY A 33 -10.97 20.26 -1.39
CA GLY A 33 -12.33 20.61 -1.72
C GLY A 33 -13.02 19.54 -2.55
N LEU A 34 -12.82 18.28 -2.17
CA LEU A 34 -13.42 17.17 -2.89
C LEU A 34 -14.09 16.19 -1.92
N PRO A 35 -15.22 15.61 -2.35
CA PRO A 35 -15.97 14.65 -1.54
C PRO A 35 -15.24 13.32 -1.38
N VAL A 36 -14.31 13.27 -0.43
CA VAL A 36 -13.55 12.06 -0.18
C VAL A 36 -13.70 11.59 1.26
N ALA A 37 -14.47 10.53 1.46
CA ALA A 37 -14.70 9.99 2.80
C ALA A 37 -13.70 8.88 3.11
N ARG A 38 -13.43 8.04 2.12
CA ARG A 38 -12.49 6.94 2.29
C ARG A 38 -11.64 6.73 1.04
N VAL A 39 -10.70 5.81 1.11
CA VAL A 39 -9.81 5.53 -0.01
C VAL A 39 -10.61 5.29 -1.28
N ALA A 40 -11.68 4.53 -1.16
CA ALA A 40 -12.54 4.22 -2.31
C ALA A 40 -12.94 5.50 -3.05
N ASP A 41 -13.22 6.55 -2.29
CA ASP A 41 -13.62 7.83 -2.88
C ASP A 41 -12.42 8.53 -3.50
N ALA A 42 -11.27 8.44 -2.83
CA ALA A 42 -10.05 9.07 -3.31
C ALA A 42 -9.37 8.21 -4.38
N ILE A 43 -9.81 6.96 -4.49
CA ILE A 43 -9.24 6.04 -5.47
C ILE A 43 -9.14 6.70 -6.85
N PRO A 44 -10.28 7.15 -7.37
CA PRO A 44 -10.34 7.80 -8.69
C PRO A 44 -9.69 9.18 -8.68
N TYR A 45 -10.02 9.98 -7.66
CA TYR A 45 -9.47 11.32 -7.54
C TYR A 45 -7.94 11.28 -7.43
N CYS A 46 -7.42 10.08 -7.21
CA CYS A 46 -5.97 9.90 -7.08
C CYS A 46 -5.40 9.19 -8.30
N SER A 47 -6.17 8.25 -8.84
CA SER A 47 -5.74 7.49 -10.02
C SER A 47 -4.93 8.37 -10.96
N SER A 48 -5.30 9.64 -11.05
CA SER A 48 -4.62 10.58 -11.92
C SER A 48 -3.24 10.94 -11.36
N ASP A 49 -3.23 11.37 -10.09
CA ASP A 49 -1.97 11.75 -9.44
C ASP A 49 -1.02 10.57 -9.39
N TRP A 50 -1.52 9.41 -8.98
CA TRP A 50 -0.70 8.21 -8.88
C TRP A 50 0.03 7.94 -10.19
N ALA A 51 -0.67 8.19 -11.31
CA ALA A 51 -0.09 7.97 -12.63
C ALA A 51 1.07 8.93 -12.89
N LEU A 52 1.12 10.01 -12.12
CA LEU A 52 2.17 11.01 -12.26
C LEU A 52 3.45 10.55 -11.56
N LEU A 53 3.29 9.76 -10.49
CA LEU A 53 4.43 9.26 -9.73
C LEU A 53 5.42 8.55 -10.65
N ARG A 54 6.66 8.45 -10.19
CA ARG A 54 7.71 7.80 -10.97
C ARG A 54 7.90 6.35 -10.51
N GLU A 55 8.44 5.52 -11.40
CA GLU A 55 8.67 4.12 -11.09
C GLU A 55 9.31 3.97 -9.71
N GLU A 56 10.30 4.82 -9.44
CA GLU A 56 11.01 4.78 -8.16
C GLU A 56 10.03 4.94 -7.00
N GLU A 57 9.17 5.96 -7.10
CA GLU A 57 8.20 6.23 -6.06
C GLU A 57 7.28 5.02 -5.84
N LYS A 58 6.66 4.56 -6.92
CA LYS A 58 5.76 3.41 -6.85
C LYS A 58 6.45 2.22 -6.18
N GLU A 59 7.68 1.94 -6.59
CA GLU A 59 8.44 0.84 -6.03
C GLU A 59 8.62 1.01 -4.53
N LYS A 60 8.90 2.24 -4.10
CA LYS A 60 9.09 2.53 -2.69
C LYS A 60 7.83 2.24 -1.89
N TYR A 61 6.70 2.74 -2.38
CA TYR A 61 5.42 2.54 -1.72
C TYR A 61 5.10 1.04 -1.61
N ALA A 62 5.45 0.30 -2.65
CA ALA A 62 5.20 -1.14 -2.68
C ALA A 62 6.09 -1.87 -1.67
N GLU A 63 7.33 -1.41 -1.54
CA GLU A 63 8.27 -2.03 -0.61
C GLU A 63 7.82 -1.83 0.84
N MET A 64 7.61 -0.58 1.21
CA MET A 64 7.17 -0.26 2.57
C MET A 64 5.83 -0.92 2.89
N ALA A 65 4.98 -1.01 1.87
CA ALA A 65 3.66 -1.63 2.04
C ALA A 65 3.79 -3.12 2.36
N ARG A 66 4.50 -3.84 1.50
CA ARG A 66 4.70 -5.27 1.68
C ARG A 66 5.34 -5.56 3.04
N GLU A 67 6.51 -4.97 3.28
CA GLU A 67 7.22 -5.16 4.54
C GLU A 67 6.31 -4.86 5.73
N TRP A 68 5.43 -3.88 5.56
CA TRP A 68 4.51 -3.48 6.62
C TRP A 68 3.53 -4.61 6.94
N ARG A 69 2.88 -5.12 5.90
CA ARG A 69 1.92 -6.20 6.06
C ARG A 69 2.57 -7.42 6.70
N ALA A 70 3.80 -7.70 6.31
CA ALA A 70 4.54 -8.84 6.85
C ALA A 70 4.83 -8.65 8.33
N ALA A 71 5.38 -7.49 8.68
CA ALA A 71 5.71 -7.19 10.06
C ALA A 71 4.46 -7.07 10.91
N GLN A 72 3.40 -6.52 10.33
CA GLN A 72 2.13 -6.36 11.03
C GLN A 72 1.43 -7.70 11.23
N GLY A 73 1.72 -8.65 10.34
CA GLY A 73 1.11 -9.96 10.42
C GLY A 73 1.20 -10.74 9.13
N LYS A 74 2.41 -11.15 8.77
CA LYS A 74 2.63 -11.91 7.54
C LYS A 74 1.63 -13.06 7.43
N ASP A 75 1.39 -13.51 6.20
CA ASP A 75 0.46 -14.60 5.95
C ASP A 75 0.77 -15.79 6.87
N PRO A 76 -0.29 -16.43 7.38
CA PRO A 76 -0.16 -17.58 8.27
C PRO A 76 0.36 -18.82 7.55
N GLY A 77 0.66 -18.67 6.26
CA GLY A 77 1.16 -19.79 5.48
C GLY A 77 2.27 -20.53 6.18
N PRO A 78 2.66 -21.69 5.63
CA PRO A 78 3.72 -22.53 6.19
C PRO A 78 5.10 -21.89 6.05
N SER A 79 5.79 -21.73 7.18
CA SER A 79 7.12 -21.13 7.17
C SER A 79 8.17 -22.14 6.71
N GLU A 80 9.34 -21.64 6.36
CA GLU A 80 10.43 -22.50 5.90
C GLU A 80 11.42 -22.77 7.03
N LYS A 81 12.34 -23.69 6.80
CA LYS A 81 13.36 -24.04 7.79
C LYS A 81 14.75 -24.07 7.17
N GLN A 82 15.76 -23.79 7.98
CA GLN A 82 17.13 -23.79 7.51
C GLN A 82 17.72 -25.20 7.53
N LYS A 83 18.37 -25.58 6.43
CA LYS A 83 18.98 -26.90 6.34
C LYS A 83 20.49 -26.81 6.47
N PRO A 84 21.11 -27.91 6.94
CA PRO A 84 22.56 -27.97 7.12
C PRO A 84 23.31 -28.01 5.79
N VAL A 85 24.64 -28.01 5.86
CA VAL A 85 25.47 -28.04 4.66
C VAL A 85 25.27 -26.78 3.82
N PHE A 86 25.16 -25.64 4.49
CA PHE A 86 24.97 -24.37 3.80
C PHE A 86 25.51 -23.21 4.63
N THR A 87 26.54 -22.55 4.09
CA THR A 87 27.16 -21.42 4.78
C THR A 87 27.60 -20.35 3.80
N SER A 88 27.45 -19.09 4.18
CA SER A 88 27.83 -17.98 3.34
C SER A 88 29.29 -17.61 3.54
N GLY A 89 29.67 -17.41 4.81
CA GLY A 89 31.04 -17.04 5.12
C GLY A 89 31.15 -15.68 5.77
N PRO A 90 30.84 -15.60 7.07
CA PRO A 90 30.90 -14.35 7.83
C PRO A 90 32.33 -13.86 8.03
N SER A 91 32.80 -13.02 7.11
CA SER A 91 34.15 -12.48 7.18
C SER A 91 34.16 -11.12 7.87
N SER A 92 34.41 -11.12 9.17
CA SER A 92 34.44 -9.88 9.95
C SER A 92 35.77 -9.73 10.67
N GLY A 93 36.13 -8.49 10.98
CA GLY A 93 37.37 -8.23 11.68
C GLY A 93 37.23 -7.19 12.78
N GLY A 1 1.75 -8.64 -6.04
CA GLY A 1 0.65 -9.19 -6.82
C GLY A 1 1.12 -10.19 -7.86
N SER A 2 0.33 -11.23 -8.07
CA SER A 2 0.67 -12.27 -9.04
C SER A 2 0.10 -11.93 -10.41
N SER A 3 0.98 -11.64 -11.36
CA SER A 3 0.57 -11.30 -12.72
C SER A 3 1.57 -11.82 -13.74
N GLY A 4 1.10 -12.02 -14.97
CA GLY A 4 1.97 -12.51 -16.02
C GLY A 4 1.20 -12.97 -17.25
N SER A 5 1.02 -14.28 -17.37
CA SER A 5 0.30 -14.84 -18.50
C SER A 5 -0.99 -14.08 -18.77
N SER A 6 -1.77 -13.88 -17.70
CA SER A 6 -3.04 -13.16 -17.82
C SER A 6 -3.08 -11.99 -16.86
N GLY A 7 -3.76 -10.91 -17.26
CA GLY A 7 -3.87 -9.73 -16.43
C GLY A 7 -5.30 -9.35 -16.14
N MET A 8 -5.78 -9.67 -14.94
CA MET A 8 -7.15 -9.34 -14.55
C MET A 8 -7.17 -8.50 -13.28
N PRO A 9 -8.23 -7.69 -13.13
CA PRO A 9 -8.39 -6.82 -11.96
C PRO A 9 -8.68 -7.60 -10.68
N ASN A 10 -7.65 -7.84 -9.89
CA ASN A 10 -7.79 -8.57 -8.64
C ASN A 10 -8.92 -7.99 -7.79
N ARG A 11 -10.07 -8.65 -7.81
CA ARG A 11 -11.23 -8.21 -7.04
C ARG A 11 -11.13 -8.65 -5.59
N LYS A 12 -9.96 -8.43 -4.99
CA LYS A 12 -9.74 -8.81 -3.60
C LYS A 12 -9.10 -7.66 -2.82
N ALA A 13 -9.05 -7.81 -1.51
CA ALA A 13 -8.46 -6.79 -0.64
C ALA A 13 -6.96 -6.96 -0.53
N SER A 14 -6.21 -6.30 -1.41
CA SER A 14 -4.76 -6.39 -1.41
C SER A 14 -4.13 -5.00 -1.44
N ARG A 15 -3.84 -4.45 -0.26
CA ARG A 15 -3.23 -3.13 -0.16
C ARG A 15 -1.86 -3.10 -0.81
N ASN A 16 -1.72 -2.33 -1.87
CA ASN A 16 -0.47 -2.22 -2.60
C ASN A 16 0.04 -0.77 -2.59
N ALA A 17 1.19 -0.56 -3.20
CA ALA A 17 1.78 0.78 -3.28
C ALA A 17 0.71 1.83 -3.55
N TYR A 18 -0.19 1.54 -4.48
CA TYR A 18 -1.26 2.45 -4.83
C TYR A 18 -2.11 2.80 -3.62
N TYR A 19 -2.56 1.76 -2.91
CA TYR A 19 -3.39 1.94 -1.73
C TYR A 19 -2.72 2.89 -0.74
N PHE A 20 -1.45 2.65 -0.46
CA PHE A 20 -0.69 3.48 0.47
C PHE A 20 -0.66 4.93 -0.01
N PHE A 21 -0.53 5.11 -1.32
CA PHE A 21 -0.48 6.45 -1.90
C PHE A 21 -1.80 7.17 -1.70
N VAL A 22 -2.89 6.52 -2.05
CA VAL A 22 -4.23 7.11 -1.91
C VAL A 22 -4.54 7.40 -0.45
N GLN A 23 -4.02 6.56 0.44
CA GLN A 23 -4.24 6.73 1.88
C GLN A 23 -3.63 8.05 2.36
N GLU A 24 -2.43 8.35 1.88
CA GLU A 24 -1.74 9.57 2.27
C GLU A 24 -2.29 10.78 1.52
N LYS A 25 -3.41 10.58 0.85
CA LYS A 25 -4.04 11.66 0.09
C LYS A 25 -5.45 11.91 0.59
N ILE A 26 -6.06 10.89 1.19
CA ILE A 26 -7.42 11.02 1.72
C ILE A 26 -7.64 12.37 2.38
N PRO A 27 -6.80 12.68 3.39
CA PRO A 27 -6.88 13.95 4.12
C PRO A 27 -6.43 15.14 3.27
N GLU A 28 -5.63 14.86 2.24
CA GLU A 28 -5.14 15.90 1.36
C GLU A 28 -6.26 16.42 0.46
N LEU A 29 -7.07 15.51 -0.06
CA LEU A 29 -8.18 15.89 -0.92
C LEU A 29 -9.31 16.52 -0.13
N ARG A 30 -9.56 16.00 1.07
CA ARG A 30 -10.61 16.51 1.93
C ARG A 30 -10.51 18.02 2.07
N ARG A 31 -9.27 18.53 2.20
CA ARG A 31 -9.04 19.96 2.34
C ARG A 31 -9.25 20.68 1.02
N ARG A 32 -8.85 20.03 -0.07
CA ARG A 32 -8.99 20.62 -1.41
C ARG A 32 -10.45 20.97 -1.69
N GLY A 33 -11.35 20.06 -1.34
CA GLY A 33 -12.76 20.30 -1.57
C GLY A 33 -13.41 19.20 -2.39
N LEU A 34 -13.15 17.94 -2.02
CA LEU A 34 -13.71 16.81 -2.74
C LEU A 34 -14.35 15.83 -1.77
N PRO A 35 -15.46 15.22 -2.20
CA PRO A 35 -16.21 14.24 -1.38
C PRO A 35 -15.43 12.94 -1.21
N VAL A 36 -14.48 12.93 -0.29
CA VAL A 36 -13.67 11.75 -0.03
C VAL A 36 -13.77 11.33 1.43
N ALA A 37 -14.42 10.19 1.68
CA ALA A 37 -14.59 9.68 3.03
C ALA A 37 -13.57 8.57 3.33
N ARG A 38 -13.27 7.77 2.31
CA ARG A 38 -12.33 6.66 2.46
C ARG A 38 -11.43 6.55 1.23
N VAL A 39 -10.46 5.65 1.30
CA VAL A 39 -9.54 5.44 0.19
C VAL A 39 -10.29 5.18 -1.12
N ALA A 40 -11.26 4.27 -1.06
CA ALA A 40 -12.06 3.93 -2.22
C ALA A 40 -12.60 5.19 -2.90
N ASP A 41 -12.95 6.19 -2.09
CA ASP A 41 -13.48 7.44 -2.61
C ASP A 41 -12.38 8.26 -3.26
N ALA A 42 -11.18 8.19 -2.70
CA ALA A 42 -10.04 8.93 -3.23
C ALA A 42 -9.34 8.15 -4.34
N ILE A 43 -9.72 6.88 -4.49
CA ILE A 43 -9.14 6.02 -5.52
C ILE A 43 -9.07 6.74 -6.86
N PRO A 44 -10.24 7.18 -7.36
CA PRO A 44 -10.34 7.88 -8.64
C PRO A 44 -9.73 9.28 -8.58
N TYR A 45 -9.86 9.93 -7.43
CA TYR A 45 -9.32 11.28 -7.25
C TYR A 45 -7.82 11.23 -6.98
N CYS A 46 -7.23 10.05 -7.19
CA CYS A 46 -5.79 9.88 -6.98
C CYS A 46 -5.13 9.27 -8.20
N SER A 47 -5.79 8.28 -8.80
CA SER A 47 -5.27 7.59 -9.97
C SER A 47 -4.51 8.56 -10.87
N SER A 48 -5.09 9.75 -11.07
CA SER A 48 -4.47 10.77 -11.92
C SER A 48 -3.09 11.13 -11.39
N ASP A 49 -3.04 11.57 -10.14
CA ASP A 49 -1.77 11.96 -9.51
C ASP A 49 -0.80 10.79 -9.49
N TRP A 50 -1.32 9.59 -9.23
CA TRP A 50 -0.50 8.39 -9.18
C TRP A 50 0.24 8.18 -10.50
N ALA A 51 -0.46 8.42 -11.60
CA ALA A 51 0.14 8.26 -12.93
C ALA A 51 1.36 9.16 -13.09
N LEU A 52 1.42 10.23 -12.31
CA LEU A 52 2.53 11.16 -12.37
C LEU A 52 3.78 10.57 -11.72
N LEU A 53 3.58 9.77 -10.68
CA LEU A 53 4.68 9.13 -9.97
C LEU A 53 5.56 8.33 -10.93
N ARG A 54 6.81 8.13 -10.56
CA ARG A 54 7.75 7.38 -11.38
C ARG A 54 7.90 5.95 -10.87
N GLU A 55 8.51 5.09 -11.68
CA GLU A 55 8.72 3.70 -11.31
C GLU A 55 9.36 3.59 -9.93
N GLU A 56 10.40 4.39 -9.70
CA GLU A 56 11.10 4.38 -8.43
C GLU A 56 10.13 4.62 -7.27
N GLU A 57 9.32 5.67 -7.40
CA GLU A 57 8.36 6.01 -6.36
C GLU A 57 7.39 4.85 -6.12
N LYS A 58 6.75 4.38 -7.18
CA LYS A 58 5.81 3.28 -7.08
C LYS A 58 6.42 2.10 -6.33
N GLU A 59 7.63 1.74 -6.71
CA GLU A 59 8.34 0.63 -6.08
C GLU A 59 8.50 0.88 -4.57
N LYS A 60 8.92 2.09 -4.23
CA LYS A 60 9.12 2.45 -2.82
C LYS A 60 7.84 2.23 -2.02
N TYR A 61 6.73 2.78 -2.51
CA TYR A 61 5.44 2.63 -1.84
C TYR A 61 5.07 1.16 -1.68
N ALA A 62 5.30 0.38 -2.73
CA ALA A 62 5.01 -1.05 -2.71
C ALA A 62 5.87 -1.78 -1.70
N GLU A 63 7.16 -1.43 -1.66
CA GLU A 63 8.10 -2.06 -0.74
C GLU A 63 7.66 -1.84 0.71
N MET A 64 7.46 -0.58 1.07
CA MET A 64 7.04 -0.24 2.43
C MET A 64 5.71 -0.89 2.77
N ALA A 65 4.85 -1.06 1.77
CA ALA A 65 3.56 -1.67 1.96
C ALA A 65 3.69 -3.14 2.33
N ARG A 66 4.42 -3.89 1.52
CA ARG A 66 4.64 -5.31 1.76
C ARG A 66 5.29 -5.54 3.11
N GLU A 67 6.36 -4.80 3.37
CA GLU A 67 7.08 -4.92 4.64
C GLU A 67 6.16 -4.67 5.83
N TRP A 68 5.31 -3.64 5.70
CA TRP A 68 4.37 -3.30 6.75
C TRP A 68 3.40 -4.45 7.04
N ARG A 69 2.85 -5.01 5.96
CA ARG A 69 1.91 -6.12 6.09
C ARG A 69 2.56 -7.31 6.77
N ALA A 70 3.82 -7.57 6.44
CA ALA A 70 4.56 -8.68 7.03
C ALA A 70 4.78 -8.46 8.52
N ALA A 71 5.24 -7.26 8.87
CA ALA A 71 5.50 -6.93 10.27
C ALA A 71 4.21 -6.89 11.07
N GLN A 72 3.12 -6.45 10.44
CA GLN A 72 1.83 -6.37 11.09
C GLN A 72 1.22 -7.76 11.30
N GLY A 73 1.61 -8.69 10.42
CA GLY A 73 1.10 -10.05 10.51
C GLY A 73 1.95 -10.92 11.42
N LYS A 74 3.22 -11.10 11.07
CA LYS A 74 4.12 -11.92 11.87
C LYS A 74 3.82 -11.77 13.35
N ASP A 75 3.58 -12.90 14.01
CA ASP A 75 3.28 -12.90 15.44
C ASP A 75 4.17 -13.90 16.18
N PRO A 76 4.64 -13.51 17.37
CA PRO A 76 5.50 -14.35 18.20
C PRO A 76 4.77 -15.55 18.78
N GLY A 77 3.48 -15.66 18.47
CA GLY A 77 2.68 -16.75 18.96
C GLY A 77 3.22 -18.10 18.54
N PRO A 78 2.68 -18.65 17.44
CA PRO A 78 3.10 -19.96 16.91
C PRO A 78 4.51 -19.91 16.31
N SER A 79 5.50 -20.28 17.11
CA SER A 79 6.88 -20.28 16.66
C SER A 79 7.76 -21.14 17.58
N GLU A 80 8.45 -22.10 16.98
CA GLU A 80 9.32 -22.99 17.74
C GLU A 80 10.45 -23.55 16.87
N LYS A 81 11.50 -24.04 17.50
CA LYS A 81 12.64 -24.59 16.78
C LYS A 81 12.18 -25.64 15.76
N GLN A 82 12.80 -25.63 14.59
CA GLN A 82 12.46 -26.58 13.53
C GLN A 82 13.71 -27.27 12.99
N LYS A 83 13.51 -28.40 12.32
CA LYS A 83 14.62 -29.14 11.75
C LYS A 83 14.58 -29.11 10.22
N PRO A 84 15.76 -29.07 9.60
CA PRO A 84 15.89 -29.05 8.13
C PRO A 84 15.47 -30.35 7.49
N VAL A 85 14.31 -30.34 6.83
CA VAL A 85 13.80 -31.53 6.16
C VAL A 85 13.43 -31.23 4.71
N PHE A 86 14.10 -31.92 3.79
CA PHE A 86 13.84 -31.72 2.36
C PHE A 86 13.17 -32.96 1.75
N THR A 87 12.09 -32.73 1.02
CA THR A 87 11.35 -33.83 0.39
C THR A 87 12.24 -34.58 -0.59
N SER A 88 12.77 -33.88 -1.57
CA SER A 88 13.63 -34.48 -2.58
C SER A 88 15.10 -34.43 -2.15
N GLY A 89 15.91 -35.34 -2.67
CA GLY A 89 17.31 -35.37 -2.33
C GLY A 89 18.10 -36.32 -3.22
N PRO A 90 19.42 -36.41 -2.96
CA PRO A 90 20.31 -37.28 -3.74
C PRO A 90 20.05 -38.76 -3.49
N SER A 91 19.26 -39.05 -2.45
CA SER A 91 18.94 -40.42 -2.09
C SER A 91 20.20 -41.27 -1.99
N SER A 92 21.21 -40.74 -1.31
CA SER A 92 22.47 -41.44 -1.14
C SER A 92 22.65 -41.92 0.30
N GLY A 93 22.52 -43.22 0.51
CA GLY A 93 22.67 -43.77 1.85
C GLY A 93 22.87 -45.27 1.84
N GLY A 1 -17.95 -18.89 -17.43
CA GLY A 1 -17.91 -17.95 -18.52
C GLY A 1 -19.30 -17.58 -19.02
N SER A 2 -19.95 -16.65 -18.32
CA SER A 2 -21.29 -16.22 -18.69
C SER A 2 -21.23 -14.97 -19.58
N SER A 3 -21.31 -15.18 -20.89
CA SER A 3 -21.26 -14.08 -21.85
C SER A 3 -22.58 -13.31 -21.86
N GLY A 4 -22.64 -12.23 -21.10
CA GLY A 4 -23.85 -11.43 -21.04
C GLY A 4 -23.62 -10.08 -20.37
N SER A 5 -22.92 -10.10 -19.25
CA SER A 5 -22.63 -8.86 -18.51
C SER A 5 -21.16 -8.50 -18.62
N SER A 6 -20.29 -9.45 -18.32
CA SER A 6 -18.85 -9.23 -18.37
C SER A 6 -18.09 -10.54 -18.30
N GLY A 7 -16.77 -10.47 -18.45
CA GLY A 7 -15.94 -11.67 -18.39
C GLY A 7 -16.27 -12.53 -17.19
N MET A 8 -15.52 -12.34 -16.11
CA MET A 8 -15.73 -13.10 -14.89
C MET A 8 -15.68 -12.20 -13.66
N PRO A 9 -16.51 -12.52 -12.66
CA PRO A 9 -16.58 -11.75 -11.41
C PRO A 9 -15.32 -11.92 -10.56
N ASN A 10 -14.78 -10.81 -10.07
CA ASN A 10 -13.58 -10.84 -9.24
C ASN A 10 -13.54 -9.64 -8.31
N ARG A 11 -13.77 -9.88 -7.02
CA ARG A 11 -13.76 -8.81 -6.03
C ARG A 11 -12.60 -8.99 -5.05
N LYS A 12 -11.41 -8.54 -5.44
CA LYS A 12 -10.23 -8.65 -4.61
C LYS A 12 -9.80 -7.29 -4.07
N ALA A 13 -9.93 -7.11 -2.76
CA ALA A 13 -9.56 -5.85 -2.12
C ALA A 13 -8.36 -6.04 -1.18
N SER A 14 -7.17 -5.76 -1.69
CA SER A 14 -5.95 -5.91 -0.91
C SER A 14 -5.18 -4.60 -0.85
N ARG A 15 -4.17 -4.54 0.01
CA ARG A 15 -3.35 -3.35 0.15
C ARG A 15 -2.14 -3.39 -0.77
N ASN A 16 -1.72 -2.23 -1.26
CA ASN A 16 -0.57 -2.14 -2.15
C ASN A 16 -0.07 -0.70 -2.24
N ALA A 17 1.13 -0.55 -2.80
CA ALA A 17 1.73 0.78 -2.95
C ALA A 17 0.67 1.83 -3.24
N TYR A 18 -0.27 1.50 -4.13
CA TYR A 18 -1.34 2.43 -4.48
C TYR A 18 -2.12 2.86 -3.25
N TYR A 19 -2.60 1.88 -2.49
CA TYR A 19 -3.37 2.15 -1.28
C TYR A 19 -2.63 3.13 -0.38
N PHE A 20 -1.35 2.84 -0.12
CA PHE A 20 -0.54 3.69 0.74
C PHE A 20 -0.48 5.12 0.19
N PHE A 21 -0.50 5.23 -1.14
CA PHE A 21 -0.44 6.54 -1.79
C PHE A 21 -1.75 7.29 -1.59
N VAL A 22 -2.87 6.60 -1.79
CA VAL A 22 -4.19 7.21 -1.65
C VAL A 22 -4.50 7.49 -0.18
N GLN A 23 -3.98 6.64 0.71
CA GLN A 23 -4.20 6.80 2.13
C GLN A 23 -3.58 8.10 2.65
N GLU A 24 -2.45 8.48 2.06
CA GLU A 24 -1.75 9.69 2.45
C GLU A 24 -2.30 10.90 1.70
N LYS A 25 -3.37 10.68 0.93
CA LYS A 25 -3.99 11.75 0.17
C LYS A 25 -5.42 11.99 0.63
N ILE A 26 -6.01 10.98 1.27
CA ILE A 26 -7.38 11.08 1.77
C ILE A 26 -7.63 12.44 2.40
N PRO A 27 -6.82 12.77 3.42
CA PRO A 27 -6.95 14.05 4.14
C PRO A 27 -6.51 15.24 3.28
N GLU A 28 -5.69 14.96 2.27
CA GLU A 28 -5.20 16.01 1.38
C GLU A 28 -6.31 16.51 0.46
N LEU A 29 -7.15 15.58 0.01
CA LEU A 29 -8.27 15.92 -0.88
C LEU A 29 -9.43 16.51 -0.09
N ARG A 30 -9.66 15.99 1.11
CA ARG A 30 -10.74 16.48 1.96
C ARG A 30 -10.67 17.99 2.14
N ARG A 31 -9.44 18.50 2.20
CA ARG A 31 -9.23 19.94 2.37
C ARG A 31 -9.33 20.67 1.03
N ARG A 32 -9.00 19.96 -0.05
CA ARG A 32 -9.05 20.53 -1.39
C ARG A 32 -10.48 20.89 -1.77
N GLY A 33 -11.43 20.04 -1.38
CA GLY A 33 -12.83 20.30 -1.68
C GLY A 33 -13.45 19.19 -2.52
N LEU A 34 -13.18 17.95 -2.14
CA LEU A 34 -13.71 16.80 -2.85
C LEU A 34 -14.34 15.80 -1.89
N PRO A 35 -15.45 15.18 -2.31
CA PRO A 35 -16.17 14.19 -1.49
C PRO A 35 -15.39 12.89 -1.34
N VAL A 36 -14.61 12.79 -0.28
CA VAL A 36 -13.82 11.60 -0.02
C VAL A 36 -13.93 11.17 1.44
N ALA A 37 -14.38 9.94 1.67
CA ALA A 37 -14.53 9.42 3.02
C ALA A 37 -13.46 8.36 3.31
N ARG A 38 -12.90 7.79 2.26
CA ARG A 38 -11.87 6.77 2.40
C ARG A 38 -11.11 6.57 1.10
N VAL A 39 -10.06 5.76 1.15
CA VAL A 39 -9.25 5.48 -0.02
C VAL A 39 -10.12 5.22 -1.25
N ALA A 40 -11.04 4.26 -1.12
CA ALA A 40 -11.93 3.91 -2.21
C ALA A 40 -12.50 5.16 -2.88
N ASP A 41 -12.82 6.17 -2.08
CA ASP A 41 -13.36 7.42 -2.60
C ASP A 41 -12.28 8.24 -3.27
N ALA A 42 -11.09 8.27 -2.68
CA ALA A 42 -9.97 9.02 -3.23
C ALA A 42 -9.20 8.19 -4.25
N ILE A 43 -9.71 7.00 -4.55
CA ILE A 43 -9.08 6.11 -5.50
C ILE A 43 -8.98 6.76 -6.88
N PRO A 44 -10.14 7.13 -7.44
CA PRO A 44 -10.21 7.77 -8.76
C PRO A 44 -9.65 9.19 -8.75
N TYR A 45 -9.94 9.93 -7.69
CA TYR A 45 -9.47 11.29 -7.56
C TYR A 45 -7.95 11.34 -7.48
N CYS A 46 -7.33 10.16 -7.37
CA CYS A 46 -5.87 10.07 -7.29
C CYS A 46 -5.30 9.39 -8.54
N SER A 47 -6.07 8.49 -9.12
CA SER A 47 -5.64 7.77 -10.31
C SER A 47 -4.83 8.67 -11.23
N SER A 48 -5.14 9.96 -11.19
CA SER A 48 -4.44 10.94 -12.02
C SER A 48 -3.05 11.24 -11.46
N ASP A 49 -3.00 11.61 -10.19
CA ASP A 49 -1.74 11.93 -9.54
C ASP A 49 -0.83 10.70 -9.50
N TRP A 50 -1.42 9.55 -9.19
CA TRP A 50 -0.66 8.31 -9.12
C TRP A 50 0.02 8.00 -10.46
N ALA A 51 -0.68 8.32 -11.55
CA ALA A 51 -0.14 8.08 -12.88
C ALA A 51 1.07 8.96 -13.16
N LEU A 52 1.22 10.02 -12.38
CA LEU A 52 2.34 10.94 -12.53
C LEU A 52 3.59 10.39 -11.87
N LEU A 53 3.41 9.61 -10.82
CA LEU A 53 4.53 9.02 -10.09
C LEU A 53 5.43 8.24 -11.05
N ARG A 54 6.68 8.04 -10.62
CA ARG A 54 7.65 7.31 -11.44
C ARG A 54 7.82 5.88 -10.93
N GLU A 55 8.39 5.02 -11.77
CA GLU A 55 8.61 3.63 -11.41
C GLU A 55 9.26 3.52 -10.03
N GLU A 56 10.31 4.30 -9.81
CA GLU A 56 11.02 4.30 -8.53
C GLU A 56 10.05 4.52 -7.38
N GLU A 57 9.27 5.59 -7.47
CA GLU A 57 8.30 5.92 -6.43
C GLU A 57 7.37 4.74 -6.17
N LYS A 58 6.68 4.29 -7.21
CA LYS A 58 5.76 3.17 -7.10
C LYS A 58 6.39 2.01 -6.34
N GLU A 59 7.62 1.68 -6.71
CA GLU A 59 8.35 0.58 -6.06
C GLU A 59 8.50 0.85 -4.56
N LYS A 60 9.00 2.03 -4.22
CA LYS A 60 9.20 2.41 -2.83
C LYS A 60 7.93 2.20 -2.01
N TYR A 61 6.82 2.73 -2.50
CA TYR A 61 5.54 2.60 -1.83
C TYR A 61 5.17 1.13 -1.65
N ALA A 62 5.35 0.35 -2.71
CA ALA A 62 5.04 -1.07 -2.67
C ALA A 62 5.93 -1.81 -1.67
N GLU A 63 7.20 -1.40 -1.61
CA GLU A 63 8.15 -2.02 -0.70
C GLU A 63 7.73 -1.82 0.75
N MET A 64 7.55 -0.56 1.13
CA MET A 64 7.14 -0.21 2.49
C MET A 64 5.81 -0.88 2.84
N ALA A 65 4.95 -1.04 1.84
CA ALA A 65 3.65 -1.65 2.05
C ALA A 65 3.78 -3.13 2.39
N ARG A 66 4.66 -3.83 1.66
CA ARG A 66 4.88 -5.24 1.88
C ARG A 66 5.55 -5.49 3.23
N GLU A 67 6.45 -4.58 3.61
CA GLU A 67 7.16 -4.69 4.88
C GLU A 67 6.21 -4.50 6.06
N TRP A 68 5.34 -3.51 5.94
CA TRP A 68 4.37 -3.22 6.99
C TRP A 68 3.37 -4.36 7.15
N ARG A 69 2.84 -4.84 6.03
CA ARG A 69 1.89 -5.94 6.05
C ARG A 69 2.49 -7.19 6.68
N ALA A 70 3.72 -7.50 6.27
CA ALA A 70 4.41 -8.67 6.79
C ALA A 70 4.63 -8.57 8.29
N ALA A 71 5.20 -7.45 8.73
CA ALA A 71 5.45 -7.21 10.14
C ALA A 71 4.15 -7.25 10.95
N GLN A 72 3.08 -6.76 10.35
CA GLN A 72 1.78 -6.73 11.01
C GLN A 72 1.14 -8.11 11.00
N GLY A 73 1.52 -8.93 10.01
CA GLY A 73 0.96 -10.26 9.90
C GLY A 73 1.56 -11.23 10.91
N LYS A 74 2.88 -11.40 10.83
CA LYS A 74 3.59 -12.30 11.74
C LYS A 74 4.01 -11.57 13.01
N ASP A 75 3.14 -10.69 13.50
CA ASP A 75 3.42 -9.94 14.71
C ASP A 75 4.16 -10.80 15.73
N PRO A 76 5.13 -10.19 16.44
CA PRO A 76 5.92 -10.88 17.46
C PRO A 76 5.11 -11.22 18.70
N GLY A 77 3.94 -10.59 18.82
CA GLY A 77 3.08 -10.84 19.97
C GLY A 77 1.64 -11.08 19.56
N PRO A 78 0.83 -10.02 19.62
CA PRO A 78 -0.59 -10.09 19.26
C PRO A 78 -0.80 -10.31 17.77
N SER A 79 -1.32 -11.47 17.42
CA SER A 79 -1.58 -11.81 16.02
C SER A 79 -2.95 -11.31 15.58
N GLU A 80 -3.00 -10.68 14.42
CA GLU A 80 -4.26 -10.16 13.89
C GLU A 80 -4.33 -10.35 12.38
N LYS A 81 -5.55 -10.40 11.85
CA LYS A 81 -5.75 -10.58 10.41
C LYS A 81 -7.12 -10.06 10.00
N GLN A 82 -7.14 -9.13 9.05
CA GLN A 82 -8.39 -8.55 8.55
C GLN A 82 -9.13 -9.54 7.66
N LYS A 83 -10.32 -9.16 7.22
CA LYS A 83 -11.13 -10.00 6.36
C LYS A 83 -11.65 -9.22 5.16
N PRO A 84 -11.65 -9.86 3.98
CA PRO A 84 -12.13 -9.25 2.74
C PRO A 84 -13.64 -9.02 2.74
N VAL A 85 -14.09 -8.02 1.99
CA VAL A 85 -15.51 -7.71 1.90
C VAL A 85 -16.30 -8.87 1.31
N PHE A 86 -15.66 -9.60 0.40
CA PHE A 86 -16.30 -10.75 -0.23
C PHE A 86 -15.31 -11.50 -1.12
N THR A 87 -15.21 -12.82 -0.91
CA THR A 87 -14.31 -13.64 -1.69
C THR A 87 -15.02 -14.85 -2.27
N SER A 88 -14.68 -15.21 -3.50
CA SER A 88 -15.30 -16.35 -4.17
C SER A 88 -14.25 -17.20 -4.87
N GLY A 89 -14.35 -18.52 -4.69
CA GLY A 89 -13.41 -19.42 -5.32
C GLY A 89 -13.95 -20.05 -6.58
N PRO A 90 -13.36 -21.19 -6.99
CA PRO A 90 -13.78 -21.92 -8.19
C PRO A 90 -15.14 -22.58 -8.02
N SER A 91 -16.20 -21.84 -8.34
CA SER A 91 -17.56 -22.36 -8.22
C SER A 91 -18.56 -21.42 -8.89
N SER A 92 -19.75 -21.93 -9.16
CA SER A 92 -20.79 -21.15 -9.81
C SER A 92 -21.41 -20.15 -8.83
N GLY A 93 -20.74 -19.01 -8.66
CA GLY A 93 -21.23 -18.00 -7.75
C GLY A 93 -20.36 -17.84 -6.52
N GLY A 1 11.99 -11.60 -15.00
CA GLY A 1 13.19 -12.06 -14.32
C GLY A 1 14.35 -12.28 -15.25
N SER A 2 15.55 -12.39 -14.68
CA SER A 2 16.76 -12.60 -15.49
C SER A 2 16.88 -14.07 -15.90
N SER A 3 16.18 -14.43 -16.97
CA SER A 3 16.20 -15.80 -17.48
C SER A 3 16.00 -16.80 -16.34
N GLY A 4 14.92 -16.60 -15.58
CA GLY A 4 14.63 -17.49 -14.47
C GLY A 4 13.14 -17.78 -14.35
N SER A 5 12.79 -19.05 -14.26
CA SER A 5 11.40 -19.47 -14.15
C SER A 5 10.82 -19.01 -12.80
N SER A 6 9.57 -18.55 -12.83
CA SER A 6 8.91 -18.09 -11.62
C SER A 6 8.68 -19.24 -10.65
N GLY A 7 8.16 -18.93 -9.47
CA GLY A 7 7.89 -19.94 -8.47
C GLY A 7 7.41 -19.36 -7.16
N MET A 8 6.33 -18.59 -7.22
CA MET A 8 5.76 -17.98 -6.03
C MET A 8 4.32 -18.44 -5.81
N PRO A 9 3.94 -18.60 -4.53
CA PRO A 9 2.59 -19.04 -4.16
C PRO A 9 1.54 -17.97 -4.43
N ASN A 10 0.46 -18.37 -5.09
CA ASN A 10 -0.63 -17.45 -5.42
C ASN A 10 -1.18 -16.80 -4.15
N ARG A 11 -1.18 -15.47 -4.12
CA ARG A 11 -1.69 -14.73 -2.96
C ARG A 11 -2.74 -13.71 -3.40
N LYS A 12 -3.60 -13.33 -2.46
CA LYS A 12 -4.65 -12.37 -2.74
C LYS A 12 -4.55 -11.17 -1.81
N ALA A 13 -3.70 -10.21 -2.16
CA ALA A 13 -3.51 -9.01 -1.36
C ALA A 13 -4.44 -7.89 -1.81
N SER A 14 -4.86 -7.06 -0.87
CA SER A 14 -5.77 -5.95 -1.17
C SER A 14 -5.01 -4.62 -1.13
N ARG A 15 -4.17 -4.45 -0.12
CA ARG A 15 -3.39 -3.23 0.04
C ARG A 15 -2.11 -3.29 -0.77
N ASN A 16 -1.81 -2.22 -1.49
CA ASN A 16 -0.60 -2.16 -2.31
C ASN A 16 -0.09 -0.73 -2.41
N ALA A 17 1.09 -0.57 -2.99
CA ALA A 17 1.70 0.74 -3.15
C ALA A 17 0.64 1.81 -3.40
N TYR A 18 -0.32 1.48 -4.25
CA TYR A 18 -1.40 2.41 -4.59
C TYR A 18 -2.20 2.79 -3.34
N TYR A 19 -2.65 1.77 -2.60
CA TYR A 19 -3.43 1.99 -1.40
C TYR A 19 -2.71 2.95 -0.45
N PHE A 20 -1.41 2.72 -0.26
CA PHE A 20 -0.62 3.56 0.62
C PHE A 20 -0.59 5.01 0.12
N PHE A 21 -0.52 5.17 -1.20
CA PHE A 21 -0.49 6.49 -1.80
C PHE A 21 -1.84 7.18 -1.67
N VAL A 22 -2.90 6.42 -1.90
CA VAL A 22 -4.26 6.95 -1.81
C VAL A 22 -4.63 7.28 -0.38
N GLN A 23 -4.17 6.44 0.55
CA GLN A 23 -4.46 6.65 1.97
C GLN A 23 -3.86 7.95 2.46
N GLU A 24 -2.68 8.30 1.93
CA GLU A 24 -2.00 9.53 2.32
C GLU A 24 -2.54 10.72 1.56
N LYS A 25 -3.53 10.47 0.71
CA LYS A 25 -4.15 11.53 -0.08
C LYS A 25 -5.59 11.77 0.36
N ILE A 26 -6.15 10.83 1.11
CA ILE A 26 -7.51 10.95 1.60
C ILE A 26 -7.73 12.29 2.30
N PRO A 27 -6.92 12.56 3.34
CA PRO A 27 -7.00 13.81 4.11
C PRO A 27 -6.53 15.01 3.31
N GLU A 28 -5.69 14.76 2.31
CA GLU A 28 -5.17 15.83 1.47
C GLU A 28 -6.27 16.41 0.58
N LEU A 29 -7.14 15.54 0.09
CA LEU A 29 -8.25 15.96 -0.77
C LEU A 29 -9.35 16.62 0.04
N ARG A 30 -9.65 16.04 1.20
CA ARG A 30 -10.69 16.57 2.07
C ARG A 30 -10.56 18.08 2.22
N ARG A 31 -9.33 18.55 2.39
CA ARG A 31 -9.07 19.98 2.55
C ARG A 31 -9.24 20.70 1.21
N ARG A 32 -8.87 20.03 0.13
CA ARG A 32 -8.98 20.61 -1.21
C ARG A 32 -10.41 21.04 -1.50
N GLY A 33 -11.36 20.18 -1.16
CA GLY A 33 -12.76 20.48 -1.39
C GLY A 33 -13.45 19.42 -2.23
N LEU A 34 -13.17 18.16 -1.93
CA LEU A 34 -13.78 17.05 -2.66
C LEU A 34 -14.44 16.07 -1.71
N PRO A 35 -15.57 15.49 -2.14
CA PRO A 35 -16.33 14.52 -1.34
C PRO A 35 -15.59 13.19 -1.20
N VAL A 36 -14.69 13.12 -0.21
CA VAL A 36 -13.93 11.91 0.04
C VAL A 36 -14.04 11.47 1.49
N ALA A 37 -14.38 10.20 1.69
CA ALA A 37 -14.52 9.66 3.05
C ALA A 37 -13.49 8.57 3.30
N ARG A 38 -13.13 7.85 2.26
CA ARG A 38 -12.14 6.76 2.38
C ARG A 38 -11.38 6.58 1.08
N VAL A 39 -10.48 5.61 1.06
CA VAL A 39 -9.67 5.32 -0.13
C VAL A 39 -10.56 5.16 -1.35
N ALA A 40 -11.53 4.26 -1.26
CA ALA A 40 -12.45 4.00 -2.37
C ALA A 40 -12.90 5.31 -3.01
N ASP A 41 -12.95 6.37 -2.22
CA ASP A 41 -13.37 7.68 -2.70
C ASP A 41 -12.18 8.44 -3.30
N ALA A 42 -11.03 8.34 -2.64
CA ALA A 42 -9.82 9.00 -3.11
C ALA A 42 -9.10 8.17 -4.16
N ILE A 43 -9.68 7.03 -4.51
CA ILE A 43 -9.08 6.15 -5.50
C ILE A 43 -8.98 6.82 -6.86
N PRO A 44 -10.14 7.25 -7.39
CA PRO A 44 -10.21 7.92 -8.69
C PRO A 44 -9.59 9.32 -8.65
N TYR A 45 -9.89 10.07 -7.60
CA TYR A 45 -9.38 11.43 -7.44
C TYR A 45 -7.85 11.42 -7.35
N CYS A 46 -7.28 10.22 -7.25
CA CYS A 46 -5.83 10.07 -7.16
C CYS A 46 -5.28 9.30 -8.35
N SER A 47 -6.10 8.40 -8.90
CA SER A 47 -5.71 7.60 -10.04
C SER A 47 -4.87 8.42 -11.02
N SER A 48 -5.15 9.71 -11.08
CA SER A 48 -4.43 10.61 -11.99
C SER A 48 -3.03 10.93 -11.43
N ASP A 49 -2.99 11.39 -10.18
CA ASP A 49 -1.73 11.73 -9.54
C ASP A 49 -0.80 10.53 -9.49
N TRP A 50 -1.36 9.37 -9.13
CA TRP A 50 -0.57 8.14 -9.04
C TRP A 50 0.10 7.84 -10.37
N ALA A 51 -0.59 8.13 -11.46
CA ALA A 51 -0.06 7.89 -12.80
C ALA A 51 1.10 8.83 -13.10
N LEU A 52 1.26 9.85 -12.27
CA LEU A 52 2.34 10.82 -12.46
C LEU A 52 3.61 10.37 -11.74
N LEU A 53 3.45 9.50 -10.75
CA LEU A 53 4.58 8.99 -9.99
C LEU A 53 5.57 8.28 -10.91
N ARG A 54 6.82 8.17 -10.44
CA ARG A 54 7.86 7.50 -11.22
C ARG A 54 8.03 6.05 -10.77
N GLU A 55 8.68 5.26 -11.62
CA GLU A 55 8.92 3.85 -11.31
C GLU A 55 9.51 3.69 -9.92
N GLU A 56 10.57 4.44 -9.64
CA GLU A 56 11.24 4.38 -8.36
C GLU A 56 10.25 4.61 -7.22
N GLU A 57 9.38 5.62 -7.38
CA GLU A 57 8.39 5.94 -6.38
C GLU A 57 7.46 4.76 -6.12
N LYS A 58 6.82 4.28 -7.18
CA LYS A 58 5.90 3.15 -7.09
C LYS A 58 6.56 1.97 -6.38
N GLU A 59 7.84 1.74 -6.69
CA GLU A 59 8.58 0.64 -6.09
C GLU A 59 8.77 0.87 -4.59
N LYS A 60 8.96 2.13 -4.21
CA LYS A 60 9.14 2.48 -2.81
C LYS A 60 7.87 2.24 -2.00
N TYR A 61 6.73 2.62 -2.58
CA TYR A 61 5.44 2.44 -1.93
C TYR A 61 5.09 0.95 -1.83
N ALA A 62 5.51 0.19 -2.82
CA ALA A 62 5.24 -1.24 -2.85
C ALA A 62 6.06 -1.98 -1.79
N GLU A 63 7.36 -1.70 -1.75
CA GLU A 63 8.25 -2.34 -0.79
C GLU A 63 7.86 -1.98 0.64
N MET A 64 7.65 -0.68 0.89
CA MET A 64 7.26 -0.22 2.21
C MET A 64 5.94 -0.83 2.64
N ALA A 65 4.97 -0.84 1.74
CA ALA A 65 3.66 -1.40 2.03
C ALA A 65 3.77 -2.88 2.40
N ARG A 66 4.47 -3.65 1.58
CA ARG A 66 4.64 -5.07 1.81
C ARG A 66 5.27 -5.31 3.18
N GLU A 67 6.36 -4.60 3.46
CA GLU A 67 7.06 -4.75 4.73
C GLU A 67 6.12 -4.46 5.91
N TRP A 68 5.25 -3.47 5.73
CA TRP A 68 4.30 -3.11 6.78
C TRP A 68 3.32 -4.25 7.05
N ARG A 69 2.77 -4.81 5.97
CA ARG A 69 1.80 -5.90 6.09
C ARG A 69 2.46 -7.12 6.73
N ALA A 70 3.66 -7.46 6.27
CA ALA A 70 4.38 -8.61 6.80
C ALA A 70 4.68 -8.43 8.28
N ALA A 71 5.13 -7.24 8.66
CA ALA A 71 5.45 -6.94 10.04
C ALA A 71 4.19 -6.91 10.90
N GLN A 72 3.09 -6.47 10.29
CA GLN A 72 1.82 -6.39 11.00
C GLN A 72 1.17 -7.77 11.14
N GLY A 73 1.51 -8.66 10.23
CA GLY A 73 0.96 -10.01 10.27
C GLY A 73 1.25 -10.79 9.01
N LYS A 74 2.51 -11.19 8.83
CA LYS A 74 2.92 -11.94 7.65
C LYS A 74 2.38 -13.38 7.71
N ASP A 75 2.12 -13.95 6.55
CA ASP A 75 1.60 -15.31 6.47
C ASP A 75 2.66 -16.26 5.93
N PRO A 76 2.67 -17.50 6.46
CA PRO A 76 3.64 -18.53 6.05
C PRO A 76 3.38 -19.03 4.64
N GLY A 77 2.18 -18.77 4.13
CA GLY A 77 1.84 -19.21 2.79
C GLY A 77 0.34 -19.44 2.62
N PRO A 78 -0.17 -19.15 1.42
CA PRO A 78 -1.60 -19.33 1.11
C PRO A 78 -2.01 -20.79 1.05
N SER A 79 -2.75 -21.23 2.05
CA SER A 79 -3.20 -22.63 2.10
C SER A 79 -2.03 -23.59 2.00
N GLU A 80 -0.94 -23.25 2.68
CA GLU A 80 0.26 -24.08 2.67
C GLU A 80 0.96 -24.05 4.02
N LYS A 81 1.71 -25.11 4.32
CA LYS A 81 2.43 -25.21 5.57
C LYS A 81 3.82 -25.81 5.37
N GLN A 82 4.59 -25.89 6.44
CA GLN A 82 5.95 -26.44 6.37
C GLN A 82 6.38 -26.97 7.73
N LYS A 83 6.99 -28.15 7.74
CA LYS A 83 7.46 -28.77 8.97
C LYS A 83 8.51 -27.89 9.65
N PRO A 84 8.50 -27.87 10.99
CA PRO A 84 9.46 -27.09 11.77
C PRO A 84 10.87 -27.66 11.71
N VAL A 85 11.81 -26.97 12.35
CA VAL A 85 13.20 -27.40 12.36
C VAL A 85 13.52 -28.17 13.63
N PHE A 86 13.64 -29.49 13.51
CA PHE A 86 13.95 -30.33 14.66
C PHE A 86 15.20 -29.84 15.37
N THR A 87 15.09 -29.60 16.67
CA THR A 87 16.21 -29.12 17.47
C THR A 87 16.07 -29.55 18.92
N SER A 88 17.20 -29.64 19.61
CA SER A 88 17.20 -30.05 21.02
C SER A 88 18.28 -29.30 21.79
N GLY A 89 17.85 -28.47 22.74
CA GLY A 89 18.79 -27.72 23.54
C GLY A 89 18.35 -26.27 23.75
N PRO A 90 18.85 -25.37 22.89
CA PRO A 90 18.51 -23.94 22.97
C PRO A 90 17.06 -23.67 22.58
N SER A 91 16.65 -24.19 21.43
CA SER A 91 15.29 -24.00 20.94
C SER A 91 14.99 -22.51 20.74
N SER A 92 16.00 -21.76 20.35
CA SER A 92 15.86 -20.33 20.13
C SER A 92 15.52 -20.03 18.67
N GLY A 93 16.23 -20.71 17.76
CA GLY A 93 15.99 -20.51 16.34
C GLY A 93 17.27 -20.50 15.54
N GLY A 1 -22.19 -26.27 -7.58
CA GLY A 1 -21.81 -26.11 -8.98
C GLY A 1 -21.57 -27.45 -9.67
N SER A 2 -21.69 -27.45 -10.99
CA SER A 2 -21.50 -28.67 -11.77
C SER A 2 -20.46 -28.44 -12.87
N SER A 3 -20.64 -27.39 -13.65
CA SER A 3 -19.72 -27.06 -14.73
C SER A 3 -18.65 -26.09 -14.27
N GLY A 4 -17.40 -26.53 -14.31
CA GLY A 4 -16.30 -25.68 -13.90
C GLY A 4 -16.14 -25.65 -12.39
N SER A 5 -16.14 -24.45 -11.82
CA SER A 5 -15.98 -24.28 -10.38
C SER A 5 -16.42 -22.88 -9.95
N SER A 6 -16.64 -22.72 -8.64
CA SER A 6 -17.07 -21.44 -8.10
C SER A 6 -17.00 -21.45 -6.58
N GLY A 7 -16.51 -20.35 -6.01
CA GLY A 7 -16.40 -20.24 -4.56
C GLY A 7 -17.47 -19.36 -3.95
N MET A 8 -17.05 -18.34 -3.22
CA MET A 8 -17.98 -17.42 -2.58
C MET A 8 -17.31 -16.06 -2.34
N PRO A 9 -18.10 -14.98 -2.48
CA PRO A 9 -17.60 -13.61 -2.27
C PRO A 9 -17.32 -13.32 -0.80
N ASN A 10 -16.05 -13.38 -0.42
CA ASN A 10 -15.65 -13.12 0.95
C ASN A 10 -14.99 -11.75 1.07
N ARG A 11 -15.40 -11.01 2.10
CA ARG A 11 -14.85 -9.66 2.34
C ARG A 11 -13.37 -9.74 2.69
N LYS A 12 -12.53 -9.39 1.73
CA LYS A 12 -11.08 -9.41 1.94
C LYS A 12 -10.43 -8.14 1.41
N ALA A 13 -9.93 -7.31 2.32
CA ALA A 13 -9.28 -6.07 1.94
C ALA A 13 -7.86 -6.31 1.46
N SER A 14 -7.54 -5.75 0.30
CA SER A 14 -6.21 -5.91 -0.29
C SER A 14 -5.47 -4.58 -0.33
N ARG A 15 -4.28 -4.56 0.24
CA ARG A 15 -3.46 -3.34 0.27
C ARG A 15 -2.32 -3.43 -0.74
N ASN A 16 -1.91 -2.28 -1.27
CA ASN A 16 -0.82 -2.22 -2.24
C ASN A 16 -0.25 -0.82 -2.33
N ALA A 17 0.98 -0.73 -2.83
CA ALA A 17 1.65 0.56 -2.98
C ALA A 17 0.65 1.67 -3.29
N TYR A 18 -0.37 1.34 -4.08
CA TYR A 18 -1.40 2.29 -4.47
C TYR A 18 -2.19 2.75 -3.25
N TYR A 19 -2.74 1.78 -2.51
CA TYR A 19 -3.53 2.08 -1.32
C TYR A 19 -2.78 3.03 -0.39
N PHE A 20 -1.51 2.74 -0.15
CA PHE A 20 -0.68 3.57 0.72
C PHE A 20 -0.66 5.02 0.23
N PHE A 21 -0.50 5.18 -1.09
CA PHE A 21 -0.45 6.52 -1.68
C PHE A 21 -1.79 7.23 -1.50
N VAL A 22 -2.87 6.54 -1.82
CA VAL A 22 -4.21 7.11 -1.69
C VAL A 22 -4.53 7.46 -0.25
N GLN A 23 -4.09 6.60 0.67
CA GLN A 23 -4.33 6.81 2.09
C GLN A 23 -3.70 8.12 2.55
N GLU A 24 -2.49 8.39 2.07
CA GLU A 24 -1.77 9.62 2.44
C GLU A 24 -2.30 10.81 1.65
N LYS A 25 -3.39 10.60 0.92
CA LYS A 25 -3.99 11.65 0.11
C LYS A 25 -5.44 11.91 0.55
N ILE A 26 -6.05 10.92 1.17
CA ILE A 26 -7.42 11.04 1.64
C ILE A 26 -7.67 12.41 2.27
N PRO A 27 -6.89 12.73 3.30
CA PRO A 27 -7.00 14.02 4.01
C PRO A 27 -6.53 15.19 3.16
N GLU A 28 -5.72 14.89 2.15
CA GLU A 28 -5.19 15.93 1.26
C GLU A 28 -6.27 16.45 0.34
N LEU A 29 -7.16 15.55 -0.10
CA LEU A 29 -8.25 15.92 -0.99
C LEU A 29 -9.40 16.55 -0.22
N ARG A 30 -9.69 16.00 0.94
CA ARG A 30 -10.77 16.51 1.79
C ARG A 30 -10.66 18.02 1.95
N ARG A 31 -9.44 18.50 2.14
CA ARG A 31 -9.19 19.93 2.31
C ARG A 31 -9.42 20.68 1.00
N ARG A 32 -8.93 20.11 -0.10
CA ARG A 32 -9.07 20.73 -1.41
C ARG A 32 -10.52 21.07 -1.69
N GLY A 33 -11.43 20.18 -1.30
CA GLY A 33 -12.84 20.41 -1.52
C GLY A 33 -13.49 19.33 -2.36
N LEU A 34 -13.19 18.08 -2.03
CA LEU A 34 -13.74 16.93 -2.76
C LEU A 34 -14.37 15.93 -1.79
N PRO A 35 -15.48 15.31 -2.23
CA PRO A 35 -16.20 14.32 -1.41
C PRO A 35 -15.41 13.02 -1.28
N VAL A 36 -14.51 12.98 -0.30
CA VAL A 36 -13.70 11.78 -0.06
C VAL A 36 -13.82 11.32 1.38
N ALA A 37 -14.49 10.19 1.59
CA ALA A 37 -14.67 9.64 2.93
C ALA A 37 -13.65 8.55 3.20
N ARG A 38 -13.38 7.72 2.20
CA ARG A 38 -12.42 6.63 2.35
C ARG A 38 -11.56 6.50 1.09
N VAL A 39 -10.57 5.61 1.15
CA VAL A 39 -9.68 5.38 0.02
C VAL A 39 -10.47 5.18 -1.27
N ALA A 40 -11.44 4.26 -1.23
CA ALA A 40 -12.26 3.96 -2.38
C ALA A 40 -12.70 5.25 -3.08
N ASP A 41 -12.98 6.28 -2.29
CA ASP A 41 -13.41 7.57 -2.85
C ASP A 41 -12.21 8.35 -3.39
N ALA A 42 -11.09 8.27 -2.69
CA ALA A 42 -9.88 8.97 -3.10
C ALA A 42 -9.10 8.15 -4.13
N ILE A 43 -9.68 7.03 -4.55
CA ILE A 43 -9.03 6.15 -5.51
C ILE A 43 -8.90 6.83 -6.87
N PRO A 44 -10.05 7.25 -7.43
CA PRO A 44 -10.08 7.92 -8.73
C PRO A 44 -9.49 9.32 -8.67
N TYR A 45 -9.86 10.07 -7.65
CA TYR A 45 -9.37 11.44 -7.48
C TYR A 45 -7.85 11.47 -7.42
N CYS A 46 -7.25 10.28 -7.26
CA CYS A 46 -5.80 10.17 -7.18
C CYS A 46 -5.24 9.49 -8.43
N SER A 47 -6.04 8.60 -9.02
CA SER A 47 -5.62 7.88 -10.21
C SER A 47 -4.75 8.76 -11.11
N SER A 48 -5.07 10.05 -11.16
CA SER A 48 -4.32 11.00 -11.97
C SER A 48 -2.94 11.26 -11.36
N ASP A 49 -2.93 11.70 -10.11
CA ASP A 49 -1.69 11.99 -9.41
C ASP A 49 -0.77 10.77 -9.39
N TRP A 50 -1.35 9.62 -9.03
CA TRP A 50 -0.59 8.37 -8.96
C TRP A 50 0.03 8.04 -10.31
N ALA A 51 -0.69 8.35 -11.39
CA ALA A 51 -0.20 8.09 -12.73
C ALA A 51 0.97 8.99 -13.08
N LEU A 52 1.24 9.97 -12.22
CA LEU A 52 2.34 10.90 -12.43
C LEU A 52 3.59 10.45 -11.71
N LEU A 53 3.41 9.63 -10.68
CA LEU A 53 4.54 9.12 -9.90
C LEU A 53 5.52 8.38 -10.79
N ARG A 54 6.77 8.29 -10.35
CA ARG A 54 7.81 7.60 -11.10
C ARG A 54 7.95 6.15 -10.65
N GLU A 55 8.47 5.31 -11.53
CA GLU A 55 8.65 3.89 -11.23
C GLU A 55 9.30 3.71 -9.85
N GLU A 56 10.33 4.51 -9.58
CA GLU A 56 11.03 4.43 -8.31
C GLU A 56 10.07 4.66 -7.14
N GLU A 57 9.24 5.69 -7.26
CA GLU A 57 8.27 6.01 -6.21
C GLU A 57 7.32 4.85 -5.98
N LYS A 58 6.66 4.40 -7.04
CA LYS A 58 5.73 3.30 -6.95
C LYS A 58 6.37 2.09 -6.27
N GLU A 59 7.59 1.76 -6.68
CA GLU A 59 8.31 0.63 -6.12
C GLU A 59 8.51 0.81 -4.61
N LYS A 60 8.83 2.03 -4.20
CA LYS A 60 9.05 2.34 -2.79
C LYS A 60 7.78 2.09 -1.99
N TYR A 61 6.66 2.62 -2.46
CA TYR A 61 5.38 2.45 -1.78
C TYR A 61 5.01 0.98 -1.67
N ALA A 62 5.33 0.22 -2.71
CA ALA A 62 5.04 -1.22 -2.72
C ALA A 62 5.89 -1.97 -1.71
N GLU A 63 7.16 -1.57 -1.61
CA GLU A 63 8.08 -2.20 -0.67
C GLU A 63 7.64 -1.97 0.77
N MET A 64 7.36 -0.71 1.10
CA MET A 64 6.92 -0.35 2.44
C MET A 64 5.57 -0.98 2.77
N ALA A 65 4.76 -1.19 1.73
CA ALA A 65 3.44 -1.79 1.90
C ALA A 65 3.54 -3.26 2.27
N ARG A 66 4.17 -4.04 1.38
CA ARG A 66 4.33 -5.47 1.61
C ARG A 66 5.06 -5.73 2.93
N GLU A 67 6.26 -5.16 3.06
CA GLU A 67 7.06 -5.33 4.26
C GLU A 67 6.26 -4.96 5.50
N TRP A 68 5.54 -3.85 5.42
CA TRP A 68 4.74 -3.38 6.55
C TRP A 68 3.72 -4.44 6.96
N ARG A 69 2.98 -4.96 5.99
CA ARG A 69 1.98 -5.98 6.27
C ARG A 69 2.60 -7.20 6.93
N ALA A 70 3.77 -7.61 6.42
CA ALA A 70 4.47 -8.77 6.97
C ALA A 70 4.83 -8.55 8.43
N ALA A 71 5.51 -7.44 8.71
CA ALA A 71 5.91 -7.12 10.08
C ALA A 71 4.70 -7.02 11.00
N GLN A 72 3.60 -6.49 10.47
CA GLN A 72 2.37 -6.34 11.25
C GLN A 72 1.68 -7.69 11.44
N GLY A 73 1.99 -8.63 10.56
CA GLY A 73 1.39 -9.96 10.65
C GLY A 73 2.07 -10.83 11.68
N LYS A 74 3.38 -11.02 11.52
CA LYS A 74 4.15 -11.85 12.45
C LYS A 74 4.61 -11.04 13.65
N ASP A 75 4.18 -11.44 14.84
CA ASP A 75 4.56 -10.75 16.06
C ASP A 75 4.04 -11.49 17.29
N PRO A 76 4.87 -11.54 18.35
CA PRO A 76 4.52 -12.22 19.60
C PRO A 76 3.43 -11.49 20.36
N GLY A 77 3.01 -10.34 19.84
CA GLY A 77 1.97 -9.57 20.50
C GLY A 77 0.64 -9.63 19.75
N PRO A 78 -0.13 -10.69 20.01
CA PRO A 78 -1.43 -10.89 19.37
C PRO A 78 -2.47 -9.89 19.84
N SER A 79 -2.47 -9.59 21.14
CA SER A 79 -3.42 -8.66 21.71
C SER A 79 -3.41 -7.34 20.95
N GLU A 80 -4.44 -7.12 20.14
CA GLU A 80 -4.55 -5.90 19.35
C GLU A 80 -5.16 -4.78 20.18
N LYS A 81 -4.69 -3.55 19.93
CA LYS A 81 -5.18 -2.39 20.65
C LYS A 81 -5.90 -1.42 19.71
N GLN A 82 -7.15 -1.11 20.03
CA GLN A 82 -7.94 -0.21 19.21
C GLN A 82 -9.17 0.29 19.97
N LYS A 83 -9.58 1.53 19.70
CA LYS A 83 -10.74 2.11 20.37
C LYS A 83 -11.57 2.90 19.37
N PRO A 84 -12.91 2.86 19.56
CA PRO A 84 -13.85 3.58 18.68
C PRO A 84 -13.78 5.08 18.87
N VAL A 85 -12.85 5.72 18.16
CA VAL A 85 -12.68 7.17 18.25
C VAL A 85 -13.57 7.89 17.24
N PHE A 86 -14.76 8.26 17.68
CA PHE A 86 -15.70 8.96 16.82
C PHE A 86 -16.84 9.56 17.64
N THR A 87 -17.18 10.82 17.35
CA THR A 87 -18.25 11.51 18.05
C THR A 87 -19.50 10.65 18.14
N SER A 88 -20.08 10.58 19.33
CA SER A 88 -21.29 9.79 19.56
C SER A 88 -22.40 10.21 18.60
N GLY A 89 -23.04 9.23 17.96
CA GLY A 89 -24.11 9.52 17.03
C GLY A 89 -23.64 10.34 15.85
N PRO A 90 -23.08 9.66 14.84
CA PRO A 90 -22.59 10.31 13.62
C PRO A 90 -23.71 10.86 12.75
N SER A 91 -23.42 11.93 12.02
CA SER A 91 -24.41 12.55 11.15
C SER A 91 -24.03 12.39 9.69
N SER A 92 -22.81 12.81 9.35
CA SER A 92 -22.32 12.72 7.98
C SER A 92 -22.14 11.26 7.56
N GLY A 93 -23.25 10.63 7.17
CA GLY A 93 -23.19 9.24 6.75
C GLY A 93 -24.37 8.85 5.88
N GLY A 1 19.12 -1.71 -7.75
CA GLY A 1 18.66 -2.93 -8.40
C GLY A 1 18.05 -2.66 -9.76
N SER A 2 16.81 -2.20 -9.77
CA SER A 2 16.10 -1.91 -11.01
C SER A 2 16.50 -2.89 -12.10
N SER A 3 16.59 -4.17 -11.73
CA SER A 3 16.97 -5.21 -12.68
C SER A 3 16.07 -5.19 -13.91
N GLY A 4 14.76 -5.09 -13.67
CA GLY A 4 13.81 -5.05 -14.76
C GLY A 4 12.42 -5.51 -14.34
N SER A 5 11.99 -5.09 -13.15
CA SER A 5 10.69 -5.47 -12.64
C SER A 5 9.61 -4.50 -13.10
N SER A 6 8.97 -4.83 -14.23
CA SER A 6 7.93 -3.98 -14.78
C SER A 6 6.85 -3.68 -13.73
N GLY A 7 6.16 -4.72 -13.28
CA GLY A 7 5.13 -4.55 -12.28
C GLY A 7 3.81 -5.18 -12.70
N MET A 8 2.85 -5.19 -11.79
CA MET A 8 1.54 -5.76 -12.06
C MET A 8 0.43 -4.87 -11.54
N PRO A 9 -0.71 -4.84 -12.26
CA PRO A 9 -1.87 -4.03 -11.88
C PRO A 9 -2.56 -4.56 -10.63
N ASN A 10 -3.62 -3.88 -10.21
CA ASN A 10 -4.38 -4.29 -9.03
C ASN A 10 -5.83 -3.84 -9.14
N ARG A 11 -6.72 -4.56 -8.44
CA ARG A 11 -8.15 -4.24 -8.46
C ARG A 11 -8.90 -5.09 -7.44
N LYS A 12 -9.44 -4.43 -6.42
CA LYS A 12 -10.18 -5.12 -5.38
C LYS A 12 -9.29 -6.09 -4.62
N ALA A 13 -8.07 -5.65 -4.31
CA ALA A 13 -7.13 -6.49 -3.59
C ALA A 13 -6.64 -5.80 -2.33
N SER A 14 -5.84 -6.51 -1.54
CA SER A 14 -5.31 -5.96 -0.29
C SER A 14 -4.63 -4.62 -0.54
N ARG A 15 -4.21 -3.97 0.55
CA ARG A 15 -3.55 -2.67 0.45
C ARG A 15 -2.20 -2.79 -0.25
N ASN A 16 -2.02 -2.04 -1.32
CA ASN A 16 -0.78 -2.07 -2.08
C ASN A 16 -0.20 -0.66 -2.22
N ALA A 17 0.99 -0.57 -2.83
CA ALA A 17 1.65 0.71 -3.04
C ALA A 17 0.63 1.79 -3.39
N TYR A 18 -0.40 1.41 -4.12
CA TYR A 18 -1.44 2.36 -4.53
C TYR A 18 -2.28 2.79 -3.33
N TYR A 19 -2.73 1.81 -2.54
CA TYR A 19 -3.54 2.10 -1.36
C TYR A 19 -2.80 3.02 -0.40
N PHE A 20 -1.51 2.77 -0.22
CA PHE A 20 -0.69 3.59 0.68
C PHE A 20 -0.64 5.03 0.20
N PHE A 21 -0.53 5.22 -1.10
CA PHE A 21 -0.47 6.55 -1.69
C PHE A 21 -1.80 7.29 -1.52
N VAL A 22 -2.89 6.61 -1.84
CA VAL A 22 -4.22 7.19 -1.72
C VAL A 22 -4.54 7.53 -0.26
N GLN A 23 -4.17 6.63 0.64
CA GLN A 23 -4.42 6.82 2.06
C GLN A 23 -3.80 8.14 2.55
N GLU A 24 -2.57 8.40 2.12
CA GLU A 24 -1.87 9.62 2.51
C GLU A 24 -2.36 10.80 1.69
N LYS A 25 -3.42 10.59 0.93
CA LYS A 25 -3.99 11.64 0.09
C LYS A 25 -5.44 11.93 0.49
N ILE A 26 -6.05 10.98 1.20
CA ILE A 26 -7.44 11.14 1.63
C ILE A 26 -7.67 12.52 2.23
N PRO A 27 -6.90 12.84 3.27
CA PRO A 27 -7.00 14.14 3.96
C PRO A 27 -6.51 15.30 3.09
N GLU A 28 -5.61 14.99 2.16
CA GLU A 28 -5.05 16.00 1.27
C GLU A 28 -6.11 16.49 0.29
N LEU A 29 -7.10 15.65 0.02
CA LEU A 29 -8.17 16.00 -0.91
C LEU A 29 -9.34 16.64 -0.17
N ARG A 30 -9.70 16.09 0.97
CA ARG A 30 -10.80 16.62 1.77
C ARG A 30 -10.64 18.11 1.98
N ARG A 31 -9.40 18.57 2.08
CA ARG A 31 -9.12 19.99 2.28
C ARG A 31 -9.31 20.77 0.99
N ARG A 32 -8.97 20.16 -0.13
CA ARG A 32 -9.11 20.80 -1.43
C ARG A 32 -10.57 21.15 -1.72
N GLY A 33 -11.47 20.24 -1.35
CA GLY A 33 -12.89 20.47 -1.57
C GLY A 33 -13.53 19.36 -2.36
N LEU A 34 -13.15 18.12 -2.07
CA LEU A 34 -13.69 16.96 -2.77
C LEU A 34 -14.30 15.96 -1.79
N PRO A 35 -15.41 15.34 -2.18
CA PRO A 35 -16.11 14.35 -1.34
C PRO A 35 -15.32 13.05 -1.21
N VAL A 36 -14.34 13.06 -0.31
CA VAL A 36 -13.51 11.89 -0.07
C VAL A 36 -13.51 11.51 1.41
N ALA A 37 -14.19 10.41 1.73
CA ALA A 37 -14.27 9.94 3.10
C ALA A 37 -13.36 8.73 3.32
N ARG A 38 -13.17 7.94 2.28
CA ARG A 38 -12.31 6.76 2.35
C ARG A 38 -11.44 6.65 1.11
N VAL A 39 -10.53 5.67 1.12
CA VAL A 39 -9.63 5.45 0.00
C VAL A 39 -10.40 5.24 -1.30
N ALA A 40 -11.33 4.28 -1.26
CA ALA A 40 -12.15 3.98 -2.44
C ALA A 40 -12.70 5.26 -3.07
N ASP A 41 -12.94 6.27 -2.24
CA ASP A 41 -13.47 7.53 -2.72
C ASP A 41 -12.37 8.37 -3.36
N ALA A 42 -11.18 8.34 -2.76
CA ALA A 42 -10.04 9.09 -3.29
C ALA A 42 -9.27 8.28 -4.31
N ILE A 43 -9.79 7.11 -4.65
CA ILE A 43 -9.15 6.24 -5.62
C ILE A 43 -9.04 6.91 -6.99
N PRO A 44 -10.18 7.30 -7.55
CA PRO A 44 -10.24 7.97 -8.85
C PRO A 44 -9.67 9.39 -8.81
N TYR A 45 -9.97 10.11 -7.73
CA TYR A 45 -9.48 11.47 -7.57
C TYR A 45 -7.96 11.51 -7.47
N CYS A 46 -7.35 10.32 -7.42
CA CYS A 46 -5.91 10.21 -7.32
C CYS A 46 -5.34 9.43 -8.50
N SER A 47 -6.20 8.66 -9.16
CA SER A 47 -5.80 7.85 -10.30
C SER A 47 -4.93 8.66 -11.26
N SER A 48 -5.09 9.98 -11.21
CA SER A 48 -4.33 10.87 -12.07
C SER A 48 -2.98 11.22 -11.46
N ASP A 49 -2.98 11.47 -10.15
CA ASP A 49 -1.76 11.81 -9.44
C ASP A 49 -0.81 10.62 -9.38
N TRP A 50 -1.37 9.43 -9.13
CA TRP A 50 -0.58 8.21 -9.05
C TRP A 50 0.12 7.93 -10.37
N ALA A 51 -0.55 8.24 -11.47
CA ALA A 51 0.01 8.02 -12.80
C ALA A 51 1.24 8.90 -13.03
N LEU A 52 1.34 9.97 -12.26
CA LEU A 52 2.47 10.89 -12.37
C LEU A 52 3.70 10.35 -11.65
N LEU A 53 3.46 9.61 -10.58
CA LEU A 53 4.55 9.03 -9.79
C LEU A 53 5.53 8.29 -10.70
N ARG A 54 6.80 8.27 -10.29
CA ARG A 54 7.84 7.60 -11.07
C ARG A 54 8.00 6.15 -10.61
N GLU A 55 8.58 5.32 -11.48
CA GLU A 55 8.79 3.92 -11.16
C GLU A 55 9.38 3.76 -9.77
N GLU A 56 10.44 4.51 -9.49
CA GLU A 56 11.10 4.45 -8.19
C GLU A 56 10.09 4.66 -7.05
N GLU A 57 9.24 5.68 -7.21
CA GLU A 57 8.23 5.98 -6.20
C GLU A 57 7.31 4.79 -5.98
N LYS A 58 6.68 4.33 -7.05
CA LYS A 58 5.76 3.20 -6.98
C LYS A 58 6.40 2.04 -6.21
N GLU A 59 7.64 1.71 -6.57
CA GLU A 59 8.35 0.62 -5.92
C GLU A 59 8.46 0.86 -4.42
N LYS A 60 8.92 2.04 -4.05
CA LYS A 60 9.07 2.41 -2.64
C LYS A 60 7.78 2.15 -1.87
N TYR A 61 6.67 2.70 -2.37
CA TYR A 61 5.38 2.53 -1.74
C TYR A 61 5.04 1.05 -1.59
N ALA A 62 5.31 0.27 -2.63
CA ALA A 62 5.03 -1.16 -2.61
C ALA A 62 5.91 -1.88 -1.58
N GLU A 63 7.18 -1.48 -1.51
CA GLU A 63 8.11 -2.08 -0.58
C GLU A 63 7.64 -1.90 0.86
N MET A 64 7.31 -0.65 1.22
CA MET A 64 6.85 -0.34 2.56
C MET A 64 5.53 -1.04 2.85
N ALA A 65 4.70 -1.21 1.82
CA ALA A 65 3.40 -1.86 1.98
C ALA A 65 3.59 -3.34 2.37
N ARG A 66 4.28 -4.08 1.53
CA ARG A 66 4.51 -5.50 1.78
C ARG A 66 5.24 -5.69 3.11
N GLU A 67 6.41 -5.08 3.24
CA GLU A 67 7.19 -5.19 4.46
C GLU A 67 6.35 -4.85 5.69
N TRP A 68 5.39 -3.95 5.51
CA TRP A 68 4.52 -3.53 6.60
C TRP A 68 3.57 -4.66 6.99
N ARG A 69 2.87 -5.22 6.00
CA ARG A 69 1.92 -6.29 6.24
C ARG A 69 2.63 -7.50 6.86
N ALA A 70 3.80 -7.83 6.34
CA ALA A 70 4.58 -8.96 6.84
C ALA A 70 4.99 -8.73 8.28
N ALA A 71 5.61 -7.59 8.56
CA ALA A 71 6.06 -7.26 9.90
C ALA A 71 4.89 -7.22 10.87
N GLN A 72 3.73 -6.78 10.38
CA GLN A 72 2.54 -6.69 11.21
C GLN A 72 1.95 -8.08 11.47
N GLY A 73 2.21 -9.01 10.56
CA GLY A 73 1.70 -10.35 10.70
C GLY A 73 2.57 -11.21 11.61
N LYS A 74 3.73 -11.60 11.12
CA LYS A 74 4.67 -12.41 11.90
C LYS A 74 5.33 -11.60 12.99
N ASP A 75 5.33 -12.13 14.20
CA ASP A 75 5.95 -11.44 15.34
C ASP A 75 7.43 -11.80 15.45
N PRO A 76 8.24 -10.78 15.78
CA PRO A 76 9.69 -10.95 15.93
C PRO A 76 10.06 -11.79 17.15
N GLY A 77 9.14 -11.88 18.09
CA GLY A 77 9.38 -12.63 19.31
C GLY A 77 10.37 -11.96 20.23
N PRO A 78 10.51 -12.49 21.45
CA PRO A 78 11.43 -11.95 22.46
C PRO A 78 12.89 -12.17 22.08
N SER A 79 13.12 -13.05 21.13
CA SER A 79 14.47 -13.36 20.67
C SER A 79 15.05 -12.21 19.86
N GLU A 80 16.38 -12.14 19.81
CA GLU A 80 17.05 -11.08 19.06
C GLU A 80 17.35 -11.53 17.63
N LYS A 81 17.09 -10.64 16.67
CA LYS A 81 17.32 -10.93 15.27
C LYS A 81 17.15 -9.68 14.41
N GLN A 82 17.91 -9.60 13.33
CA GLN A 82 17.84 -8.46 12.42
C GLN A 82 16.40 -7.94 12.33
N LYS A 83 16.13 -6.84 13.03
CA LYS A 83 14.81 -6.23 13.02
C LYS A 83 14.90 -4.71 12.90
N PRO A 84 14.02 -4.13 12.07
CA PRO A 84 13.98 -2.68 11.85
C PRO A 84 13.47 -1.93 13.07
N VAL A 85 13.10 -0.67 12.86
CA VAL A 85 12.59 0.16 13.94
C VAL A 85 11.35 -0.45 14.57
N PHE A 86 11.51 -1.03 15.75
CA PHE A 86 10.39 -1.66 16.46
C PHE A 86 9.15 -0.78 16.39
N THR A 87 7.99 -1.43 16.25
CA THR A 87 6.73 -0.71 16.17
C THR A 87 5.87 -0.97 17.40
N SER A 88 6.04 -0.14 18.43
CA SER A 88 5.28 -0.29 19.66
C SER A 88 3.79 -0.46 19.37
N GLY A 89 3.11 -1.23 20.21
CA GLY A 89 1.69 -1.46 20.03
C GLY A 89 0.84 -0.52 20.86
N PRO A 90 -0.39 -0.24 20.38
CA PRO A 90 -1.32 0.65 21.08
C PRO A 90 -1.86 0.03 22.36
N SER A 91 -2.34 -1.20 22.25
CA SER A 91 -2.89 -1.91 23.41
C SER A 91 -3.23 -3.36 23.06
N SER A 92 -3.56 -4.15 24.07
CA SER A 92 -3.90 -5.55 23.86
C SER A 92 -5.39 -5.79 24.12
N GLY A 93 -5.88 -6.95 23.67
CA GLY A 93 -7.28 -7.27 23.86
C GLY A 93 -7.67 -8.55 23.12
N GLY A 1 21.34 -12.52 13.53
CA GLY A 1 22.12 -11.38 13.97
C GLY A 1 21.41 -10.07 13.71
N SER A 2 20.78 -9.94 12.55
CA SER A 2 20.07 -8.72 12.19
C SER A 2 18.72 -9.05 11.54
N SER A 3 17.66 -8.48 12.10
CA SER A 3 16.32 -8.71 11.58
C SER A 3 16.15 -8.10 10.20
N GLY A 4 16.38 -8.92 9.17
CA GLY A 4 16.25 -8.46 7.80
C GLY A 4 16.78 -9.45 6.79
N SER A 5 16.00 -9.70 5.75
CA SER A 5 16.39 -10.66 4.71
C SER A 5 15.45 -10.56 3.51
N SER A 6 16.01 -10.23 2.35
CA SER A 6 15.22 -10.09 1.14
C SER A 6 14.27 -11.27 0.98
N GLY A 7 14.82 -12.47 0.96
CA GLY A 7 14.00 -13.66 0.80
C GLY A 7 13.56 -13.89 -0.62
N MET A 8 12.26 -14.06 -0.82
CA MET A 8 11.71 -14.29 -2.15
C MET A 8 10.59 -13.29 -2.46
N PRO A 9 10.62 -12.71 -3.66
CA PRO A 9 9.62 -11.74 -4.11
C PRO A 9 8.26 -12.37 -4.33
N ASN A 10 7.35 -12.14 -3.39
CA ASN A 10 6.00 -12.70 -3.49
C ASN A 10 5.11 -12.16 -2.38
N ARG A 11 4.01 -11.51 -2.76
CA ARG A 11 3.08 -10.94 -1.79
C ARG A 11 1.65 -11.04 -2.30
N LYS A 12 0.76 -11.58 -1.47
CA LYS A 12 -0.64 -11.72 -1.83
C LYS A 12 -1.54 -10.89 -0.93
N ALA A 13 -1.83 -9.66 -1.37
CA ALA A 13 -2.68 -8.77 -0.59
C ALA A 13 -3.31 -7.71 -1.48
N SER A 14 -4.33 -7.03 -0.97
CA SER A 14 -5.03 -5.99 -1.72
C SER A 14 -4.30 -4.65 -1.59
N ARG A 15 -4.04 -4.24 -0.35
CA ARG A 15 -3.36 -2.98 -0.09
C ARG A 15 -1.96 -2.99 -0.68
N ASN A 16 -1.78 -2.24 -1.76
CA ASN A 16 -0.47 -2.17 -2.42
C ASN A 16 0.00 -0.72 -2.51
N ALA A 17 1.16 -0.53 -3.14
CA ALA A 17 1.73 0.81 -3.30
C ALA A 17 0.63 1.84 -3.57
N TYR A 18 -0.29 1.51 -4.47
CA TYR A 18 -1.38 2.40 -4.81
C TYR A 18 -2.21 2.75 -3.58
N TYR A 19 -2.64 1.72 -2.86
CA TYR A 19 -3.45 1.91 -1.67
C TYR A 19 -2.76 2.86 -0.69
N PHE A 20 -1.46 2.67 -0.50
CA PHE A 20 -0.69 3.51 0.41
C PHE A 20 -0.64 4.95 -0.10
N PHE A 21 -0.64 5.10 -1.42
CA PHE A 21 -0.60 6.43 -2.03
C PHE A 21 -1.91 7.17 -1.82
N VAL A 22 -3.02 6.45 -1.99
CA VAL A 22 -4.34 7.03 -1.83
C VAL A 22 -4.65 7.28 -0.36
N GLN A 23 -4.21 6.38 0.50
CA GLN A 23 -4.44 6.50 1.93
C GLN A 23 -3.81 7.77 2.48
N GLU A 24 -2.58 8.05 2.03
CA GLU A 24 -1.87 9.25 2.47
C GLU A 24 -2.38 10.50 1.77
N LYS A 25 -3.37 10.30 0.89
CA LYS A 25 -3.95 11.41 0.14
C LYS A 25 -5.37 11.70 0.62
N ILE A 26 -5.99 10.71 1.24
CA ILE A 26 -7.35 10.87 1.74
C ILE A 26 -7.56 12.23 2.38
N PRO A 27 -6.75 12.53 3.41
CA PRO A 27 -6.81 13.81 4.13
C PRO A 27 -6.33 14.97 3.27
N GLU A 28 -5.47 14.68 2.31
CA GLU A 28 -4.94 15.71 1.42
C GLU A 28 -6.02 16.25 0.50
N LEU A 29 -6.85 15.35 -0.02
CA LEU A 29 -7.93 15.75 -0.92
C LEU A 29 -9.06 16.44 -0.16
N ARG A 30 -9.36 15.92 1.03
CA ARG A 30 -10.41 16.48 1.87
C ARG A 30 -10.22 17.99 2.04
N ARG A 31 -8.97 18.40 2.26
CA ARG A 31 -8.66 19.81 2.45
C ARG A 31 -8.96 20.60 1.18
N ARG A 32 -8.66 20.01 0.03
CA ARG A 32 -8.90 20.67 -1.25
C ARG A 32 -10.38 21.02 -1.42
N GLY A 33 -11.25 20.10 -1.02
CA GLY A 33 -12.67 20.33 -1.13
C GLY A 33 -13.38 19.24 -1.93
N LEU A 34 -12.83 18.04 -1.89
CA LEU A 34 -13.41 16.91 -2.62
C LEU A 34 -14.04 15.91 -1.66
N PRO A 35 -15.16 15.31 -2.09
CA PRO A 35 -15.89 14.32 -1.29
C PRO A 35 -15.12 13.02 -1.14
N VAL A 36 -14.25 12.95 -0.14
CA VAL A 36 -13.46 11.74 0.11
C VAL A 36 -13.59 11.28 1.55
N ALA A 37 -14.21 10.13 1.75
CA ALA A 37 -14.40 9.58 3.08
C ALA A 37 -13.40 8.44 3.35
N ARG A 38 -13.14 7.65 2.33
CA ARG A 38 -12.21 6.53 2.46
C ARG A 38 -11.33 6.40 1.22
N VAL A 39 -10.50 5.35 1.19
CA VAL A 39 -9.60 5.13 0.06
C VAL A 39 -10.39 4.99 -1.24
N ALA A 40 -11.39 4.12 -1.24
CA ALA A 40 -12.21 3.89 -2.43
C ALA A 40 -12.68 5.22 -3.03
N ASP A 41 -12.89 6.20 -2.16
CA ASP A 41 -13.35 7.52 -2.61
C ASP A 41 -12.20 8.31 -3.23
N ALA A 42 -11.04 8.24 -2.59
CA ALA A 42 -9.87 8.94 -3.08
C ALA A 42 -9.11 8.10 -4.11
N ILE A 43 -9.69 6.98 -4.51
CA ILE A 43 -9.08 6.10 -5.48
C ILE A 43 -8.96 6.77 -6.84
N PRO A 44 -10.11 7.18 -7.40
CA PRO A 44 -10.17 7.85 -8.70
C PRO A 44 -9.58 9.24 -8.67
N TYR A 45 -9.94 10.01 -7.65
CA TYR A 45 -9.44 11.37 -7.49
C TYR A 45 -7.92 11.39 -7.46
N CYS A 46 -7.32 10.22 -7.30
CA CYS A 46 -5.86 10.10 -7.26
C CYS A 46 -5.34 9.39 -8.50
N SER A 47 -6.14 8.50 -9.05
CA SER A 47 -5.75 7.75 -10.25
C SER A 47 -4.92 8.62 -11.19
N SER A 48 -5.21 9.92 -11.18
CA SER A 48 -4.48 10.86 -12.04
C SER A 48 -3.11 11.18 -11.46
N ASP A 49 -3.08 11.56 -10.19
CA ASP A 49 -1.82 11.90 -9.52
C ASP A 49 -0.88 10.70 -9.51
N TRP A 50 -1.42 9.53 -9.20
CA TRP A 50 -0.63 8.30 -9.15
C TRP A 50 0.11 8.08 -10.47
N ALA A 51 -0.54 8.43 -11.57
CA ALA A 51 0.05 8.28 -12.89
C ALA A 51 1.25 9.20 -13.06
N LEU A 52 1.34 10.22 -12.21
CA LEU A 52 2.44 11.17 -12.28
C LEU A 52 3.70 10.60 -11.61
N LEU A 53 3.49 9.73 -10.63
CA LEU A 53 4.61 9.11 -9.93
C LEU A 53 5.52 8.36 -10.89
N ARG A 54 6.76 8.12 -10.45
CA ARG A 54 7.72 7.40 -11.29
C ARG A 54 7.97 6.00 -10.75
N GLU A 55 8.57 5.15 -11.58
CA GLU A 55 8.85 3.77 -11.19
C GLU A 55 9.43 3.72 -9.78
N GLU A 56 10.41 4.57 -9.51
CA GLU A 56 11.06 4.62 -8.20
C GLU A 56 10.02 4.80 -7.10
N GLU A 57 9.18 5.82 -7.24
CA GLU A 57 8.15 6.10 -6.26
C GLU A 57 7.26 4.89 -6.04
N LYS A 58 6.68 4.39 -7.13
CA LYS A 58 5.80 3.23 -7.07
C LYS A 58 6.45 2.09 -6.29
N GLU A 59 7.72 1.84 -6.59
CA GLU A 59 8.46 0.77 -5.92
C GLU A 59 8.53 1.01 -4.42
N LYS A 60 8.92 2.23 -4.05
CA LYS A 60 9.02 2.60 -2.63
C LYS A 60 7.71 2.32 -1.90
N TYR A 61 6.61 2.82 -2.45
CA TYR A 61 5.30 2.63 -1.84
C TYR A 61 4.99 1.14 -1.68
N ALA A 62 5.32 0.35 -2.70
CA ALA A 62 5.09 -1.08 -2.68
C ALA A 62 5.95 -1.76 -1.61
N GLU A 63 7.19 -1.31 -1.48
CA GLU A 63 8.11 -1.87 -0.50
C GLU A 63 7.58 -1.66 0.92
N MET A 64 7.24 -0.42 1.25
CA MET A 64 6.73 -0.10 2.57
C MET A 64 5.41 -0.81 2.83
N ALA A 65 4.65 -1.05 1.77
CA ALA A 65 3.36 -1.72 1.88
C ALA A 65 3.54 -3.17 2.30
N ARG A 66 4.29 -3.93 1.51
CA ARG A 66 4.54 -5.34 1.80
C ARG A 66 5.21 -5.51 3.16
N GLU A 67 6.37 -4.85 3.32
CA GLU A 67 7.11 -4.93 4.57
C GLU A 67 6.22 -4.61 5.76
N TRP A 68 5.34 -3.64 5.59
CA TRP A 68 4.42 -3.24 6.65
C TRP A 68 3.46 -4.36 7.00
N ARG A 69 2.81 -4.91 5.98
CA ARG A 69 1.85 -6.01 6.18
C ARG A 69 2.54 -7.19 6.85
N ALA A 70 3.71 -7.55 6.35
CA ALA A 70 4.46 -8.68 6.90
C ALA A 70 4.74 -8.47 8.38
N ALA A 71 5.34 -7.34 8.71
CA ALA A 71 5.67 -7.02 10.10
C ALA A 71 4.40 -6.94 10.96
N GLN A 72 3.32 -6.46 10.36
CA GLN A 72 2.05 -6.33 11.06
C GLN A 72 1.47 -7.70 11.39
N GLY A 73 1.81 -8.69 10.58
CA GLY A 73 1.32 -10.04 10.80
C GLY A 73 0.96 -10.74 9.50
N LYS A 74 1.83 -10.62 8.50
CA LYS A 74 1.60 -11.25 7.21
C LYS A 74 2.84 -11.98 6.73
N ASP A 75 3.12 -13.13 7.35
CA ASP A 75 4.29 -13.93 6.98
C ASP A 75 4.26 -14.28 5.50
N PRO A 76 5.45 -14.32 4.88
CA PRO A 76 5.59 -14.65 3.45
C PRO A 76 5.28 -16.11 3.16
N GLY A 77 5.28 -16.93 4.21
CA GLY A 77 5.00 -18.34 4.04
C GLY A 77 5.95 -19.22 4.84
N PRO A 78 6.07 -20.50 4.42
CA PRO A 78 6.94 -21.46 5.09
C PRO A 78 8.42 -21.14 4.89
N SER A 79 9.28 -21.71 5.73
CA SER A 79 10.71 -21.49 5.65
C SER A 79 11.45 -22.79 5.35
N GLU A 80 11.79 -22.99 4.08
CA GLU A 80 12.50 -24.20 3.67
C GLU A 80 13.97 -24.13 4.07
N LYS A 81 14.67 -25.25 3.91
CA LYS A 81 16.09 -25.32 4.25
C LYS A 81 16.95 -25.28 3.00
N GLN A 82 16.67 -24.34 2.12
CA GLN A 82 17.42 -24.19 0.87
C GLN A 82 17.99 -22.78 0.75
N LYS A 83 19.28 -22.65 1.07
CA LYS A 83 19.95 -21.36 0.99
C LYS A 83 21.30 -21.49 0.30
N PRO A 84 21.27 -21.50 -1.05
CA PRO A 84 22.48 -21.61 -1.86
C PRO A 84 23.36 -20.37 -1.79
N VAL A 85 24.66 -20.55 -1.93
CA VAL A 85 25.60 -19.44 -1.88
C VAL A 85 26.49 -19.42 -3.12
N PHE A 86 26.55 -18.26 -3.77
CA PHE A 86 27.37 -18.11 -4.97
C PHE A 86 28.85 -18.01 -4.62
N THR A 87 29.70 -18.50 -5.53
CA THR A 87 31.13 -18.47 -5.32
C THR A 87 31.83 -17.64 -6.38
N SER A 88 32.61 -16.65 -5.93
CA SER A 88 33.34 -15.77 -6.85
C SER A 88 34.68 -16.39 -7.25
N GLY A 89 35.15 -16.03 -8.44
CA GLY A 89 36.43 -16.55 -8.91
C GLY A 89 37.32 -15.47 -9.47
N PRO A 90 37.90 -14.67 -8.58
CA PRO A 90 38.81 -13.58 -8.97
C PRO A 90 40.13 -14.08 -9.52
N SER A 91 40.27 -15.40 -9.60
CA SER A 91 41.49 -16.01 -10.11
C SER A 91 42.70 -15.56 -9.30
N SER A 92 42.59 -15.65 -7.98
CA SER A 92 43.68 -15.25 -7.10
C SER A 92 44.72 -16.36 -6.96
N GLY A 93 45.85 -16.04 -6.36
CA GLY A 93 46.90 -17.01 -6.18
C GLY A 93 47.08 -17.40 -4.72
N GLY A 1 -22.56 -4.82 6.43
CA GLY A 1 -23.72 -5.00 7.29
C GLY A 1 -25.01 -5.15 6.50
N SER A 2 -26.05 -4.43 6.91
CA SER A 2 -27.34 -4.48 6.24
C SER A 2 -27.57 -3.23 5.40
N SER A 3 -27.44 -3.38 4.08
CA SER A 3 -27.64 -2.26 3.17
C SER A 3 -26.92 -1.01 3.68
N GLY A 4 -25.70 -1.20 4.17
CA GLY A 4 -24.93 -0.08 4.69
C GLY A 4 -23.63 0.12 3.95
N SER A 5 -23.69 0.10 2.62
CA SER A 5 -22.50 0.26 1.80
C SER A 5 -22.87 0.40 0.33
N SER A 6 -22.37 1.44 -0.32
CA SER A 6 -22.66 1.69 -1.72
C SER A 6 -21.98 0.65 -2.61
N GLY A 7 -22.67 0.24 -3.66
CA GLY A 7 -22.12 -0.75 -4.58
C GLY A 7 -21.88 -2.09 -3.90
N MET A 8 -21.12 -2.95 -4.55
CA MET A 8 -20.82 -4.27 -4.01
C MET A 8 -19.35 -4.38 -3.61
N PRO A 9 -19.08 -5.10 -2.52
CA PRO A 9 -17.71 -5.29 -2.02
C PRO A 9 -16.88 -6.18 -2.92
N ASN A 10 -15.60 -5.86 -3.05
CA ASN A 10 -14.69 -6.63 -3.88
C ASN A 10 -14.55 -8.06 -3.37
N ARG A 11 -13.96 -8.92 -4.18
CA ARG A 11 -13.76 -10.31 -3.81
C ARG A 11 -12.27 -10.66 -3.80
N LYS A 12 -11.61 -10.48 -4.93
CA LYS A 12 -10.19 -10.78 -5.05
C LYS A 12 -9.38 -9.50 -5.18
N ALA A 13 -8.76 -9.08 -4.09
CA ALA A 13 -7.94 -7.86 -4.08
C ALA A 13 -6.99 -7.84 -2.89
N SER A 14 -6.16 -6.82 -2.83
CA SER A 14 -5.19 -6.68 -1.74
C SER A 14 -4.53 -5.31 -1.78
N ARG A 15 -4.03 -4.87 -0.62
CA ARG A 15 -3.36 -3.58 -0.52
C ARG A 15 -2.07 -3.55 -1.34
N ASN A 16 -1.71 -2.37 -1.82
CA ASN A 16 -0.49 -2.22 -2.62
C ASN A 16 -0.04 -0.76 -2.64
N ALA A 17 1.15 -0.53 -3.18
CA ALA A 17 1.70 0.82 -3.26
C ALA A 17 0.60 1.85 -3.50
N TYR A 18 -0.31 1.53 -4.42
CA TYR A 18 -1.41 2.43 -4.75
C TYR A 18 -2.22 2.78 -3.50
N TYR A 19 -2.69 1.75 -2.80
CA TYR A 19 -3.48 1.95 -1.59
C TYR A 19 -2.79 2.93 -0.64
N PHE A 20 -1.51 2.67 -0.36
CA PHE A 20 -0.74 3.53 0.54
C PHE A 20 -0.72 4.97 0.02
N PHE A 21 -0.59 5.12 -1.29
CA PHE A 21 -0.55 6.43 -1.91
C PHE A 21 -1.85 7.20 -1.65
N VAL A 22 -2.98 6.56 -1.95
CA VAL A 22 -4.28 7.18 -1.74
C VAL A 22 -4.50 7.52 -0.27
N GLN A 23 -4.12 6.61 0.61
CA GLN A 23 -4.28 6.81 2.05
C GLN A 23 -3.62 8.11 2.49
N GLU A 24 -2.45 8.39 1.94
CA GLU A 24 -1.72 9.61 2.28
C GLU A 24 -2.26 10.80 1.48
N LYS A 25 -3.41 10.61 0.86
CA LYS A 25 -4.04 11.67 0.07
C LYS A 25 -5.44 11.95 0.56
N ILE A 26 -6.05 10.97 1.23
CA ILE A 26 -7.40 11.12 1.76
C ILE A 26 -7.60 12.52 2.37
N PRO A 27 -6.77 12.85 3.37
CA PRO A 27 -6.83 14.15 4.05
C PRO A 27 -6.38 15.29 3.15
N GLU A 28 -5.59 14.97 2.14
CA GLU A 28 -5.08 15.97 1.22
C GLU A 28 -6.19 16.47 0.29
N LEU A 29 -7.04 15.55 -0.14
CA LEU A 29 -8.16 15.90 -1.03
C LEU A 29 -9.31 16.50 -0.25
N ARG A 30 -9.61 15.92 0.91
CA ARG A 30 -10.69 16.41 1.75
C ARG A 30 -10.62 17.92 1.92
N ARG A 31 -9.42 18.43 2.18
CA ARG A 31 -9.21 19.86 2.36
C ARG A 31 -9.32 20.59 1.01
N ARG A 32 -8.80 19.96 -0.04
CA ARG A 32 -8.84 20.55 -1.37
C ARG A 32 -10.26 20.97 -1.75
N GLY A 33 -11.21 20.09 -1.46
CA GLY A 33 -12.60 20.38 -1.78
C GLY A 33 -13.26 19.27 -2.57
N LEU A 34 -12.99 18.03 -2.19
CA LEU A 34 -13.56 16.87 -2.87
C LEU A 34 -14.20 15.90 -1.87
N PRO A 35 -15.31 15.29 -2.28
CA PRO A 35 -16.05 14.34 -1.44
C PRO A 35 -15.28 13.03 -1.25
N VAL A 36 -14.37 13.01 -0.28
CA VAL A 36 -13.58 11.83 -0.01
C VAL A 36 -13.68 11.43 1.47
N ALA A 37 -14.37 10.32 1.72
CA ALA A 37 -14.54 9.84 3.08
C ALA A 37 -13.56 8.71 3.40
N ARG A 38 -13.26 7.90 2.39
CA ARG A 38 -12.34 6.79 2.55
C ARG A 38 -11.47 6.60 1.30
N VAL A 39 -10.47 5.74 1.40
CA VAL A 39 -9.59 5.47 0.28
C VAL A 39 -10.38 5.20 -1.00
N ALA A 40 -11.37 4.32 -0.90
CA ALA A 40 -12.20 3.98 -2.06
C ALA A 40 -12.66 5.23 -2.79
N ASP A 41 -12.97 6.27 -2.03
CA ASP A 41 -13.43 7.53 -2.61
C ASP A 41 -12.28 8.28 -3.25
N ALA A 42 -11.10 8.21 -2.63
CA ALA A 42 -9.92 8.88 -3.14
C ALA A 42 -9.24 8.05 -4.23
N ILE A 43 -9.63 6.79 -4.33
CA ILE A 43 -9.07 5.89 -5.33
C ILE A 43 -9.02 6.56 -6.70
N PRO A 44 -10.20 6.98 -7.19
CA PRO A 44 -10.32 7.64 -8.50
C PRO A 44 -9.70 9.04 -8.50
N TYR A 45 -9.84 9.75 -7.37
CA TYR A 45 -9.29 11.09 -7.25
C TYR A 45 -7.79 11.05 -7.05
N CYS A 46 -7.21 9.86 -7.15
CA CYS A 46 -5.78 9.69 -6.98
C CYS A 46 -5.14 9.16 -8.27
N SER A 47 -5.83 8.22 -8.92
CA SER A 47 -5.33 7.63 -10.15
C SER A 47 -4.55 8.65 -10.97
N SER A 48 -5.03 9.89 -10.96
CA SER A 48 -4.38 10.96 -11.72
C SER A 48 -2.98 11.23 -11.17
N ASP A 49 -2.91 11.64 -9.91
CA ASP A 49 -1.63 11.92 -9.28
C ASP A 49 -0.72 10.71 -9.31
N TRP A 50 -1.30 9.53 -9.09
CA TRP A 50 -0.54 8.28 -9.08
C TRP A 50 0.16 8.07 -10.43
N ALA A 51 -0.55 8.35 -11.51
CA ALA A 51 0.00 8.19 -12.85
C ALA A 51 1.21 9.10 -13.06
N LEU A 52 1.29 10.15 -12.26
CA LEU A 52 2.41 11.09 -12.35
C LEU A 52 3.65 10.53 -11.66
N LEU A 53 3.44 9.75 -10.61
CA LEU A 53 4.54 9.15 -9.87
C LEU A 53 5.49 8.41 -10.81
N ARG A 54 6.75 8.32 -10.42
CA ARG A 54 7.76 7.64 -11.22
C ARG A 54 7.90 6.18 -10.79
N GLU A 55 8.51 5.37 -11.65
CA GLU A 55 8.70 3.96 -11.35
C GLU A 55 9.33 3.77 -9.97
N GLU A 56 10.39 4.53 -9.70
CA GLU A 56 11.08 4.46 -8.42
C GLU A 56 10.11 4.68 -7.27
N GLU A 57 9.28 5.71 -7.40
CA GLU A 57 8.29 6.04 -6.36
C GLU A 57 7.35 4.87 -6.12
N LYS A 58 6.71 4.40 -7.19
CA LYS A 58 5.78 3.28 -7.10
C LYS A 58 6.41 2.11 -6.35
N GLU A 59 7.63 1.76 -6.72
CA GLU A 59 8.34 0.65 -6.08
C GLU A 59 8.50 0.91 -4.59
N LYS A 60 8.93 2.11 -4.24
CA LYS A 60 9.12 2.49 -2.84
C LYS A 60 7.84 2.24 -2.03
N TYR A 61 6.73 2.79 -2.51
CA TYR A 61 5.45 2.65 -1.84
C TYR A 61 5.09 1.17 -1.68
N ALA A 62 5.31 0.40 -2.74
CA ALA A 62 5.01 -1.03 -2.71
C ALA A 62 5.89 -1.76 -1.71
N GLU A 63 7.18 -1.40 -1.68
CA GLU A 63 8.12 -2.03 -0.75
C GLU A 63 7.69 -1.82 0.69
N MET A 64 7.50 -0.55 1.06
CA MET A 64 7.08 -0.21 2.42
C MET A 64 5.76 -0.88 2.78
N ALA A 65 4.89 -1.03 1.78
CA ALA A 65 3.59 -1.65 1.98
C ALA A 65 3.75 -3.14 2.30
N ARG A 66 4.55 -3.83 1.52
CA ARG A 66 4.78 -5.26 1.72
C ARG A 66 5.40 -5.52 3.09
N GLU A 67 6.44 -4.75 3.41
CA GLU A 67 7.14 -4.90 4.69
C GLU A 67 6.19 -4.66 5.85
N TRP A 68 5.34 -3.65 5.71
CA TRP A 68 4.37 -3.31 6.76
C TRP A 68 3.38 -4.44 6.97
N ARG A 69 2.89 -5.01 5.88
CA ARG A 69 1.93 -6.11 5.96
C ARG A 69 2.55 -7.33 6.64
N ALA A 70 3.82 -7.59 6.33
CA ALA A 70 4.53 -8.72 6.92
C ALA A 70 4.72 -8.53 8.42
N ALA A 71 5.20 -7.36 8.80
CA ALA A 71 5.44 -7.04 10.21
C ALA A 71 4.12 -6.98 10.98
N GLN A 72 3.09 -6.45 10.34
CA GLN A 72 1.78 -6.33 10.97
C GLN A 72 1.12 -7.70 11.11
N GLY A 73 1.50 -8.63 10.24
CA GLY A 73 0.94 -9.97 10.28
C GLY A 73 1.64 -10.86 11.30
N LYS A 74 2.96 -10.92 11.21
CA LYS A 74 3.76 -11.74 12.11
C LYS A 74 3.65 -11.21 13.55
N ASP A 75 2.78 -11.84 14.34
CA ASP A 75 2.59 -11.45 15.73
C ASP A 75 3.16 -12.49 16.68
N PRO A 76 3.80 -12.02 17.76
CA PRO A 76 4.41 -12.89 18.77
C PRO A 76 3.36 -13.65 19.59
N GLY A 77 2.09 -13.40 19.28
CA GLY A 77 1.01 -14.06 20.01
C GLY A 77 0.60 -15.37 19.37
N PRO A 78 0.34 -16.38 20.21
CA PRO A 78 -0.08 -17.70 19.73
C PRO A 78 -1.47 -17.70 19.11
N SER A 79 -2.12 -16.54 19.13
CA SER A 79 -3.46 -16.40 18.58
C SER A 79 -3.62 -17.26 17.33
N GLU A 80 -2.89 -16.92 16.28
CA GLU A 80 -2.95 -17.67 15.03
C GLU A 80 -1.70 -17.44 14.20
N LYS A 81 -1.49 -18.29 13.20
CA LYS A 81 -0.34 -18.18 12.32
C LYS A 81 -0.71 -17.54 10.99
N GLN A 82 -1.78 -18.02 10.39
CA GLN A 82 -2.25 -17.50 9.11
C GLN A 82 -3.20 -16.33 9.32
N LYS A 83 -3.27 -15.43 8.34
CA LYS A 83 -4.15 -14.27 8.41
C LYS A 83 -5.61 -14.69 8.23
N PRO A 84 -6.49 -14.06 9.02
CA PRO A 84 -7.94 -14.34 8.97
C PRO A 84 -8.58 -13.83 7.68
N VAL A 85 -9.09 -14.76 6.88
CA VAL A 85 -9.74 -14.41 5.62
C VAL A 85 -11.06 -15.15 5.46
N PHE A 86 -12.11 -14.40 5.13
CA PHE A 86 -13.44 -14.98 4.94
C PHE A 86 -13.75 -15.15 3.46
N THR A 87 -14.08 -16.37 3.06
CA THR A 87 -14.40 -16.67 1.68
C THR A 87 -15.90 -16.70 1.45
N SER A 88 -16.46 -15.60 0.97
CA SER A 88 -17.89 -15.50 0.72
C SER A 88 -18.32 -16.50 -0.34
N GLY A 89 -19.60 -16.87 -0.31
CA GLY A 89 -20.11 -17.83 -1.27
C GLY A 89 -20.28 -19.21 -0.69
N PRO A 90 -20.40 -20.23 -1.57
CA PRO A 90 -20.55 -21.62 -1.16
C PRO A 90 -19.29 -22.19 -0.52
N SER A 91 -19.43 -23.31 0.18
CA SER A 91 -18.31 -23.95 0.84
C SER A 91 -17.44 -24.71 -0.18
N SER A 92 -18.09 -25.51 -1.01
CA SER A 92 -17.39 -26.29 -2.03
C SER A 92 -16.20 -27.03 -1.42
N GLY A 93 -16.40 -27.60 -0.23
CA GLY A 93 -15.35 -28.33 0.44
C GLY A 93 -15.68 -28.66 1.87
N GLY A 1 22.46 -1.06 4.04
CA GLY A 1 21.24 -1.51 3.40
C GLY A 1 20.49 -2.52 4.25
N SER A 2 19.59 -2.04 5.09
CA SER A 2 18.81 -2.91 5.97
C SER A 2 18.09 -3.99 5.16
N SER A 3 18.55 -5.23 5.31
CA SER A 3 17.96 -6.35 4.59
C SER A 3 18.27 -7.66 5.28
N GLY A 4 17.24 -8.49 5.47
CA GLY A 4 17.42 -9.77 6.11
C GLY A 4 17.41 -10.93 5.14
N SER A 5 16.24 -11.57 4.99
CA SER A 5 16.11 -12.70 4.08
C SER A 5 14.79 -12.62 3.32
N SER A 6 14.62 -13.54 2.36
CA SER A 6 13.40 -13.57 1.56
C SER A 6 12.29 -14.31 2.29
N GLY A 7 11.04 -13.94 1.98
CA GLY A 7 9.90 -14.57 2.62
C GLY A 7 9.13 -15.46 1.67
N MET A 8 7.83 -15.21 1.56
CA MET A 8 6.97 -16.00 0.68
C MET A 8 6.10 -15.09 -0.18
N PRO A 9 5.91 -15.48 -1.46
CA PRO A 9 5.10 -14.72 -2.41
C PRO A 9 3.62 -14.78 -2.07
N ASN A 10 2.99 -13.60 -1.98
CA ASN A 10 1.57 -13.52 -1.66
C ASN A 10 0.75 -13.23 -2.92
N ARG A 11 -0.55 -13.50 -2.84
CA ARG A 11 -1.45 -13.27 -3.97
C ARG A 11 -2.79 -12.72 -3.50
N LYS A 12 -3.60 -12.26 -4.45
CA LYS A 12 -4.91 -11.72 -4.13
C LYS A 12 -4.83 -10.73 -2.97
N ALA A 13 -3.83 -9.85 -3.03
CA ALA A 13 -3.64 -8.85 -1.98
C ALA A 13 -4.71 -7.77 -2.04
N SER A 14 -4.99 -7.15 -0.91
CA SER A 14 -6.00 -6.10 -0.84
C SER A 14 -5.35 -4.72 -0.79
N ARG A 15 -4.29 -4.59 0.01
CA ARG A 15 -3.58 -3.33 0.14
C ARG A 15 -2.24 -3.38 -0.60
N ASN A 16 -1.99 -2.36 -1.41
CA ASN A 16 -0.74 -2.29 -2.17
C ASN A 16 -0.24 -0.85 -2.25
N ALA A 17 0.90 -0.66 -2.92
CA ALA A 17 1.49 0.66 -3.07
C ALA A 17 0.42 1.71 -3.34
N TYR A 18 -0.48 1.40 -4.27
CA TYR A 18 -1.56 2.33 -4.61
C TYR A 18 -2.39 2.70 -3.39
N TYR A 19 -2.86 1.69 -2.68
CA TYR A 19 -3.66 1.91 -1.47
C TYR A 19 -2.93 2.83 -0.50
N PHE A 20 -1.67 2.52 -0.24
CA PHE A 20 -0.87 3.32 0.68
C PHE A 20 -0.81 4.79 0.23
N PHE A 21 -0.70 5.00 -1.07
CA PHE A 21 -0.65 6.34 -1.63
C PHE A 21 -2.00 7.04 -1.49
N VAL A 22 -3.06 6.41 -1.99
CA VAL A 22 -4.39 6.98 -1.93
C VAL A 22 -4.80 7.25 -0.48
N GLN A 23 -4.38 6.37 0.43
CA GLN A 23 -4.70 6.53 1.84
C GLN A 23 -4.01 7.76 2.42
N GLU A 24 -2.79 8.03 1.95
CA GLU A 24 -2.03 9.18 2.42
C GLU A 24 -2.46 10.45 1.71
N LYS A 25 -3.53 10.35 0.92
CA LYS A 25 -4.04 11.51 0.18
C LYS A 25 -5.46 11.83 0.63
N ILE A 26 -6.15 10.85 1.21
CA ILE A 26 -7.51 11.04 1.67
C ILE A 26 -7.69 12.41 2.30
N PRO A 27 -6.90 12.70 3.35
CA PRO A 27 -6.94 13.98 4.06
C PRO A 27 -6.40 15.13 3.21
N GLU A 28 -5.57 14.79 2.23
CA GLU A 28 -4.98 15.80 1.36
C GLU A 28 -6.03 16.37 0.41
N LEU A 29 -7.02 15.56 0.07
CA LEU A 29 -8.09 15.98 -0.83
C LEU A 29 -9.18 16.72 -0.07
N ARG A 30 -9.56 16.19 1.08
CA ARG A 30 -10.59 16.80 1.91
C ARG A 30 -10.39 18.32 2.00
N ARG A 31 -9.14 18.73 2.10
CA ARG A 31 -8.81 20.15 2.20
C ARG A 31 -8.93 20.84 0.83
N ARG A 32 -8.67 20.06 -0.22
CA ARG A 32 -8.75 20.60 -1.58
C ARG A 32 -10.17 21.03 -1.91
N GLY A 33 -11.14 20.20 -1.52
CA GLY A 33 -12.53 20.52 -1.79
C GLY A 33 -13.24 19.43 -2.57
N LEU A 34 -13.00 18.17 -2.19
CA LEU A 34 -13.62 17.04 -2.85
C LEU A 34 -14.25 16.09 -1.84
N PRO A 35 -15.40 15.52 -2.23
CA PRO A 35 -16.13 14.58 -1.37
C PRO A 35 -15.41 13.25 -1.21
N VAL A 36 -14.48 13.20 -0.27
CA VAL A 36 -13.71 11.99 -0.02
C VAL A 36 -13.87 11.53 1.43
N ALA A 37 -14.49 10.37 1.61
CA ALA A 37 -14.71 9.81 2.94
C ALA A 37 -13.72 8.68 3.23
N ARG A 38 -13.38 7.91 2.21
CA ARG A 38 -12.46 6.80 2.35
C ARG A 38 -11.60 6.64 1.10
N VAL A 39 -10.73 5.63 1.11
CA VAL A 39 -9.86 5.36 -0.03
C VAL A 39 -10.65 5.18 -1.31
N ALA A 40 -11.60 4.25 -1.29
CA ALA A 40 -12.43 3.99 -2.46
C ALA A 40 -12.91 5.29 -3.10
N ASP A 41 -13.07 6.32 -2.27
CA ASP A 41 -13.53 7.62 -2.76
C ASP A 41 -12.37 8.40 -3.37
N ALA A 42 -11.23 8.39 -2.69
CA ALA A 42 -10.05 9.10 -3.17
C ALA A 42 -9.28 8.25 -4.18
N ILE A 43 -9.83 7.10 -4.53
CA ILE A 43 -9.19 6.20 -5.48
C ILE A 43 -9.07 6.85 -6.86
N PRO A 44 -10.22 7.25 -7.43
CA PRO A 44 -10.26 7.89 -8.75
C PRO A 44 -9.67 9.29 -8.73
N TYR A 45 -9.99 10.06 -7.69
CA TYR A 45 -9.49 11.42 -7.56
C TYR A 45 -7.97 11.44 -7.49
N CYS A 46 -7.38 10.25 -7.34
CA CYS A 46 -5.92 10.13 -7.25
C CYS A 46 -5.37 9.43 -8.49
N SER A 47 -6.20 8.60 -9.12
CA SER A 47 -5.79 7.85 -10.30
C SER A 47 -4.90 8.71 -11.20
N SER A 48 -5.15 10.03 -11.18
CA SER A 48 -4.36 10.95 -11.99
C SER A 48 -3.01 11.23 -11.36
N ASP A 49 -3.03 11.62 -10.08
CA ASP A 49 -1.80 11.91 -9.36
C ASP A 49 -0.88 10.69 -9.33
N TRP A 50 -1.44 9.54 -9.00
CA TRP A 50 -0.67 8.30 -8.94
C TRP A 50 0.05 8.04 -10.25
N ALA A 51 -0.58 8.43 -11.36
CA ALA A 51 0.00 8.25 -12.68
C ALA A 51 1.19 9.18 -12.90
N LEU A 52 1.23 10.26 -12.12
CA LEU A 52 2.31 11.23 -12.23
C LEU A 52 3.58 10.72 -11.54
N LEU A 53 3.41 9.78 -10.62
CA LEU A 53 4.53 9.21 -9.89
C LEU A 53 5.49 8.49 -10.84
N ARG A 54 6.69 8.22 -10.36
CA ARG A 54 7.70 7.52 -11.16
C ARG A 54 7.92 6.11 -10.64
N GLU A 55 8.53 5.27 -11.47
CA GLU A 55 8.82 3.89 -11.10
C GLU A 55 9.40 3.81 -9.69
N GLU A 56 10.35 4.69 -9.40
CA GLU A 56 11.00 4.73 -8.09
C GLU A 56 9.97 4.89 -6.98
N GLU A 57 9.08 5.86 -7.15
CA GLU A 57 8.04 6.11 -6.15
C GLU A 57 7.17 4.88 -5.95
N LYS A 58 6.62 4.36 -7.05
CA LYS A 58 5.77 3.19 -7.00
C LYS A 58 6.45 2.04 -6.25
N GLU A 59 7.72 1.81 -6.57
CA GLU A 59 8.49 0.75 -5.94
C GLU A 59 8.62 1.01 -4.44
N LYS A 60 8.85 2.26 -4.07
CA LYS A 60 8.99 2.64 -2.67
C LYS A 60 7.73 2.28 -1.88
N TYR A 61 6.59 2.71 -2.40
CA TYR A 61 5.31 2.43 -1.74
C TYR A 61 5.06 0.93 -1.64
N ALA A 62 5.44 0.21 -2.69
CA ALA A 62 5.25 -1.24 -2.72
C ALA A 62 6.15 -1.93 -1.69
N GLU A 63 7.37 -1.41 -1.52
CA GLU A 63 8.32 -1.98 -0.58
C GLU A 63 7.84 -1.78 0.85
N MET A 64 7.55 -0.54 1.21
CA MET A 64 7.08 -0.21 2.55
C MET A 64 5.76 -0.91 2.86
N ALA A 65 4.94 -1.09 1.81
CA ALA A 65 3.64 -1.75 1.96
C ALA A 65 3.82 -3.23 2.31
N ARG A 66 4.56 -3.94 1.47
CA ARG A 66 4.80 -5.36 1.68
C ARG A 66 5.44 -5.61 3.06
N GLU A 67 6.58 -4.95 3.29
CA GLU A 67 7.29 -5.10 4.55
C GLU A 67 6.38 -4.80 5.74
N TRP A 68 5.51 -3.81 5.57
CA TRP A 68 4.58 -3.41 6.62
C TRP A 68 3.62 -4.55 6.94
N ARG A 69 2.97 -5.09 5.91
CA ARG A 69 2.03 -6.18 6.10
C ARG A 69 2.69 -7.36 6.78
N ALA A 70 3.89 -7.71 6.34
CA ALA A 70 4.63 -8.83 6.92
C ALA A 70 4.95 -8.57 8.39
N ALA A 71 5.53 -7.40 8.67
CA ALA A 71 5.89 -7.03 10.03
C ALA A 71 4.65 -7.00 10.94
N GLN A 72 3.52 -6.60 10.36
CA GLN A 72 2.28 -6.52 11.10
C GLN A 72 1.61 -7.90 11.21
N GLY A 73 2.00 -8.80 10.32
CA GLY A 73 1.43 -10.14 10.33
C GLY A 73 2.08 -11.03 11.37
N LYS A 74 3.40 -11.02 11.42
CA LYS A 74 4.14 -11.83 12.37
C LYS A 74 3.59 -13.26 12.42
N ASP A 75 3.33 -13.83 11.25
CA ASP A 75 2.80 -15.19 11.15
C ASP A 75 3.92 -16.21 11.28
N PRO A 76 3.59 -17.36 11.88
CA PRO A 76 4.55 -18.46 12.07
C PRO A 76 4.93 -19.13 10.76
N GLY A 77 4.22 -18.79 9.69
CA GLY A 77 4.49 -19.37 8.39
C GLY A 77 3.58 -20.54 8.07
N PRO A 78 3.25 -20.71 6.79
CA PRO A 78 2.37 -21.79 6.33
C PRO A 78 3.03 -23.16 6.44
N SER A 79 4.24 -23.27 5.91
CA SER A 79 4.97 -24.53 5.95
C SER A 79 5.44 -24.84 7.37
N GLU A 80 5.67 -26.13 7.64
CA GLU A 80 6.11 -26.56 8.96
C GLU A 80 7.36 -25.78 9.39
N LYS A 81 7.61 -25.74 10.69
CA LYS A 81 8.78 -25.05 11.23
C LYS A 81 9.78 -26.03 11.83
N GLN A 82 10.97 -26.08 11.26
CA GLN A 82 12.02 -26.97 11.74
C GLN A 82 12.78 -26.35 12.90
N LYS A 83 12.43 -26.73 14.12
CA LYS A 83 13.09 -26.21 15.31
C LYS A 83 12.71 -27.03 16.54
N PRO A 84 13.71 -27.38 17.36
CA PRO A 84 13.51 -28.15 18.58
C PRO A 84 12.77 -27.36 19.66
N VAL A 85 12.28 -28.06 20.67
CA VAL A 85 11.55 -27.42 21.77
C VAL A 85 12.06 -27.91 23.12
N PHE A 86 12.17 -27.00 24.07
CA PHE A 86 12.65 -27.33 25.41
C PHE A 86 12.14 -26.32 26.43
N THR A 87 12.24 -26.69 27.72
CA THR A 87 11.79 -25.82 28.79
C THR A 87 12.91 -25.57 29.79
N SER A 88 13.15 -24.30 30.11
CA SER A 88 14.19 -23.92 31.05
C SER A 88 13.62 -23.06 32.18
N GLY A 89 13.33 -23.70 33.31
CA GLY A 89 12.79 -22.98 34.44
C GLY A 89 13.86 -22.33 35.30
N PRO A 90 13.54 -21.19 35.91
CA PRO A 90 14.47 -20.45 36.76
C PRO A 90 14.76 -21.18 38.07
N SER A 91 15.91 -20.88 38.67
CA SER A 91 16.31 -21.52 39.92
C SER A 91 15.71 -20.78 41.11
N SER A 92 15.73 -19.44 41.06
CA SER A 92 15.20 -18.63 42.13
C SER A 92 13.71 -18.92 42.36
N GLY A 93 13.10 -18.20 43.30
CA GLY A 93 11.70 -18.40 43.59
C GLY A 93 11.42 -18.44 45.08
N GLY A 1 2.50 -15.53 -7.13
CA GLY A 1 1.46 -15.72 -8.12
C GLY A 1 1.57 -17.04 -8.85
N SER A 2 0.54 -17.87 -8.73
CA SER A 2 0.53 -19.17 -9.38
C SER A 2 0.75 -19.03 -10.89
N SER A 3 0.78 -20.16 -11.59
CA SER A 3 0.98 -20.16 -13.03
C SER A 3 -0.34 -19.98 -13.76
N GLY A 4 -1.41 -20.58 -13.21
CA GLY A 4 -2.71 -20.48 -13.82
C GLY A 4 -3.81 -20.21 -12.81
N SER A 5 -3.92 -18.97 -12.37
CA SER A 5 -4.93 -18.59 -11.39
C SER A 5 -5.23 -17.09 -11.48
N SER A 6 -6.47 -16.73 -11.14
CA SER A 6 -6.89 -15.34 -11.18
C SER A 6 -6.86 -14.71 -9.79
N GLY A 7 -7.06 -15.54 -8.77
CA GLY A 7 -7.07 -15.05 -7.40
C GLY A 7 -8.35 -14.33 -7.04
N MET A 8 -8.54 -14.08 -5.75
CA MET A 8 -9.73 -13.39 -5.27
C MET A 8 -9.58 -11.88 -5.40
N PRO A 9 -10.68 -11.20 -5.73
CA PRO A 9 -10.70 -9.74 -5.91
C PRO A 9 -10.52 -9.01 -4.58
N ASN A 10 -10.44 -7.68 -4.65
CA ASN A 10 -10.28 -6.86 -3.46
C ASN A 10 -11.61 -6.68 -2.73
N ARG A 11 -11.96 -7.66 -1.90
CA ARG A 11 -13.21 -7.61 -1.14
C ARG A 11 -12.94 -7.67 0.35
N LYS A 12 -12.23 -8.71 0.79
CA LYS A 12 -11.90 -8.89 2.19
C LYS A 12 -10.88 -7.86 2.65
N ALA A 13 -9.70 -7.88 2.02
CA ALA A 13 -8.64 -6.95 2.35
C ALA A 13 -7.51 -7.02 1.33
N SER A 14 -7.20 -5.87 0.73
CA SER A 14 -6.15 -5.80 -0.28
C SER A 14 -5.48 -4.43 -0.26
N ARG A 15 -4.21 -4.40 0.15
CA ARG A 15 -3.47 -3.14 0.21
C ARG A 15 -2.18 -3.24 -0.60
N ASN A 16 -1.91 -2.23 -1.40
CA ASN A 16 -0.71 -2.19 -2.23
C ASN A 16 -0.16 -0.78 -2.35
N ALA A 17 1.00 -0.66 -2.98
CA ALA A 17 1.64 0.64 -3.15
C ALA A 17 0.61 1.74 -3.39
N TYR A 18 -0.33 1.48 -4.29
CA TYR A 18 -1.38 2.43 -4.62
C TYR A 18 -2.19 2.79 -3.37
N TYR A 19 -2.69 1.76 -2.69
CA TYR A 19 -3.49 1.98 -1.48
C TYR A 19 -2.80 2.95 -0.54
N PHE A 20 -1.52 2.70 -0.26
CA PHE A 20 -0.74 3.55 0.62
C PHE A 20 -0.73 4.99 0.11
N PHE A 21 -0.54 5.14 -1.19
CA PHE A 21 -0.50 6.47 -1.81
C PHE A 21 -1.82 7.21 -1.58
N VAL A 22 -2.93 6.58 -1.94
CA VAL A 22 -4.24 7.18 -1.77
C VAL A 22 -4.53 7.47 -0.30
N GLN A 23 -4.04 6.60 0.58
CA GLN A 23 -4.25 6.76 2.00
C GLN A 23 -3.64 8.07 2.50
N GLU A 24 -2.48 8.42 1.97
CA GLU A 24 -1.80 9.64 2.35
C GLU A 24 -2.35 10.84 1.59
N LYS A 25 -3.40 10.61 0.80
CA LYS A 25 -4.03 11.66 0.02
C LYS A 25 -5.48 11.87 0.46
N ILE A 26 -6.04 10.87 1.13
CA ILE A 26 -7.42 10.95 1.61
C ILE A 26 -7.69 12.29 2.29
N PRO A 27 -6.91 12.60 3.33
CA PRO A 27 -7.05 13.85 4.08
C PRO A 27 -6.61 15.06 3.28
N GLU A 28 -5.75 14.84 2.29
CA GLU A 28 -5.26 15.91 1.43
C GLU A 28 -6.35 16.42 0.50
N LEU A 29 -7.14 15.49 -0.03
CA LEU A 29 -8.22 15.84 -0.94
C LEU A 29 -9.41 16.43 -0.17
N ARG A 30 -9.64 15.91 1.02
CA ARG A 30 -10.73 16.39 1.86
C ARG A 30 -10.62 17.89 2.11
N ARG A 31 -9.39 18.36 2.27
CA ARG A 31 -9.14 19.78 2.52
C ARG A 31 -9.20 20.58 1.22
N ARG A 32 -8.85 19.93 0.12
CA ARG A 32 -8.86 20.58 -1.19
C ARG A 32 -10.26 21.04 -1.56
N GLY A 33 -11.25 20.18 -1.31
CA GLY A 33 -12.62 20.52 -1.61
C GLY A 33 -13.31 19.46 -2.45
N LEU A 34 -13.09 18.19 -2.09
CA LEU A 34 -13.69 17.07 -2.82
C LEU A 34 -14.32 16.08 -1.85
N PRO A 35 -15.45 15.50 -2.26
CA PRO A 35 -16.18 14.52 -1.46
C PRO A 35 -15.43 13.19 -1.32
N VAL A 36 -14.54 13.12 -0.35
CA VAL A 36 -13.76 11.91 -0.12
C VAL A 36 -13.91 11.42 1.31
N ALA A 37 -14.36 10.17 1.47
CA ALA A 37 -14.55 9.59 2.78
C ALA A 37 -13.46 8.55 3.09
N ARG A 38 -12.95 7.93 2.03
CA ARG A 38 -11.90 6.92 2.18
C ARG A 38 -11.23 6.63 0.84
N VAL A 39 -10.19 5.81 0.89
CA VAL A 39 -9.45 5.46 -0.32
C VAL A 39 -10.39 5.26 -1.50
N ALA A 40 -11.28 4.27 -1.38
CA ALA A 40 -12.24 3.97 -2.43
C ALA A 40 -12.74 5.26 -3.10
N ASP A 41 -12.96 6.29 -2.30
CA ASP A 41 -13.44 7.57 -2.81
C ASP A 41 -12.30 8.36 -3.43
N ALA A 42 -11.14 8.35 -2.76
CA ALA A 42 -9.97 9.06 -3.26
C ALA A 42 -9.23 8.25 -4.31
N ILE A 43 -9.77 7.08 -4.64
CA ILE A 43 -9.17 6.20 -5.63
C ILE A 43 -9.07 6.90 -6.99
N PRO A 44 -10.23 7.31 -7.52
CA PRO A 44 -10.30 8.00 -8.81
C PRO A 44 -9.71 9.41 -8.76
N TYR A 45 -9.92 10.09 -7.64
CA TYR A 45 -9.41 11.44 -7.47
C TYR A 45 -7.89 11.44 -7.32
N CYS A 46 -7.30 10.25 -7.36
CA CYS A 46 -5.86 10.10 -7.23
C CYS A 46 -5.26 9.47 -8.49
N SER A 47 -6.02 8.57 -9.10
CA SER A 47 -5.56 7.89 -10.31
C SER A 47 -4.77 8.83 -11.20
N SER A 48 -5.10 10.12 -11.14
CA SER A 48 -4.42 11.12 -11.94
C SER A 48 -3.03 11.40 -11.39
N ASP A 49 -2.95 11.73 -10.12
CA ASP A 49 -1.68 12.02 -9.46
C ASP A 49 -0.76 10.80 -9.50
N TRP A 50 -1.34 9.63 -9.22
CA TRP A 50 -0.57 8.38 -9.21
C TRP A 50 0.09 8.16 -10.56
N ALA A 51 -0.57 8.58 -11.63
CA ALA A 51 -0.03 8.42 -12.97
C ALA A 51 1.19 9.30 -13.19
N LEU A 52 1.39 10.25 -12.29
CA LEU A 52 2.53 11.16 -12.37
C LEU A 52 3.76 10.56 -11.70
N LEU A 53 3.53 9.64 -10.77
CA LEU A 53 4.62 9.00 -10.04
C LEU A 53 5.52 8.23 -11.00
N ARG A 54 6.75 7.96 -10.56
CA ARG A 54 7.71 7.23 -11.39
C ARG A 54 7.90 5.81 -10.87
N GLU A 55 8.46 4.95 -11.70
CA GLU A 55 8.70 3.56 -11.33
C GLU A 55 9.33 3.47 -9.94
N GLU A 56 10.37 4.28 -9.71
CA GLU A 56 11.06 4.28 -8.43
C GLU A 56 10.08 4.51 -7.29
N GLU A 57 9.26 5.55 -7.40
CA GLU A 57 8.28 5.86 -6.38
C GLU A 57 7.35 4.68 -6.12
N LYS A 58 6.73 4.19 -7.19
CA LYS A 58 5.82 3.06 -7.09
C LYS A 58 6.45 1.91 -6.32
N GLU A 59 7.69 1.59 -6.67
CA GLU A 59 8.42 0.51 -6.00
C GLU A 59 8.53 0.78 -4.50
N LYS A 60 9.03 1.95 -4.15
CA LYS A 60 9.20 2.34 -2.75
C LYS A 60 7.90 2.10 -1.97
N TYR A 61 6.81 2.69 -2.46
CA TYR A 61 5.52 2.55 -1.80
C TYR A 61 5.16 1.08 -1.63
N ALA A 62 5.43 0.28 -2.65
CA ALA A 62 5.14 -1.15 -2.61
C ALA A 62 5.99 -1.86 -1.57
N GLU A 63 7.26 -1.48 -1.49
CA GLU A 63 8.19 -2.08 -0.54
C GLU A 63 7.70 -1.86 0.89
N MET A 64 7.39 -0.60 1.21
CA MET A 64 6.93 -0.25 2.54
C MET A 64 5.58 -0.92 2.84
N ALA A 65 4.78 -1.10 1.81
CA ALA A 65 3.46 -1.73 1.96
C ALA A 65 3.60 -3.19 2.36
N ARG A 66 4.31 -3.96 1.54
CA ARG A 66 4.51 -5.38 1.80
C ARG A 66 5.21 -5.59 3.14
N GLU A 67 6.37 -4.96 3.31
CA GLU A 67 7.13 -5.08 4.54
C GLU A 67 6.26 -4.76 5.75
N TRP A 68 5.44 -3.72 5.63
CA TRP A 68 4.55 -3.31 6.71
C TRP A 68 3.56 -4.42 7.05
N ARG A 69 2.88 -4.94 6.03
CA ARG A 69 1.92 -6.01 6.23
C ARG A 69 2.55 -7.23 6.89
N ALA A 70 3.77 -7.55 6.45
CA ALA A 70 4.50 -8.69 6.99
C ALA A 70 4.87 -8.45 8.46
N ALA A 71 5.45 -7.29 8.74
CA ALA A 71 5.85 -6.94 10.10
C ALA A 71 4.65 -6.90 11.02
N GLN A 72 3.49 -6.54 10.48
CA GLN A 72 2.26 -6.46 11.27
C GLN A 72 1.65 -7.84 11.47
N GLY A 73 1.94 -8.75 10.54
CA GLY A 73 1.41 -10.10 10.63
C GLY A 73 1.47 -10.83 9.31
N LYS A 74 2.66 -11.28 8.93
CA LYS A 74 2.85 -12.00 7.68
C LYS A 74 1.82 -13.13 7.55
N ASP A 75 1.65 -13.62 6.32
CA ASP A 75 0.70 -14.70 6.06
C ASP A 75 1.43 -16.04 5.93
N PRO A 76 0.83 -17.09 6.50
CA PRO A 76 1.41 -18.44 6.46
C PRO A 76 1.37 -19.05 5.07
N GLY A 77 0.83 -18.30 4.11
CA GLY A 77 0.74 -18.77 2.74
C GLY A 77 2.10 -19.16 2.18
N PRO A 78 2.19 -19.24 0.85
CA PRO A 78 3.42 -19.60 0.15
C PRO A 78 4.48 -18.50 0.25
N SER A 79 4.13 -17.40 0.92
CA SER A 79 5.04 -16.28 1.08
C SER A 79 6.34 -16.73 1.76
N GLU A 80 7.38 -15.93 1.60
CA GLU A 80 8.68 -16.25 2.20
C GLU A 80 8.83 -15.54 3.55
N LYS A 81 9.58 -16.18 4.45
CA LYS A 81 9.80 -15.63 5.77
C LYS A 81 11.29 -15.35 6.00
N GLN A 82 11.67 -14.08 5.95
CA GLN A 82 13.06 -13.69 6.15
C GLN A 82 13.28 -13.16 7.57
N LYS A 83 14.49 -13.34 8.08
CA LYS A 83 14.83 -12.88 9.43
C LYS A 83 14.49 -11.41 9.61
N PRO A 84 14.02 -11.05 10.80
CA PRO A 84 13.65 -9.66 11.13
C PRO A 84 14.86 -8.74 11.20
N VAL A 85 14.67 -7.48 10.81
CA VAL A 85 15.74 -6.49 10.84
C VAL A 85 15.66 -5.61 12.07
N PHE A 86 16.67 -5.70 12.92
CA PHE A 86 16.72 -4.90 14.14
C PHE A 86 17.97 -4.02 14.18
N THR A 87 17.90 -2.95 14.98
CA THR A 87 19.02 -2.03 15.10
C THR A 87 18.80 -1.05 16.24
N SER A 88 19.88 -0.47 16.75
CA SER A 88 19.80 0.49 17.84
C SER A 88 20.18 1.89 17.37
N GLY A 89 19.70 2.90 18.07
CA GLY A 89 20.00 4.27 17.71
C GLY A 89 21.18 4.84 18.47
N PRO A 90 21.95 5.70 17.81
CA PRO A 90 23.13 6.32 18.42
C PRO A 90 22.77 7.33 19.51
N SER A 91 22.93 6.91 20.76
CA SER A 91 22.61 7.78 21.90
C SER A 91 23.09 9.21 21.65
N SER A 92 24.25 9.33 21.02
CA SER A 92 24.82 10.64 20.72
C SER A 92 24.94 11.48 22.00
N GLY A 93 25.29 10.82 23.10
CA GLY A 93 25.44 11.52 24.36
C GLY A 93 24.32 11.21 25.34
N GLY A 1 12.29 -13.56 11.46
CA GLY A 1 12.23 -12.84 10.20
C GLY A 1 13.03 -13.50 9.11
N SER A 2 12.46 -13.54 7.90
CA SER A 2 13.13 -14.16 6.76
C SER A 2 12.54 -13.65 5.45
N SER A 3 13.30 -13.80 4.36
CA SER A 3 12.87 -13.35 3.05
C SER A 3 11.76 -14.25 2.51
N GLY A 4 10.62 -13.64 2.18
CA GLY A 4 9.50 -14.39 1.65
C GLY A 4 8.30 -13.52 1.32
N SER A 5 7.15 -13.85 1.87
CA SER A 5 5.93 -13.09 1.62
C SER A 5 5.63 -13.02 0.13
N SER A 6 5.82 -14.14 -0.56
CA SER A 6 5.57 -14.21 -2.00
C SER A 6 5.11 -15.60 -2.41
N GLY A 7 4.78 -15.76 -3.69
CA GLY A 7 4.33 -17.05 -4.18
C GLY A 7 3.49 -16.91 -5.44
N MET A 8 2.43 -17.73 -5.52
CA MET A 8 1.55 -17.70 -6.68
C MET A 8 1.03 -16.29 -6.94
N PRO A 9 0.74 -15.99 -8.21
CA PRO A 9 0.23 -14.68 -8.62
C PRO A 9 -1.20 -14.42 -8.13
N ASN A 10 -1.88 -15.50 -7.78
CA ASN A 10 -3.26 -15.40 -7.30
C ASN A 10 -3.30 -14.77 -5.91
N ARG A 11 -3.99 -13.63 -5.80
CA ARG A 11 -4.11 -12.93 -4.54
C ARG A 11 -5.36 -12.05 -4.51
N LYS A 12 -5.89 -11.81 -3.32
CA LYS A 12 -7.08 -10.99 -3.16
C LYS A 12 -6.72 -9.53 -2.91
N ALA A 13 -7.72 -8.67 -2.88
CA ALA A 13 -7.51 -7.25 -2.65
C ALA A 13 -6.67 -7.02 -1.39
N SER A 14 -5.47 -6.46 -1.59
CA SER A 14 -4.57 -6.20 -0.47
C SER A 14 -3.94 -4.82 -0.60
N ARG A 15 -3.71 -4.17 0.54
CA ARG A 15 -3.12 -2.84 0.56
C ARG A 15 -1.77 -2.84 -0.18
N ASN A 16 -1.72 -2.13 -1.31
CA ASN A 16 -0.51 -2.04 -2.10
C ASN A 16 -0.05 -0.59 -2.25
N ALA A 17 1.12 -0.40 -2.84
CA ALA A 17 1.66 0.93 -3.05
C ALA A 17 0.55 1.94 -3.35
N TYR A 18 -0.31 1.59 -4.29
CA TYR A 18 -1.41 2.46 -4.68
C TYR A 18 -2.24 2.86 -3.46
N TYR A 19 -2.56 1.87 -2.61
CA TYR A 19 -3.35 2.11 -1.42
C TYR A 19 -2.63 3.06 -0.47
N PHE A 20 -1.33 2.84 -0.29
CA PHE A 20 -0.52 3.67 0.60
C PHE A 20 -0.45 5.10 0.06
N PHE A 21 -0.58 5.25 -1.26
CA PHE A 21 -0.51 6.56 -1.89
C PHE A 21 -1.85 7.29 -1.76
N VAL A 22 -2.94 6.53 -1.86
CA VAL A 22 -4.29 7.10 -1.74
C VAL A 22 -4.60 7.48 -0.30
N GLN A 23 -4.21 6.62 0.63
CA GLN A 23 -4.46 6.86 2.05
C GLN A 23 -3.80 8.16 2.50
N GLU A 24 -2.59 8.41 1.99
CA GLU A 24 -1.86 9.61 2.34
C GLU A 24 -2.36 10.81 1.55
N LYS A 25 -3.48 10.63 0.84
CA LYS A 25 -4.06 11.69 0.04
C LYS A 25 -5.49 11.98 0.48
N ILE A 26 -6.13 10.99 1.10
CA ILE A 26 -7.50 11.13 1.57
C ILE A 26 -7.70 12.49 2.25
N PRO A 27 -6.91 12.75 3.30
CA PRO A 27 -6.97 14.00 4.05
C PRO A 27 -6.47 15.19 3.25
N GLU A 28 -5.67 14.92 2.23
CA GLU A 28 -5.12 15.96 1.38
C GLU A 28 -6.19 16.56 0.47
N LEU A 29 -7.14 15.72 0.06
CA LEU A 29 -8.22 16.16 -0.81
C LEU A 29 -9.33 16.83 0.01
N ARG A 30 -9.73 16.20 1.10
CA ARG A 30 -10.77 16.73 1.97
C ARG A 30 -10.63 18.25 2.11
N ARG A 31 -9.39 18.70 2.31
CA ARG A 31 -9.13 20.12 2.48
C ARG A 31 -9.32 20.87 1.16
N ARG A 32 -8.89 20.26 0.06
CA ARG A 32 -9.03 20.86 -1.25
C ARG A 32 -10.48 21.22 -1.54
N GLY A 33 -11.39 20.32 -1.16
CA GLY A 33 -12.81 20.56 -1.39
C GLY A 33 -13.44 19.48 -2.24
N LEU A 34 -13.09 18.23 -1.97
CA LEU A 34 -13.64 17.10 -2.71
C LEU A 34 -14.26 16.08 -1.77
N PRO A 35 -15.35 15.45 -2.24
CA PRO A 35 -16.07 14.44 -1.45
C PRO A 35 -15.28 13.14 -1.31
N VAL A 36 -14.43 13.07 -0.28
CA VAL A 36 -13.62 11.89 -0.04
C VAL A 36 -13.77 11.40 1.40
N ALA A 37 -14.49 10.30 1.57
CA ALA A 37 -14.71 9.74 2.89
C ALA A 37 -13.69 8.64 3.21
N ARG A 38 -13.40 7.81 2.21
CA ARG A 38 -12.45 6.72 2.38
C ARG A 38 -11.58 6.57 1.13
N VAL A 39 -10.69 5.58 1.15
CA VAL A 39 -9.80 5.33 0.02
C VAL A 39 -10.59 5.13 -1.27
N ALA A 40 -11.58 4.25 -1.22
CA ALA A 40 -12.42 3.97 -2.38
C ALA A 40 -12.88 5.26 -3.05
N ASP A 41 -13.00 6.32 -2.26
CA ASP A 41 -13.43 7.61 -2.78
C ASP A 41 -12.25 8.38 -3.37
N ALA A 42 -11.12 8.35 -2.66
CA ALA A 42 -9.92 9.05 -3.11
C ALA A 42 -9.15 8.22 -4.12
N ILE A 43 -9.74 7.10 -4.54
CA ILE A 43 -9.10 6.21 -5.50
C ILE A 43 -8.99 6.87 -6.86
N PRO A 44 -10.14 7.27 -7.43
CA PRO A 44 -10.20 7.92 -8.75
C PRO A 44 -9.61 9.34 -8.71
N TYR A 45 -9.94 10.08 -7.66
CA TYR A 45 -9.45 11.45 -7.51
C TYR A 45 -7.93 11.48 -7.49
N CYS A 46 -7.32 10.30 -7.38
CA CYS A 46 -5.86 10.20 -7.34
C CYS A 46 -5.38 9.15 -8.33
N SER A 47 -6.23 8.79 -9.29
CA SER A 47 -5.89 7.79 -10.29
C SER A 47 -4.84 8.34 -11.25
N SER A 48 -5.04 9.57 -11.71
CA SER A 48 -4.12 10.20 -12.64
C SER A 48 -2.83 10.62 -11.93
N ASP A 49 -2.97 11.15 -10.72
CA ASP A 49 -1.82 11.58 -9.94
C ASP A 49 -0.85 10.42 -9.71
N TRP A 50 -1.40 9.23 -9.52
CA TRP A 50 -0.58 8.05 -9.29
C TRP A 50 0.25 7.71 -10.53
N ALA A 51 -0.35 7.88 -11.70
CA ALA A 51 0.33 7.60 -12.95
C ALA A 51 1.46 8.60 -13.21
N LEU A 52 1.47 9.67 -12.42
CA LEU A 52 2.50 10.70 -12.57
C LEU A 52 3.74 10.35 -11.77
N LEU A 53 3.58 9.49 -10.78
CA LEU A 53 4.70 9.05 -9.94
C LEU A 53 5.76 8.36 -10.77
N ARG A 54 6.99 8.32 -10.25
CA ARG A 54 8.09 7.67 -10.95
C ARG A 54 8.23 6.21 -10.52
N GLU A 55 8.83 5.39 -11.37
CA GLU A 55 9.02 3.98 -11.08
C GLU A 55 9.58 3.79 -9.68
N GLU A 56 10.61 4.58 -9.35
CA GLU A 56 11.23 4.49 -8.03
C GLU A 56 10.21 4.72 -6.93
N GLU A 57 9.38 5.73 -7.09
CA GLU A 57 8.36 6.07 -6.10
C GLU A 57 7.40 4.89 -5.91
N LYS A 58 6.81 4.42 -7.00
CA LYS A 58 5.87 3.30 -6.95
C LYS A 58 6.47 2.13 -6.19
N GLU A 59 7.72 1.79 -6.52
CA GLU A 59 8.41 0.69 -5.85
C GLU A 59 8.49 0.92 -4.35
N LYS A 60 8.92 2.12 -3.97
CA LYS A 60 9.04 2.46 -2.55
C LYS A 60 7.73 2.22 -1.82
N TYR A 61 6.64 2.78 -2.34
CA TYR A 61 5.33 2.63 -1.73
C TYR A 61 4.96 1.16 -1.60
N ALA A 62 5.25 0.38 -2.64
CA ALA A 62 4.95 -1.05 -2.63
C ALA A 62 5.77 -1.78 -1.59
N GLU A 63 7.07 -1.46 -1.52
CA GLU A 63 7.96 -2.08 -0.55
C GLU A 63 7.47 -1.86 0.87
N MET A 64 7.20 -0.60 1.21
CA MET A 64 6.71 -0.25 2.54
C MET A 64 5.39 -0.93 2.84
N ALA A 65 4.56 -1.10 1.80
CA ALA A 65 3.27 -1.73 1.96
C ALA A 65 3.42 -3.20 2.35
N ARG A 66 4.09 -3.97 1.50
CA ARG A 66 4.30 -5.39 1.75
C ARG A 66 5.08 -5.60 3.05
N GLU A 67 6.26 -4.99 3.13
CA GLU A 67 7.10 -5.12 4.32
C GLU A 67 6.31 -4.79 5.58
N TRP A 68 5.39 -3.84 5.46
CA TRP A 68 4.57 -3.43 6.59
C TRP A 68 3.60 -4.54 6.99
N ARG A 69 2.84 -5.04 6.02
CA ARG A 69 1.88 -6.10 6.28
C ARG A 69 2.58 -7.35 6.80
N ALA A 70 3.72 -7.68 6.21
CA ALA A 70 4.49 -8.85 6.61
C ALA A 70 4.94 -8.73 8.06
N ALA A 71 5.55 -7.59 8.40
CA ALA A 71 6.03 -7.36 9.75
C ALA A 71 4.88 -7.29 10.74
N GLN A 72 3.74 -6.76 10.29
CA GLN A 72 2.57 -6.65 11.14
C GLN A 72 1.89 -8.00 11.33
N GLY A 73 2.11 -8.90 10.37
CA GLY A 73 1.51 -10.22 10.45
C GLY A 73 2.39 -11.21 11.19
N LYS A 74 3.70 -11.07 11.01
CA LYS A 74 4.65 -11.96 11.65
C LYS A 74 4.30 -13.43 11.40
N ASP A 75 3.92 -13.73 10.16
CA ASP A 75 3.56 -15.08 9.78
C ASP A 75 4.43 -16.10 10.50
N PRO A 76 3.89 -17.31 10.72
CA PRO A 76 4.61 -18.39 11.40
C PRO A 76 5.74 -18.96 10.56
N GLY A 77 5.84 -18.49 9.31
CA GLY A 77 6.88 -18.97 8.42
C GLY A 77 6.84 -20.46 8.23
N PRO A 78 5.98 -20.93 7.30
CA PRO A 78 5.84 -22.35 7.00
C PRO A 78 7.06 -22.93 6.29
N SER A 79 7.95 -22.04 5.85
CA SER A 79 9.16 -22.47 5.15
C SER A 79 10.33 -22.59 6.12
N GLU A 80 11.44 -23.13 5.64
CA GLU A 80 12.63 -23.30 6.46
C GLU A 80 13.64 -22.19 6.20
N LYS A 81 14.45 -21.89 7.21
CA LYS A 81 15.46 -20.84 7.09
C LYS A 81 16.86 -21.45 6.96
N GLN A 82 17.84 -20.61 6.64
CA GLN A 82 19.21 -21.05 6.49
C GLN A 82 20.18 -19.88 6.54
N LYS A 83 21.10 -19.92 7.51
CA LYS A 83 22.08 -18.86 7.67
C LYS A 83 23.46 -19.33 7.21
N PRO A 84 23.75 -19.11 5.91
CA PRO A 84 25.03 -19.50 5.32
C PRO A 84 26.18 -18.64 5.81
N VAL A 85 27.41 -19.06 5.51
CA VAL A 85 28.60 -18.32 5.93
C VAL A 85 29.65 -18.33 4.84
N PHE A 86 30.35 -17.20 4.68
CA PHE A 86 31.40 -17.09 3.67
C PHE A 86 32.70 -16.58 4.29
N THR A 87 33.73 -17.43 4.28
CA THR A 87 35.02 -17.07 4.84
C THR A 87 34.94 -16.92 6.36
N SER A 88 34.24 -17.85 7.00
CA SER A 88 34.07 -17.82 8.46
C SER A 88 35.37 -17.40 9.13
N GLY A 89 35.25 -16.58 10.17
CA GLY A 89 36.41 -16.11 10.89
C GLY A 89 37.24 -17.24 11.47
N PRO A 90 38.56 -17.03 11.56
CA PRO A 90 39.48 -18.03 12.09
C PRO A 90 39.32 -18.23 13.60
N SER A 91 39.23 -17.12 14.33
CA SER A 91 39.08 -17.18 15.79
C SER A 91 38.20 -18.36 16.19
N SER A 92 37.03 -18.47 15.55
CA SER A 92 36.10 -19.55 15.85
C SER A 92 35.54 -19.41 17.27
N GLY A 93 35.15 -18.19 17.62
CA GLY A 93 34.60 -17.95 18.94
C GLY A 93 33.26 -17.24 18.90
N GLY A 1 1.98 -30.18 3.39
CA GLY A 1 1.16 -30.71 4.47
C GLY A 1 1.78 -30.48 5.84
N SER A 2 3.05 -30.87 5.97
CA SER A 2 3.76 -30.72 7.23
C SER A 2 5.05 -29.94 7.04
N SER A 3 5.88 -30.40 6.10
CA SER A 3 7.15 -29.74 5.82
C SER A 3 6.94 -28.46 5.03
N GLY A 4 7.52 -27.36 5.52
CA GLY A 4 7.37 -26.09 4.83
C GLY A 4 8.20 -24.99 5.48
N SER A 5 9.48 -24.91 5.13
CA SER A 5 10.37 -23.92 5.69
C SER A 5 10.11 -22.55 5.07
N SER A 6 9.99 -22.51 3.74
CA SER A 6 9.74 -21.27 3.03
C SER A 6 8.26 -21.13 2.68
N GLY A 7 7.71 -19.94 2.91
CA GLY A 7 6.31 -19.70 2.61
C GLY A 7 5.92 -18.25 2.82
N MET A 8 6.37 -17.39 1.90
CA MET A 8 6.05 -15.96 1.99
C MET A 8 5.60 -15.42 0.64
N PRO A 9 4.51 -14.66 0.63
CA PRO A 9 3.95 -14.06 -0.59
C PRO A 9 4.84 -12.95 -1.14
N ASN A 10 4.63 -12.62 -2.41
CA ASN A 10 5.41 -11.58 -3.07
C ASN A 10 4.51 -10.43 -3.51
N ARG A 11 3.39 -10.77 -4.13
CA ARG A 11 2.44 -9.76 -4.60
C ARG A 11 1.07 -9.97 -3.96
N LYS A 12 0.38 -8.86 -3.68
CA LYS A 12 -0.94 -8.90 -3.06
C LYS A 12 -1.91 -7.98 -3.79
N ALA A 13 -3.12 -7.89 -3.28
CA ALA A 13 -4.15 -7.04 -3.87
C ALA A 13 -4.82 -6.17 -2.82
N SER A 14 -5.20 -6.78 -1.71
CA SER A 14 -5.86 -6.06 -0.63
C SER A 14 -5.29 -4.65 -0.49
N ARG A 15 -4.03 -4.56 -0.12
CA ARG A 15 -3.36 -3.27 0.05
C ARG A 15 -2.02 -3.26 -0.67
N ASN A 16 -1.89 -2.35 -1.64
CA ASN A 16 -0.65 -2.23 -2.41
C ASN A 16 -0.17 -0.78 -2.45
N ALA A 17 1.04 -0.58 -2.95
CA ALA A 17 1.61 0.76 -3.05
C ALA A 17 0.53 1.80 -3.33
N TYR A 18 -0.29 1.53 -4.34
CA TYR A 18 -1.37 2.44 -4.72
C TYR A 18 -2.22 2.82 -3.52
N TYR A 19 -2.63 1.80 -2.75
CA TYR A 19 -3.46 2.03 -1.57
C TYR A 19 -2.77 2.99 -0.60
N PHE A 20 -1.50 2.76 -0.36
CA PHE A 20 -0.72 3.62 0.54
C PHE A 20 -0.67 5.05 0.03
N PHE A 21 -0.56 5.20 -1.29
CA PHE A 21 -0.51 6.52 -1.91
C PHE A 21 -1.80 7.28 -1.69
N VAL A 22 -2.93 6.61 -1.95
CA VAL A 22 -4.23 7.23 -1.78
C VAL A 22 -4.52 7.52 -0.31
N GLN A 23 -4.18 6.57 0.56
CA GLN A 23 -4.40 6.72 1.98
C GLN A 23 -3.74 8.00 2.50
N GLU A 24 -2.52 8.27 2.03
CA GLU A 24 -1.78 9.46 2.45
C GLU A 24 -2.27 10.69 1.70
N LYS A 25 -3.37 10.53 0.95
CA LYS A 25 -3.93 11.62 0.18
C LYS A 25 -5.37 11.89 0.59
N ILE A 26 -6.00 10.91 1.24
CA ILE A 26 -7.37 11.04 1.70
C ILE A 26 -7.59 12.37 2.40
N PRO A 27 -6.82 12.61 3.48
CA PRO A 27 -6.91 13.85 4.26
C PRO A 27 -6.38 15.05 3.49
N GLU A 28 -5.53 14.80 2.51
CA GLU A 28 -4.96 15.87 1.70
C GLU A 28 -6.00 16.46 0.76
N LEU A 29 -6.87 15.62 0.23
CA LEU A 29 -7.92 16.06 -0.68
C LEU A 29 -9.08 16.68 0.09
N ARG A 30 -9.53 16.00 1.14
CA ARG A 30 -10.63 16.49 1.96
C ARG A 30 -10.54 18.00 2.14
N ARG A 31 -9.35 18.49 2.45
CA ARG A 31 -9.13 19.91 2.66
C ARG A 31 -9.28 20.68 1.35
N ARG A 32 -8.75 20.10 0.27
CA ARG A 32 -8.81 20.73 -1.05
C ARG A 32 -10.25 21.11 -1.39
N GLY A 33 -11.18 20.18 -1.15
CA GLY A 33 -12.57 20.43 -1.44
C GLY A 33 -13.18 19.35 -2.32
N LEU A 34 -12.82 18.11 -2.05
CA LEU A 34 -13.34 16.97 -2.82
C LEU A 34 -14.04 15.97 -1.91
N PRO A 35 -15.13 15.37 -2.42
CA PRO A 35 -15.91 14.38 -1.68
C PRO A 35 -15.15 13.07 -1.49
N VAL A 36 -14.39 12.98 -0.40
CA VAL A 36 -13.62 11.78 -0.10
C VAL A 36 -13.76 11.39 1.37
N ALA A 37 -14.37 10.24 1.61
CA ALA A 37 -14.57 9.74 2.97
C ALA A 37 -13.62 8.58 3.28
N ARG A 38 -13.27 7.83 2.25
CA ARG A 38 -12.36 6.69 2.40
C ARG A 38 -11.49 6.50 1.16
N VAL A 39 -10.65 5.48 1.18
CA VAL A 39 -9.77 5.19 0.07
C VAL A 39 -10.56 4.97 -1.22
N ALA A 40 -11.53 4.05 -1.16
CA ALA A 40 -12.37 3.75 -2.32
C ALA A 40 -12.89 5.02 -2.97
N ASP A 41 -12.99 6.09 -2.18
CA ASP A 41 -13.47 7.37 -2.67
C ASP A 41 -12.35 8.17 -3.30
N ALA A 42 -11.18 8.14 -2.66
CA ALA A 42 -10.02 8.87 -3.16
C ALA A 42 -9.25 8.04 -4.19
N ILE A 43 -9.82 6.91 -4.58
CA ILE A 43 -9.20 6.02 -5.55
C ILE A 43 -9.07 6.71 -6.91
N PRO A 44 -10.20 7.15 -7.47
CA PRO A 44 -10.23 7.84 -8.77
C PRO A 44 -9.63 9.22 -8.70
N TYR A 45 -9.92 9.94 -7.63
CA TYR A 45 -9.40 11.30 -7.45
C TYR A 45 -7.87 11.29 -7.39
N CYS A 46 -7.30 10.09 -7.31
CA CYS A 46 -5.84 9.95 -7.25
C CYS A 46 -5.35 8.92 -8.27
N SER A 47 -6.12 8.77 -9.35
CA SER A 47 -5.77 7.83 -10.41
C SER A 47 -4.76 8.43 -11.38
N SER A 48 -4.97 9.71 -11.70
CA SER A 48 -4.07 10.41 -12.62
C SER A 48 -2.78 10.83 -11.92
N ASP A 49 -2.90 11.22 -10.67
CA ASP A 49 -1.74 11.63 -9.89
C ASP A 49 -0.77 10.47 -9.68
N TRP A 50 -1.32 9.28 -9.47
CA TRP A 50 -0.51 8.09 -9.26
C TRP A 50 0.29 7.76 -10.52
N ALA A 51 -0.30 8.00 -11.68
CA ALA A 51 0.35 7.73 -12.95
C ALA A 51 1.52 8.68 -13.18
N LEU A 52 1.58 9.75 -12.39
CA LEU A 52 2.65 10.73 -12.51
C LEU A 52 3.90 10.26 -11.77
N LEU A 53 3.71 9.52 -10.69
CA LEU A 53 4.82 9.01 -9.90
C LEU A 53 5.84 8.30 -10.80
N ARG A 54 7.06 8.16 -10.29
CA ARG A 54 8.13 7.52 -11.04
C ARG A 54 8.36 6.10 -10.52
N GLU A 55 8.78 5.21 -11.41
CA GLU A 55 9.04 3.82 -11.05
C GLU A 55 9.63 3.73 -9.64
N GLU A 56 10.69 4.50 -9.40
CA GLU A 56 11.33 4.49 -8.09
C GLU A 56 10.31 4.72 -6.97
N GLU A 57 9.49 5.75 -7.12
CA GLU A 57 8.47 6.07 -6.13
C GLU A 57 7.49 4.91 -5.96
N LYS A 58 6.93 4.45 -7.07
CA LYS A 58 5.99 3.34 -7.05
C LYS A 58 6.57 2.14 -6.30
N GLU A 59 7.83 1.82 -6.59
CA GLU A 59 8.51 0.70 -5.95
C GLU A 59 8.61 0.92 -4.44
N LYS A 60 8.95 2.15 -4.06
CA LYS A 60 9.08 2.50 -2.64
C LYS A 60 7.76 2.27 -1.90
N TYR A 61 6.68 2.78 -2.46
CA TYR A 61 5.37 2.64 -1.85
C TYR A 61 4.97 1.18 -1.75
N ALA A 62 5.33 0.39 -2.77
CA ALA A 62 5.01 -1.03 -2.79
C ALA A 62 5.85 -1.80 -1.78
N GLU A 63 7.14 -1.46 -1.72
CA GLU A 63 8.05 -2.12 -0.78
C GLU A 63 7.63 -1.88 0.66
N MET A 64 7.40 -0.62 0.99
CA MET A 64 6.99 -0.25 2.34
C MET A 64 5.63 -0.83 2.68
N ALA A 65 4.76 -0.92 1.67
CA ALA A 65 3.42 -1.46 1.86
C ALA A 65 3.47 -2.93 2.26
N ARG A 66 4.11 -3.74 1.42
CA ARG A 66 4.23 -5.17 1.68
C ARG A 66 4.96 -5.43 3.01
N GLU A 67 6.18 -4.91 3.10
CA GLU A 67 6.98 -5.07 4.31
C GLU A 67 6.19 -4.70 5.55
N TRP A 68 5.33 -3.69 5.42
CA TRP A 68 4.50 -3.23 6.52
C TRP A 68 3.47 -4.28 6.90
N ARG A 69 2.70 -4.73 5.91
CA ARG A 69 1.67 -5.73 6.14
C ARG A 69 2.27 -7.00 6.74
N ALA A 70 3.45 -7.38 6.26
CA ALA A 70 4.13 -8.57 6.75
C ALA A 70 4.58 -8.39 8.20
N ALA A 71 5.25 -7.27 8.47
CA ALA A 71 5.73 -6.98 9.81
C ALA A 71 4.57 -6.83 10.80
N GLN A 72 3.44 -6.35 10.31
CA GLN A 72 2.26 -6.16 11.13
C GLN A 72 1.48 -7.46 11.27
N GLY A 73 1.68 -8.36 10.32
CA GLY A 73 0.99 -9.64 10.35
C GLY A 73 1.71 -10.67 11.21
N LYS A 74 3.03 -10.73 11.07
CA LYS A 74 3.84 -11.68 11.82
C LYS A 74 3.08 -12.99 12.04
N ASP A 75 2.31 -13.39 11.03
CA ASP A 75 1.53 -14.63 11.12
C ASP A 75 2.10 -15.69 10.18
N PRO A 76 2.02 -16.96 10.61
CA PRO A 76 2.52 -18.09 9.82
C PRO A 76 1.67 -18.35 8.58
N GLY A 77 0.64 -17.54 8.39
CA GLY A 77 -0.23 -17.69 7.23
C GLY A 77 -0.65 -19.13 7.02
N PRO A 78 -1.68 -19.57 7.76
CA PRO A 78 -2.21 -20.94 7.66
C PRO A 78 -2.90 -21.20 6.34
N SER A 79 -2.17 -21.77 5.38
CA SER A 79 -2.72 -22.07 4.07
C SER A 79 -3.09 -20.79 3.33
N GLU A 80 -2.20 -19.81 3.37
CA GLU A 80 -2.43 -18.53 2.71
C GLU A 80 -2.26 -18.66 1.20
N LYS A 81 -3.09 -17.95 0.44
CA LYS A 81 -3.02 -18.00 -1.01
C LYS A 81 -2.19 -16.82 -1.55
N GLN A 82 -1.59 -17.03 -2.71
CA GLN A 82 -0.76 -15.99 -3.33
C GLN A 82 -0.28 -16.45 -4.70
N LYS A 83 -0.19 -15.50 -5.63
CA LYS A 83 0.26 -15.79 -6.98
C LYS A 83 1.72 -16.25 -6.98
N PRO A 84 2.05 -17.19 -7.87
CA PRO A 84 3.40 -17.73 -8.00
C PRO A 84 4.38 -16.71 -8.58
N VAL A 85 5.64 -17.11 -8.72
CA VAL A 85 6.66 -16.24 -9.27
C VAL A 85 7.86 -17.05 -9.80
N PHE A 86 8.14 -16.88 -11.09
CA PHE A 86 9.25 -17.60 -11.70
C PHE A 86 9.93 -16.73 -12.76
N THR A 87 11.21 -16.45 -12.54
CA THR A 87 11.98 -15.63 -13.47
C THR A 87 13.14 -16.41 -14.08
N SER A 88 13.37 -16.23 -15.38
CA SER A 88 14.44 -16.92 -16.07
C SER A 88 15.78 -16.28 -15.77
N GLY A 89 16.86 -16.99 -16.09
CA GLY A 89 18.19 -16.47 -15.85
C GLY A 89 18.55 -16.46 -14.38
N PRO A 90 19.70 -15.85 -14.05
CA PRO A 90 20.17 -15.75 -12.66
C PRO A 90 19.31 -14.81 -11.81
N SER A 91 18.26 -14.27 -12.43
CA SER A 91 17.36 -13.36 -11.73
C SER A 91 18.11 -12.12 -11.25
N SER A 92 18.83 -11.48 -12.17
CA SER A 92 19.60 -10.29 -11.85
C SER A 92 19.42 -9.21 -12.91
N GLY A 93 19.99 -8.03 -12.67
CA GLY A 93 19.87 -6.94 -13.61
C GLY A 93 19.62 -5.61 -12.94
N GLY A 1 11.53 -0.56 -23.98
CA GLY A 1 10.64 0.01 -22.98
C GLY A 1 11.38 0.70 -21.86
N SER A 2 10.64 1.42 -21.01
CA SER A 2 11.23 2.14 -19.90
C SER A 2 10.45 1.90 -18.61
N SER A 3 9.16 2.25 -18.65
CA SER A 3 8.30 2.08 -17.49
C SER A 3 8.01 0.60 -17.24
N GLY A 4 7.98 0.22 -15.97
CA GLY A 4 7.71 -1.17 -15.61
C GLY A 4 6.38 -1.66 -16.15
N SER A 5 6.40 -2.83 -16.78
CA SER A 5 5.18 -3.40 -17.35
C SER A 5 4.80 -4.69 -16.63
N SER A 6 3.66 -4.68 -15.96
CA SER A 6 3.19 -5.85 -15.23
C SER A 6 2.68 -6.92 -16.18
N GLY A 7 1.77 -6.53 -17.07
CA GLY A 7 1.22 -7.46 -18.04
C GLY A 7 -0.25 -7.19 -18.33
N MET A 8 -1.11 -8.06 -17.82
CA MET A 8 -2.55 -7.92 -18.03
C MET A 8 -3.15 -6.96 -17.00
N PRO A 9 -4.02 -6.04 -17.49
CA PRO A 9 -4.68 -5.05 -16.64
C PRO A 9 -5.71 -5.68 -15.71
N ASN A 10 -5.33 -5.86 -14.45
CA ASN A 10 -6.22 -6.46 -13.46
C ASN A 10 -6.31 -5.57 -12.22
N ARG A 11 -7.28 -5.88 -11.36
CA ARG A 11 -7.49 -5.11 -10.13
C ARG A 11 -7.16 -5.95 -8.90
N LYS A 12 -6.55 -5.32 -7.91
CA LYS A 12 -6.18 -6.01 -6.68
C LYS A 12 -6.92 -5.42 -5.48
N ALA A 13 -7.41 -6.28 -4.60
CA ALA A 13 -8.14 -5.85 -3.41
C ALA A 13 -7.17 -5.55 -2.27
N SER A 14 -6.25 -6.47 -2.03
CA SER A 14 -5.27 -6.31 -0.96
C SER A 14 -4.66 -4.92 -0.99
N ARG A 15 -3.86 -4.60 0.03
CA ARG A 15 -3.22 -3.30 0.13
C ARG A 15 -1.87 -3.32 -0.59
N ASN A 16 -1.64 -2.32 -1.44
CA ASN A 16 -0.40 -2.21 -2.20
C ASN A 16 0.05 -0.76 -2.29
N ALA A 17 1.22 -0.56 -2.89
CA ALA A 17 1.77 0.79 -3.06
C ALA A 17 0.66 1.80 -3.32
N TYR A 18 -0.22 1.48 -4.27
CA TYR A 18 -1.32 2.36 -4.62
C TYR A 18 -2.17 2.69 -3.40
N TYR A 19 -2.63 1.64 -2.71
CA TYR A 19 -3.45 1.81 -1.52
C TYR A 19 -2.83 2.82 -0.56
N PHE A 20 -1.52 2.70 -0.35
CA PHE A 20 -0.80 3.60 0.54
C PHE A 20 -0.83 5.03 0.01
N PHE A 21 -0.71 5.16 -1.30
CA PHE A 21 -0.71 6.48 -1.94
C PHE A 21 -2.06 7.17 -1.73
N VAL A 22 -3.14 6.42 -1.90
CA VAL A 22 -4.48 6.96 -1.75
C VAL A 22 -4.81 7.18 -0.27
N GLN A 23 -4.15 6.41 0.60
CA GLN A 23 -4.38 6.52 2.03
C GLN A 23 -3.65 7.73 2.60
N GLU A 24 -2.57 8.14 1.94
CA GLU A 24 -1.79 9.28 2.39
C GLU A 24 -2.25 10.56 1.70
N LYS A 25 -3.31 10.45 0.91
CA LYS A 25 -3.86 11.59 0.18
C LYS A 25 -5.29 11.88 0.64
N ILE A 26 -5.95 10.86 1.18
CA ILE A 26 -7.32 11.01 1.65
C ILE A 26 -7.54 12.36 2.33
N PRO A 27 -6.74 12.63 3.37
CA PRO A 27 -6.81 13.89 4.12
C PRO A 27 -6.32 15.08 3.30
N GLU A 28 -5.51 14.80 2.28
CA GLU A 28 -4.96 15.85 1.43
C GLU A 28 -6.04 16.43 0.52
N LEU A 29 -6.88 15.54 -0.03
CA LEU A 29 -7.96 15.97 -0.91
C LEU A 29 -9.08 16.61 -0.13
N ARG A 30 -9.39 16.05 1.03
CA ARG A 30 -10.45 16.58 1.89
C ARG A 30 -10.31 18.08 2.06
N ARG A 31 -9.08 18.55 2.24
CA ARG A 31 -8.80 19.96 2.42
C ARG A 31 -8.87 20.71 1.08
N ARG A 32 -8.56 19.99 0.00
CA ARG A 32 -8.58 20.58 -1.33
C ARG A 32 -9.99 21.03 -1.70
N GLY A 33 -10.97 20.19 -1.39
CA GLY A 33 -12.35 20.51 -1.71
C GLY A 33 -13.03 19.43 -2.52
N LEU A 34 -12.74 18.17 -2.19
CA LEU A 34 -13.33 17.04 -2.88
C LEU A 34 -13.99 16.07 -1.90
N PRO A 35 -15.11 15.47 -2.31
CA PRO A 35 -15.85 14.51 -1.48
C PRO A 35 -15.10 13.21 -1.30
N VAL A 36 -14.19 13.17 -0.33
CA VAL A 36 -13.41 11.98 -0.06
C VAL A 36 -13.56 11.54 1.40
N ALA A 37 -14.34 10.48 1.62
CA ALA A 37 -14.56 9.96 2.96
C ALA A 37 -13.64 8.79 3.26
N ARG A 38 -13.35 8.01 2.22
CA ARG A 38 -12.47 6.84 2.38
C ARG A 38 -11.58 6.67 1.15
N VAL A 39 -10.69 5.68 1.21
CA VAL A 39 -9.79 5.41 0.10
C VAL A 39 -10.56 5.20 -1.20
N ALA A 40 -11.57 4.34 -1.15
CA ALA A 40 -12.38 4.05 -2.33
C ALA A 40 -12.84 5.35 -3.00
N ASP A 41 -13.01 6.40 -2.21
CA ASP A 41 -13.44 7.68 -2.74
C ASP A 41 -12.29 8.42 -3.40
N ALA A 42 -11.12 8.38 -2.76
CA ALA A 42 -9.94 9.05 -3.28
C ALA A 42 -9.27 8.20 -4.36
N ILE A 43 -9.71 6.96 -4.49
CA ILE A 43 -9.16 6.04 -5.47
C ILE A 43 -9.03 6.72 -6.84
N PRO A 44 -10.17 7.21 -7.36
CA PRO A 44 -10.22 7.87 -8.66
C PRO A 44 -9.55 9.24 -8.63
N TYR A 45 -9.80 10.01 -7.57
CA TYR A 45 -9.22 11.33 -7.41
C TYR A 45 -7.72 11.24 -7.23
N CYS A 46 -7.21 10.03 -7.11
CA CYS A 46 -5.78 9.81 -6.91
C CYS A 46 -5.20 9.00 -8.06
N SER A 47 -6.07 8.48 -8.93
CA SER A 47 -5.65 7.68 -10.07
C SER A 47 -4.81 8.52 -11.03
N SER A 48 -5.40 9.61 -11.53
CA SER A 48 -4.71 10.49 -12.46
C SER A 48 -3.39 10.98 -11.88
N ASP A 49 -3.33 11.04 -10.56
CA ASP A 49 -2.12 11.49 -9.87
C ASP A 49 -1.11 10.34 -9.75
N TRP A 50 -1.62 9.14 -9.59
CA TRP A 50 -0.77 7.96 -9.44
C TRP A 50 0.00 7.69 -10.72
N ALA A 51 -0.60 8.02 -11.85
CA ALA A 51 0.03 7.82 -13.15
C ALA A 51 1.19 8.79 -13.36
N LEU A 52 1.25 9.81 -12.51
CA LEU A 52 2.31 10.82 -12.59
C LEU A 52 3.56 10.35 -11.84
N LEU A 53 3.36 9.49 -10.84
CA LEU A 53 4.47 8.98 -10.05
C LEU A 53 5.50 8.29 -10.93
N ARG A 54 6.73 8.20 -10.43
CA ARG A 54 7.80 7.56 -11.18
C ARG A 54 8.04 6.14 -10.68
N GLU A 55 8.71 5.33 -11.50
CA GLU A 55 9.01 3.95 -11.14
C GLU A 55 9.57 3.87 -9.72
N GLU A 56 10.51 4.75 -9.41
CA GLU A 56 11.14 4.78 -8.10
C GLU A 56 10.09 4.94 -7.00
N GLU A 57 9.23 5.95 -7.15
CA GLU A 57 8.18 6.20 -6.17
C GLU A 57 7.30 4.98 -5.97
N LYS A 58 6.75 4.46 -7.08
CA LYS A 58 5.89 3.29 -7.03
C LYS A 58 6.55 2.17 -6.22
N GLU A 59 7.81 1.90 -6.51
CA GLU A 59 8.54 0.85 -5.81
C GLU A 59 8.58 1.12 -4.31
N LYS A 60 8.93 2.35 -3.94
CA LYS A 60 8.99 2.75 -2.54
C LYS A 60 7.69 2.43 -1.83
N TYR A 61 6.58 2.93 -2.36
CA TYR A 61 5.27 2.71 -1.76
C TYR A 61 5.00 1.22 -1.62
N ALA A 62 5.37 0.45 -2.65
CA ALA A 62 5.16 -0.99 -2.63
C ALA A 62 6.02 -1.67 -1.57
N GLU A 63 7.25 -1.19 -1.41
CA GLU A 63 8.17 -1.74 -0.43
C GLU A 63 7.62 -1.56 0.98
N MET A 64 7.21 -0.34 1.30
CA MET A 64 6.68 -0.02 2.62
C MET A 64 5.36 -0.76 2.86
N ALA A 65 4.63 -1.03 1.78
CA ALA A 65 3.37 -1.73 1.86
C ALA A 65 3.56 -3.20 2.23
N ARG A 66 4.29 -3.92 1.39
CA ARG A 66 4.56 -5.33 1.62
C ARG A 66 5.25 -5.54 2.97
N GLU A 67 6.38 -4.87 3.17
CA GLU A 67 7.13 -4.99 4.41
C GLU A 67 6.23 -4.69 5.61
N TRP A 68 5.41 -3.64 5.49
CA TRP A 68 4.51 -3.26 6.57
C TRP A 68 3.53 -4.38 6.89
N ARG A 69 2.92 -4.95 5.84
CA ARG A 69 1.97 -6.03 6.02
C ARG A 69 2.63 -7.24 6.66
N ALA A 70 3.85 -7.54 6.23
CA ALA A 70 4.59 -8.68 6.75
C ALA A 70 4.87 -8.50 8.24
N ALA A 71 5.34 -7.32 8.61
CA ALA A 71 5.66 -7.02 10.01
C ALA A 71 4.40 -7.01 10.86
N GLN A 72 3.29 -6.57 10.27
CA GLN A 72 2.02 -6.50 10.99
C GLN A 72 1.41 -7.89 11.13
N GLY A 73 1.81 -8.81 10.24
CA GLY A 73 1.28 -10.15 10.28
C GLY A 73 2.12 -11.07 11.16
N LYS A 74 3.32 -11.37 10.72
CA LYS A 74 4.23 -12.24 11.47
C LYS A 74 5.49 -11.49 11.88
N ASP A 75 6.09 -11.92 12.99
CA ASP A 75 7.30 -11.30 13.50
C ASP A 75 8.05 -12.24 14.43
N PRO A 76 9.39 -12.17 14.39
CA PRO A 76 10.24 -13.01 15.24
C PRO A 76 10.18 -12.61 16.70
N GLY A 77 9.46 -11.53 16.99
CA GLY A 77 9.33 -11.07 18.36
C GLY A 77 8.70 -9.70 18.45
N PRO A 78 9.54 -8.65 18.44
CA PRO A 78 9.09 -7.26 18.52
C PRO A 78 8.36 -6.81 17.26
N SER A 79 7.47 -5.85 17.41
CA SER A 79 6.70 -5.33 16.27
C SER A 79 6.61 -3.81 16.33
N GLU A 80 6.99 -3.16 15.23
CA GLU A 80 6.95 -1.70 15.16
C GLU A 80 5.58 -1.18 15.58
N LYS A 81 5.56 0.07 16.05
CA LYS A 81 4.31 0.70 16.50
C LYS A 81 3.86 1.76 15.50
N GLN A 82 2.77 1.48 14.81
CA GLN A 82 2.23 2.42 13.82
C GLN A 82 2.37 3.86 14.31
N LYS A 83 2.77 4.76 13.42
CA LYS A 83 2.93 6.17 13.77
C LYS A 83 2.20 7.06 12.76
N PRO A 84 1.61 8.15 13.26
CA PRO A 84 0.87 9.11 12.44
C PRO A 84 1.80 9.91 11.51
N VAL A 85 1.26 10.97 10.92
CA VAL A 85 2.03 11.81 10.02
C VAL A 85 3.07 11.00 9.24
N PHE A 86 2.63 9.85 8.74
CA PHE A 86 3.52 8.97 7.98
C PHE A 86 4.53 9.79 7.17
N THR A 87 4.05 10.87 6.57
CA THR A 87 4.91 11.73 5.76
C THR A 87 5.44 12.90 6.59
N SER A 88 6.77 12.97 6.73
CA SER A 88 7.40 14.04 7.49
C SER A 88 7.16 15.40 6.83
N GLY A 89 7.67 15.55 5.61
CA GLY A 89 7.51 16.80 4.89
C GLY A 89 8.79 17.61 4.84
N PRO A 90 8.65 18.93 4.63
CA PRO A 90 9.79 19.84 4.55
C PRO A 90 10.46 20.05 5.91
N SER A 91 11.75 19.72 5.97
CA SER A 91 12.50 19.85 7.21
C SER A 91 13.36 21.12 7.19
N SER A 92 14.02 21.41 8.31
CA SER A 92 14.86 22.60 8.42
C SER A 92 16.16 22.41 7.65
N GLY A 93 16.79 21.25 7.83
CA GLY A 93 18.04 20.96 7.14
C GLY A 93 18.75 19.75 7.71
N GLY A 1 21.58 -15.35 -7.61
CA GLY A 1 20.82 -14.35 -8.33
C GLY A 1 19.50 -14.03 -7.67
N SER A 2 19.50 -13.06 -6.76
CA SER A 2 18.30 -12.67 -6.05
C SER A 2 17.22 -12.21 -7.02
N SER A 3 16.00 -12.02 -6.51
CA SER A 3 14.89 -11.58 -7.34
C SER A 3 14.78 -10.07 -7.36
N GLY A 4 14.62 -9.47 -6.19
CA GLY A 4 14.51 -8.02 -6.10
C GLY A 4 13.12 -7.58 -5.72
N SER A 5 12.60 -6.58 -6.45
CA SER A 5 11.27 -6.04 -6.19
C SER A 5 10.30 -6.46 -7.29
N SER A 6 10.62 -6.06 -8.52
CA SER A 6 9.77 -6.38 -9.67
C SER A 6 9.69 -7.88 -9.88
N GLY A 7 8.47 -8.41 -9.97
CA GLY A 7 8.28 -9.83 -10.18
C GLY A 7 7.13 -10.13 -11.10
N MET A 8 6.06 -10.73 -10.54
CA MET A 8 4.89 -11.07 -11.33
C MET A 8 3.62 -10.54 -10.66
N PRO A 9 2.61 -10.22 -11.49
CA PRO A 9 1.33 -9.69 -11.01
C PRO A 9 0.52 -10.75 -10.26
N ASN A 10 -0.03 -10.38 -9.11
CA ASN A 10 -0.83 -11.30 -8.31
C ASN A 10 -2.29 -11.29 -8.77
N ARG A 11 -3.02 -12.33 -8.40
CA ARG A 11 -4.42 -12.44 -8.77
C ARG A 11 -5.31 -11.72 -7.76
N LYS A 12 -5.05 -11.94 -6.48
CA LYS A 12 -5.83 -11.31 -5.43
C LYS A 12 -5.58 -9.81 -5.38
N ALA A 13 -6.53 -9.06 -4.83
CA ALA A 13 -6.41 -7.62 -4.72
C ALA A 13 -6.25 -7.18 -3.27
N SER A 14 -5.00 -6.96 -2.86
CA SER A 14 -4.71 -6.55 -1.49
C SER A 14 -4.00 -5.19 -1.47
N ARG A 15 -3.74 -4.69 -0.27
CA ARG A 15 -3.06 -3.41 -0.11
C ARG A 15 -1.82 -3.33 -0.99
N ASN A 16 -1.67 -2.23 -1.72
CA ASN A 16 -0.52 -2.03 -2.59
C ASN A 16 -0.13 -0.57 -2.66
N ALA A 17 1.08 -0.30 -3.14
CA ALA A 17 1.57 1.07 -3.27
C ALA A 17 0.45 2.03 -3.62
N TYR A 18 -0.47 1.57 -4.47
CA TYR A 18 -1.60 2.39 -4.89
C TYR A 18 -2.48 2.76 -3.70
N TYR A 19 -2.79 1.76 -2.87
CA TYR A 19 -3.63 1.97 -1.70
C TYR A 19 -2.93 2.86 -0.67
N PHE A 20 -1.64 2.60 -0.47
CA PHE A 20 -0.85 3.38 0.49
C PHE A 20 -0.70 4.82 0.02
N PHE A 21 -0.49 5.00 -1.28
CA PHE A 21 -0.34 6.33 -1.86
C PHE A 21 -1.57 7.19 -1.59
N VAL A 22 -2.75 6.58 -1.71
CA VAL A 22 -4.00 7.28 -1.48
C VAL A 22 -4.18 7.64 0.00
N GLN A 23 -3.77 6.73 0.87
CA GLN A 23 -3.88 6.96 2.30
C GLN A 23 -3.24 8.29 2.70
N GLU A 24 -2.04 8.55 2.18
CA GLU A 24 -1.33 9.77 2.48
C GLU A 24 -1.89 10.94 1.66
N LYS A 25 -2.99 10.68 0.96
CA LYS A 25 -3.63 11.71 0.14
C LYS A 25 -5.07 11.95 0.60
N ILE A 26 -5.65 10.95 1.25
CA ILE A 26 -7.02 11.06 1.74
C ILE A 26 -7.25 12.40 2.43
N PRO A 27 -6.45 12.67 3.47
CA PRO A 27 -6.54 13.91 4.25
C PRO A 27 -6.08 15.13 3.45
N GLU A 28 -5.26 14.88 2.43
CA GLU A 28 -4.74 15.96 1.59
C GLU A 28 -5.85 16.54 0.71
N LEU A 29 -6.79 15.68 0.32
CA LEU A 29 -7.91 16.11 -0.52
C LEU A 29 -8.98 16.80 0.30
N ARG A 30 -9.34 16.18 1.43
CA ARG A 30 -10.36 16.73 2.31
C ARG A 30 -10.18 18.24 2.47
N ARG A 31 -8.94 18.71 2.37
CA ARG A 31 -8.63 20.12 2.50
C ARG A 31 -8.96 20.87 1.20
N ARG A 32 -8.75 20.20 0.07
CA ARG A 32 -9.01 20.80 -1.23
C ARG A 32 -10.51 21.08 -1.40
N GLY A 33 -11.33 20.15 -0.94
CA GLY A 33 -12.77 20.30 -1.06
C GLY A 33 -13.41 19.19 -1.87
N LEU A 34 -12.99 17.96 -1.62
CA LEU A 34 -13.53 16.80 -2.32
C LEU A 34 -14.09 15.77 -1.35
N PRO A 35 -15.24 15.18 -1.70
CA PRO A 35 -15.90 14.17 -0.88
C PRO A 35 -15.12 12.86 -0.82
N VAL A 36 -14.25 12.72 0.17
CA VAL A 36 -13.45 11.52 0.32
C VAL A 36 -13.39 11.08 1.79
N ALA A 37 -13.88 9.88 2.05
CA ALA A 37 -13.88 9.34 3.40
C ALA A 37 -12.81 8.27 3.58
N ARG A 38 -12.61 7.46 2.54
CA ARG A 38 -11.62 6.41 2.58
C ARG A 38 -10.85 6.33 1.26
N VAL A 39 -9.95 5.35 1.15
CA VAL A 39 -9.16 5.18 -0.06
C VAL A 39 -10.04 4.95 -1.27
N ALA A 40 -11.02 4.06 -1.13
CA ALA A 40 -11.95 3.76 -2.22
C ALA A 40 -12.51 5.04 -2.83
N ASP A 41 -12.53 6.11 -2.05
CA ASP A 41 -13.04 7.39 -2.51
C ASP A 41 -11.95 8.17 -3.24
N ALA A 42 -10.73 8.12 -2.71
CA ALA A 42 -9.60 8.82 -3.32
C ALA A 42 -8.94 7.98 -4.39
N ILE A 43 -9.60 6.88 -4.76
CA ILE A 43 -9.07 5.99 -5.79
C ILE A 43 -9.09 6.66 -7.16
N PRO A 44 -10.28 7.08 -7.60
CA PRO A 44 -10.46 7.73 -8.90
C PRO A 44 -9.84 9.13 -8.93
N TYR A 45 -10.02 9.87 -7.84
CA TYR A 45 -9.49 11.22 -7.74
C TYR A 45 -7.97 11.21 -7.80
N CYS A 46 -7.39 10.02 -7.74
CA CYS A 46 -5.94 9.87 -7.79
C CYS A 46 -5.51 8.98 -8.95
N SER A 47 -6.46 8.19 -9.45
CA SER A 47 -6.18 7.29 -10.57
C SER A 47 -5.22 7.93 -11.56
N SER A 48 -5.34 9.25 -11.72
CA SER A 48 -4.49 9.99 -12.64
C SER A 48 -3.18 10.40 -11.96
N ASP A 49 -3.29 10.83 -10.71
CA ASP A 49 -2.12 11.26 -9.94
C ASP A 49 -1.11 10.12 -9.82
N TRP A 50 -1.62 8.91 -9.53
CA TRP A 50 -0.76 7.75 -9.38
C TRP A 50 0.07 7.50 -10.63
N ALA A 51 -0.56 7.71 -11.79
CA ALA A 51 0.12 7.52 -13.07
C ALA A 51 1.22 8.56 -13.26
N LEU A 52 1.13 9.66 -12.54
CA LEU A 52 2.11 10.73 -12.64
C LEU A 52 3.38 10.37 -11.86
N LEU A 53 3.22 9.54 -10.83
CA LEU A 53 4.35 9.12 -10.01
C LEU A 53 5.42 8.45 -10.86
N ARG A 54 6.64 8.39 -10.32
CA ARG A 54 7.75 7.77 -11.03
C ARG A 54 8.03 6.36 -10.50
N GLU A 55 8.59 5.51 -11.34
CA GLU A 55 8.89 4.14 -10.95
C GLU A 55 9.46 4.09 -9.53
N GLU A 56 10.42 4.97 -9.26
CA GLU A 56 11.05 5.03 -7.93
C GLU A 56 9.99 5.18 -6.84
N GLU A 57 9.09 6.15 -7.02
CA GLU A 57 8.04 6.39 -6.05
C GLU A 57 7.17 5.16 -5.86
N LYS A 58 6.67 4.63 -6.97
CA LYS A 58 5.81 3.44 -6.94
C LYS A 58 6.47 2.32 -6.13
N GLU A 59 7.74 2.07 -6.42
CA GLU A 59 8.48 1.03 -5.73
C GLU A 59 8.51 1.29 -4.23
N LYS A 60 8.94 2.49 -3.84
CA LYS A 60 9.02 2.86 -2.43
C LYS A 60 7.70 2.55 -1.72
N TYR A 61 6.61 3.09 -2.25
CA TYR A 61 5.30 2.87 -1.66
C TYR A 61 4.99 1.37 -1.53
N ALA A 62 5.33 0.63 -2.58
CA ALA A 62 5.09 -0.82 -2.59
C ALA A 62 5.94 -1.52 -1.54
N GLU A 63 7.17 -1.04 -1.37
CA GLU A 63 8.08 -1.63 -0.39
C GLU A 63 7.54 -1.47 1.03
N MET A 64 7.15 -0.24 1.36
CA MET A 64 6.61 0.04 2.69
C MET A 64 5.31 -0.72 2.93
N ALA A 65 4.52 -0.89 1.87
CA ALA A 65 3.25 -1.60 1.96
C ALA A 65 3.48 -3.06 2.33
N ARG A 66 4.21 -3.78 1.47
CA ARG A 66 4.49 -5.19 1.70
C ARG A 66 5.14 -5.40 3.07
N GLU A 67 6.28 -4.74 3.28
CA GLU A 67 7.00 -4.85 4.54
C GLU A 67 6.07 -4.63 5.73
N TRP A 68 5.11 -3.73 5.55
CA TRP A 68 4.15 -3.42 6.61
C TRP A 68 3.24 -4.61 6.89
N ARG A 69 2.70 -5.19 5.83
CA ARG A 69 1.80 -6.35 5.96
C ARG A 69 2.53 -7.52 6.62
N ALA A 70 3.81 -7.69 6.24
CA ALA A 70 4.61 -8.77 6.78
C ALA A 70 4.87 -8.58 8.27
N ALA A 71 5.21 -7.36 8.65
CA ALA A 71 5.48 -7.04 10.05
C ALA A 71 4.20 -7.10 10.88
N GLN A 72 3.07 -6.78 10.26
CA GLN A 72 1.79 -6.80 10.95
C GLN A 72 1.24 -8.22 11.04
N GLY A 73 1.69 -9.08 10.13
CA GLY A 73 1.24 -10.47 10.14
C GLY A 73 1.52 -11.17 8.82
N LYS A 74 2.79 -11.42 8.56
CA LYS A 74 3.20 -12.10 7.33
C LYS A 74 2.37 -13.35 7.10
N ASP A 75 2.27 -14.19 8.13
CA ASP A 75 1.51 -15.43 8.05
C ASP A 75 0.93 -15.80 9.40
N PRO A 76 -0.33 -16.28 9.40
CA PRO A 76 -1.03 -16.68 10.63
C PRO A 76 -0.44 -17.95 11.23
N GLY A 77 0.32 -18.69 10.43
CA GLY A 77 0.93 -19.92 10.90
C GLY A 77 1.92 -20.50 9.92
N PRO A 78 3.14 -19.92 9.91
CA PRO A 78 4.21 -20.37 9.00
C PRO A 78 4.75 -21.74 9.38
N SER A 79 5.04 -21.92 10.67
CA SER A 79 5.57 -23.19 11.16
C SER A 79 4.44 -24.20 11.39
N GLU A 80 4.44 -25.28 10.61
CA GLU A 80 3.43 -26.31 10.73
C GLU A 80 3.96 -27.51 11.50
N LYS A 81 3.05 -28.27 12.11
CA LYS A 81 3.44 -29.46 12.86
C LYS A 81 2.30 -30.46 12.91
N GLN A 82 2.60 -31.68 13.34
CA GLN A 82 1.60 -32.74 13.43
C GLN A 82 1.30 -33.07 14.89
N LYS A 83 0.01 -33.17 15.21
CA LYS A 83 -0.41 -33.48 16.57
C LYS A 83 -1.11 -34.83 16.62
N PRO A 84 -0.31 -35.91 16.75
CA PRO A 84 -0.83 -37.28 16.81
C PRO A 84 -1.56 -37.56 18.12
N VAL A 85 -2.10 -38.77 18.23
CA VAL A 85 -2.82 -39.17 19.44
C VAL A 85 -2.02 -38.88 20.69
N PHE A 86 -2.71 -38.54 21.77
CA PHE A 86 -2.05 -38.22 23.04
C PHE A 86 -1.56 -39.50 23.71
N THR A 87 -0.24 -39.59 23.92
CA THR A 87 0.36 -40.75 24.55
C THR A 87 0.50 -40.54 26.06
N SER A 88 0.93 -39.35 26.44
CA SER A 88 1.11 -39.02 27.85
C SER A 88 -0.23 -38.79 28.54
N GLY A 89 -0.79 -39.86 29.10
CA GLY A 89 -2.07 -39.75 29.78
C GLY A 89 -1.99 -40.14 31.25
N PRO A 90 -3.13 -40.06 31.95
CA PRO A 90 -3.20 -40.40 33.37
C PRO A 90 -3.05 -41.90 33.61
N SER A 91 -2.27 -42.26 34.63
CA SER A 91 -2.04 -43.65 34.97
C SER A 91 -3.15 -44.19 35.86
N SER A 92 -3.76 -45.29 35.44
CA SER A 92 -4.84 -45.91 36.21
C SER A 92 -4.39 -47.23 36.82
N GLY A 93 -3.18 -47.25 37.35
CA GLY A 93 -2.65 -48.46 37.97
C GLY A 93 -1.48 -49.03 37.19
N GLY A 1 5.19 5.23 -14.44
CA GLY A 1 5.65 3.97 -13.88
C GLY A 1 5.89 2.91 -14.94
N SER A 2 7.15 2.57 -15.14
CA SER A 2 7.53 1.57 -16.14
C SER A 2 7.12 0.17 -15.68
N SER A 3 7.65 -0.25 -14.54
CA SER A 3 7.34 -1.58 -14.00
C SER A 3 5.83 -1.80 -13.95
N GLY A 4 5.44 -3.03 -13.61
CA GLY A 4 4.03 -3.35 -13.52
C GLY A 4 3.79 -4.76 -13.02
N SER A 5 3.90 -4.95 -11.72
CA SER A 5 3.70 -6.26 -11.12
C SER A 5 2.25 -6.45 -10.70
N SER A 6 1.33 -6.10 -11.60
CA SER A 6 -0.10 -6.23 -11.33
C SER A 6 -0.84 -6.71 -12.57
N GLY A 7 -2.02 -7.29 -12.36
CA GLY A 7 -2.81 -7.79 -13.47
C GLY A 7 -3.29 -9.21 -13.24
N MET A 8 -4.13 -9.41 -12.22
CA MET A 8 -4.65 -10.73 -11.90
C MET A 8 -5.92 -10.62 -11.06
N PRO A 9 -6.80 -11.62 -11.19
CA PRO A 9 -8.06 -11.66 -10.45
C PRO A 9 -7.86 -11.90 -8.95
N ASN A 10 -7.77 -10.82 -8.19
CA ASN A 10 -7.57 -10.90 -6.75
C ASN A 10 -8.90 -11.09 -6.02
N ARG A 11 -9.01 -12.19 -5.29
CA ARG A 11 -10.23 -12.49 -4.54
C ARG A 11 -10.38 -11.56 -3.34
N LYS A 12 -9.34 -11.51 -2.51
CA LYS A 12 -9.34 -10.68 -1.32
C LYS A 12 -8.71 -9.32 -1.62
N ALA A 13 -9.22 -8.28 -0.95
CA ALA A 13 -8.71 -6.93 -1.13
C ALA A 13 -7.55 -6.64 -0.19
N SER A 14 -6.36 -6.46 -0.75
CA SER A 14 -5.17 -6.19 0.06
C SER A 14 -4.68 -4.77 -0.18
N ARG A 15 -3.76 -4.32 0.66
CA ARG A 15 -3.20 -2.97 0.55
C ARG A 15 -1.89 -2.98 -0.22
N ASN A 16 -1.82 -2.20 -1.29
CA ASN A 16 -0.62 -2.12 -2.11
C ASN A 16 -0.14 -0.67 -2.24
N ALA A 17 0.97 -0.48 -2.94
CA ALA A 17 1.52 0.85 -3.14
C ALA A 17 0.44 1.86 -3.49
N TYR A 18 -0.55 1.40 -4.25
CA TYR A 18 -1.66 2.27 -4.67
C TYR A 18 -2.50 2.68 -3.46
N TYR A 19 -2.77 1.71 -2.58
CA TYR A 19 -3.57 1.97 -1.39
C TYR A 19 -2.86 2.93 -0.45
N PHE A 20 -1.57 2.69 -0.23
CA PHE A 20 -0.77 3.53 0.66
C PHE A 20 -0.70 4.97 0.12
N PHE A 21 -0.53 5.10 -1.19
CA PHE A 21 -0.45 6.40 -1.83
C PHE A 21 -1.71 7.21 -1.57
N VAL A 22 -2.86 6.54 -1.63
CA VAL A 22 -4.13 7.21 -1.40
C VAL A 22 -4.36 7.49 0.08
N GLN A 23 -3.97 6.53 0.92
CA GLN A 23 -4.12 6.68 2.36
C GLN A 23 -3.49 7.98 2.85
N GLU A 24 -2.25 8.23 2.43
CA GLU A 24 -1.54 9.44 2.82
C GLU A 24 -2.01 10.64 2.01
N LYS A 25 -3.09 10.45 1.25
CA LYS A 25 -3.64 11.52 0.43
C LYS A 25 -5.10 11.79 0.80
N ILE A 26 -5.75 10.79 1.38
CA ILE A 26 -7.14 10.93 1.79
C ILE A 26 -7.39 12.28 2.46
N PRO A 27 -6.65 12.55 3.55
CA PRO A 27 -6.76 13.79 4.30
C PRO A 27 -6.23 14.99 3.52
N GLU A 28 -5.39 14.72 2.53
CA GLU A 28 -4.80 15.78 1.71
C GLU A 28 -5.85 16.38 0.77
N LEU A 29 -6.71 15.52 0.22
CA LEU A 29 -7.75 15.95 -0.69
C LEU A 29 -8.88 16.65 0.06
N ARG A 30 -9.26 16.08 1.19
CA ARG A 30 -10.33 16.65 2.01
C ARG A 30 -10.13 18.14 2.20
N ARG A 31 -8.88 18.57 2.30
CA ARG A 31 -8.55 19.98 2.47
C ARG A 31 -8.74 20.75 1.17
N ARG A 32 -8.31 20.14 0.07
CA ARG A 32 -8.42 20.77 -1.24
C ARG A 32 -9.86 21.17 -1.53
N GLY A 33 -10.80 20.29 -1.18
CA GLY A 33 -12.20 20.57 -1.41
C GLY A 33 -12.87 19.51 -2.26
N LEU A 34 -12.61 18.25 -1.94
CA LEU A 34 -13.20 17.13 -2.68
C LEU A 34 -13.91 16.16 -1.75
N PRO A 35 -15.05 15.63 -2.20
CA PRO A 35 -15.85 14.68 -1.42
C PRO A 35 -15.16 13.33 -1.27
N VAL A 36 -14.21 13.25 -0.35
CA VAL A 36 -13.47 12.01 -0.11
C VAL A 36 -13.60 11.57 1.34
N ALA A 37 -14.19 10.39 1.55
CA ALA A 37 -14.37 9.86 2.90
C ALA A 37 -13.33 8.79 3.20
N ARG A 38 -12.96 8.03 2.18
CA ARG A 38 -11.96 6.96 2.34
C ARG A 38 -11.20 6.73 1.04
N VAL A 39 -10.32 5.74 1.06
CA VAL A 39 -9.52 5.41 -0.13
C VAL A 39 -10.41 5.19 -1.34
N ALA A 40 -11.41 4.33 -1.18
CA ALA A 40 -12.33 4.02 -2.27
C ALA A 40 -12.84 5.30 -2.93
N ASP A 41 -12.81 6.40 -2.19
CA ASP A 41 -13.26 7.69 -2.71
C ASP A 41 -12.12 8.43 -3.41
N ALA A 42 -10.94 8.36 -2.82
CA ALA A 42 -9.76 9.03 -3.38
C ALA A 42 -9.08 8.13 -4.40
N ILE A 43 -9.74 7.05 -4.79
CA ILE A 43 -9.19 6.12 -5.76
C ILE A 43 -9.13 6.74 -7.16
N PRO A 44 -10.29 7.18 -7.65
CA PRO A 44 -10.40 7.81 -8.98
C PRO A 44 -9.75 9.19 -9.02
N TYR A 45 -9.98 9.98 -7.97
CA TYR A 45 -9.43 11.33 -7.89
C TYR A 45 -7.90 11.28 -7.93
N CYS A 46 -7.35 10.08 -7.79
CA CYS A 46 -5.90 9.90 -7.81
C CYS A 46 -5.47 9.03 -8.98
N SER A 47 -6.38 8.19 -9.45
CA SER A 47 -6.10 7.30 -10.57
C SER A 47 -5.19 7.98 -11.58
N SER A 48 -5.34 9.29 -11.72
CA SER A 48 -4.52 10.06 -12.65
C SER A 48 -3.20 10.46 -12.03
N ASP A 49 -3.25 10.89 -10.77
CA ASP A 49 -2.05 11.30 -10.05
C ASP A 49 -1.08 10.13 -9.91
N TRP A 50 -1.59 9.00 -9.47
CA TRP A 50 -0.77 7.80 -9.29
C TRP A 50 0.01 7.47 -10.56
N ALA A 51 -0.62 7.71 -11.71
CA ALA A 51 0.02 7.44 -12.99
C ALA A 51 1.13 8.44 -13.28
N LEU A 52 1.08 9.57 -12.59
CA LEU A 52 2.08 10.62 -12.77
C LEU A 52 3.35 10.30 -11.99
N LEU A 53 3.19 9.55 -10.89
CA LEU A 53 4.32 9.17 -10.05
C LEU A 53 5.40 8.47 -10.88
N ARG A 54 6.58 8.34 -10.30
CA ARG A 54 7.70 7.70 -10.97
C ARG A 54 7.94 6.30 -10.41
N GLU A 55 8.70 5.49 -11.15
CA GLU A 55 9.00 4.13 -10.72
C GLU A 55 9.52 4.11 -9.29
N GLU A 56 10.46 4.99 -9.00
CA GLU A 56 11.03 5.08 -7.65
C GLU A 56 9.95 5.22 -6.60
N GLU A 57 9.04 6.17 -6.82
CA GLU A 57 7.94 6.41 -5.89
C GLU A 57 7.09 5.16 -5.72
N LYS A 58 6.58 4.64 -6.84
CA LYS A 58 5.75 3.45 -6.82
C LYS A 58 6.43 2.32 -6.06
N GLU A 59 7.77 2.25 -6.17
CA GLU A 59 8.54 1.21 -5.50
C GLU A 59 8.54 1.44 -3.98
N LYS A 60 8.66 2.69 -3.58
CA LYS A 60 8.68 3.05 -2.17
C LYS A 60 7.34 2.72 -1.51
N TYR A 61 6.25 2.99 -2.22
CA TYR A 61 4.92 2.72 -1.72
C TYR A 61 4.63 1.23 -1.66
N ALA A 62 5.11 0.51 -2.67
CA ALA A 62 4.91 -0.93 -2.75
C ALA A 62 5.76 -1.66 -1.71
N GLU A 63 7.04 -1.28 -1.63
CA GLU A 63 7.95 -1.90 -0.68
C GLU A 63 7.51 -1.64 0.76
N MET A 64 7.11 -0.40 1.02
CA MET A 64 6.66 -0.03 2.36
C MET A 64 5.37 -0.75 2.72
N ALA A 65 4.47 -0.89 1.75
CA ALA A 65 3.20 -1.58 1.96
C ALA A 65 3.42 -3.04 2.34
N ARG A 66 4.13 -3.76 1.48
CA ARG A 66 4.41 -5.17 1.73
C ARG A 66 5.14 -5.37 3.05
N GLU A 67 6.28 -4.70 3.20
CA GLU A 67 7.08 -4.80 4.42
C GLU A 67 6.20 -4.60 5.65
N TRP A 68 5.30 -3.63 5.57
CA TRP A 68 4.40 -3.33 6.68
C TRP A 68 3.49 -4.52 6.99
N ARG A 69 2.85 -5.05 5.94
CA ARG A 69 1.95 -6.18 6.09
C ARG A 69 2.68 -7.39 6.66
N ALA A 70 3.91 -7.59 6.20
CA ALA A 70 4.72 -8.71 6.67
C ALA A 70 5.04 -8.58 8.15
N ALA A 71 5.56 -7.42 8.54
CA ALA A 71 5.90 -7.16 9.93
C ALA A 71 4.67 -7.26 10.83
N GLN A 72 3.53 -6.83 10.31
CA GLN A 72 2.29 -6.87 11.06
C GLN A 72 1.72 -8.29 11.11
N GLY A 73 2.11 -9.11 10.15
CA GLY A 73 1.63 -10.48 10.10
C GLY A 73 2.50 -11.42 10.92
N LYS A 74 3.69 -11.72 10.41
CA LYS A 74 4.62 -12.61 11.10
C LYS A 74 5.75 -11.82 11.75
N ASP A 75 6.10 -12.19 12.98
CA ASP A 75 7.17 -11.52 13.71
C ASP A 75 8.32 -12.48 13.98
N PRO A 76 9.18 -12.67 12.97
CA PRO A 76 10.34 -13.56 13.07
C PRO A 76 11.41 -13.01 14.00
N GLY A 77 11.13 -11.87 14.62
CA GLY A 77 12.07 -11.26 15.53
C GLY A 77 11.85 -9.77 15.68
N PRO A 78 12.52 -9.16 16.68
CA PRO A 78 12.40 -7.73 16.95
C PRO A 78 13.05 -6.88 15.87
N SER A 79 12.26 -6.01 15.24
CA SER A 79 12.78 -5.14 14.19
C SER A 79 13.03 -3.73 14.73
N GLU A 80 14.16 -3.16 14.34
CA GLU A 80 14.52 -1.82 14.77
C GLU A 80 15.71 -1.28 13.98
N LYS A 81 15.83 0.04 13.90
CA LYS A 81 16.92 0.68 13.18
C LYS A 81 18.25 0.45 13.89
N GLN A 82 19.34 0.91 13.27
CA GLN A 82 20.67 0.76 13.85
C GLN A 82 21.00 1.94 14.75
N LYS A 83 20.43 3.10 14.43
CA LYS A 83 20.68 4.31 15.22
C LYS A 83 19.67 5.40 14.87
N PRO A 84 19.25 6.18 15.87
CA PRO A 84 18.29 7.26 15.69
C PRO A 84 18.86 8.43 14.90
N VAL A 85 18.36 8.62 13.68
CA VAL A 85 18.83 9.71 12.83
C VAL A 85 17.75 10.77 12.65
N PHE A 86 18.18 12.02 12.52
CA PHE A 86 17.25 13.13 12.34
C PHE A 86 17.70 14.03 11.18
N THR A 87 16.78 14.89 10.73
CA THR A 87 17.08 15.80 9.63
C THR A 87 17.51 17.17 10.15
N SER A 88 16.78 17.67 11.13
CA SER A 88 17.08 18.98 11.72
C SER A 88 18.14 18.84 12.81
N GLY A 89 19.40 18.93 12.41
CA GLY A 89 20.49 18.83 13.36
C GLY A 89 21.25 20.13 13.53
N PRO A 90 22.31 20.31 12.75
CA PRO A 90 23.14 21.51 12.79
C PRO A 90 22.42 22.75 12.25
N SER A 91 22.06 23.66 13.14
CA SER A 91 21.36 24.87 12.76
C SER A 91 21.69 26.02 13.72
N SER A 92 21.47 27.24 13.25
CA SER A 92 21.75 28.43 14.06
C SER A 92 20.90 28.42 15.33
N GLY A 93 19.60 28.17 15.16
CA GLY A 93 18.71 28.14 16.30
C GLY A 93 17.61 27.10 16.16
N GLY A 1 -7.99 12.39 -26.29
CA GLY A 1 -8.68 11.85 -25.14
C GLY A 1 -10.06 11.32 -25.49
N SER A 2 -11.07 11.78 -24.76
CA SER A 2 -12.44 11.34 -25.00
C SER A 2 -12.59 9.84 -24.74
N SER A 3 -11.96 9.36 -23.67
CA SER A 3 -12.01 7.95 -23.32
C SER A 3 -11.93 7.76 -21.81
N GLY A 4 -12.92 7.06 -21.26
CA GLY A 4 -12.95 6.82 -19.82
C GLY A 4 -14.15 6.00 -19.40
N SER A 5 -14.33 4.84 -20.04
CA SER A 5 -15.45 3.96 -19.72
C SER A 5 -15.16 3.16 -18.46
N SER A 6 -15.94 3.43 -17.41
CA SER A 6 -15.76 2.72 -16.15
C SER A 6 -16.67 1.50 -16.08
N GLY A 7 -16.05 0.32 -16.02
CA GLY A 7 -16.81 -0.91 -15.95
C GLY A 7 -15.94 -2.11 -15.63
N MET A 8 -15.19 -2.03 -14.54
CA MET A 8 -14.32 -3.12 -14.13
C MET A 8 -14.78 -3.72 -12.80
N PRO A 9 -14.64 -5.05 -12.68
CA PRO A 9 -15.03 -5.77 -11.46
C PRO A 9 -14.14 -5.46 -10.28
N ASN A 10 -13.11 -4.64 -10.51
CA ASN A 10 -12.18 -4.26 -9.46
C ASN A 10 -12.90 -4.05 -8.14
N ARG A 11 -12.87 -5.07 -7.28
CA ARG A 11 -13.52 -5.00 -5.99
C ARG A 11 -12.50 -4.99 -4.86
N LYS A 12 -12.98 -4.92 -3.62
CA LYS A 12 -12.10 -4.90 -2.45
C LYS A 12 -10.87 -5.78 -2.68
N ALA A 13 -9.74 -5.13 -2.98
CA ALA A 13 -8.50 -5.84 -3.22
C ALA A 13 -7.50 -5.60 -2.10
N SER A 14 -6.53 -6.50 -1.96
CA SER A 14 -5.51 -6.38 -0.92
C SER A 14 -4.81 -5.03 -1.00
N ARG A 15 -4.21 -4.61 0.10
CA ARG A 15 -3.50 -3.34 0.16
C ARG A 15 -2.21 -3.40 -0.66
N ASN A 16 -2.03 -2.43 -1.54
CA ASN A 16 -0.84 -2.37 -2.38
C ASN A 16 -0.29 -0.95 -2.47
N ALA A 17 0.85 -0.79 -3.12
CA ALA A 17 1.47 0.51 -3.28
C ALA A 17 0.42 1.60 -3.50
N TYR A 18 -0.51 1.33 -4.42
CA TYR A 18 -1.56 2.28 -4.74
C TYR A 18 -2.41 2.60 -3.50
N TYR A 19 -2.77 1.55 -2.77
CA TYR A 19 -3.57 1.71 -1.56
C TYR A 19 -2.90 2.66 -0.57
N PHE A 20 -1.59 2.49 -0.39
CA PHE A 20 -0.84 3.34 0.53
C PHE A 20 -0.84 4.79 0.05
N PHE A 21 -0.69 4.98 -1.26
CA PHE A 21 -0.67 6.31 -1.83
C PHE A 21 -2.01 7.01 -1.64
N VAL A 22 -3.08 6.38 -2.14
CA VAL A 22 -4.41 6.94 -2.02
C VAL A 22 -4.76 7.23 -0.56
N GLN A 23 -4.12 6.52 0.35
CA GLN A 23 -4.35 6.70 1.78
C GLN A 23 -3.73 8.00 2.27
N GLU A 24 -2.49 8.26 1.86
CA GLU A 24 -1.78 9.46 2.26
C GLU A 24 -2.32 10.68 1.51
N LYS A 25 -3.36 10.46 0.71
CA LYS A 25 -3.97 11.54 -0.05
C LYS A 25 -5.37 11.85 0.45
N ILE A 26 -6.03 10.84 1.01
CA ILE A 26 -7.38 11.00 1.53
C ILE A 26 -7.55 12.38 2.18
N PRO A 27 -6.72 12.66 3.18
CA PRO A 27 -6.77 13.94 3.91
C PRO A 27 -6.28 15.11 3.05
N GLU A 28 -5.51 14.79 2.02
CA GLU A 28 -4.98 15.81 1.12
C GLU A 28 -6.08 16.37 0.23
N LEU A 29 -7.04 15.53 -0.11
CA LEU A 29 -8.16 15.94 -0.96
C LEU A 29 -9.24 16.62 -0.14
N ARG A 30 -9.49 16.10 1.06
CA ARG A 30 -10.50 16.65 1.94
C ARG A 30 -10.37 18.17 2.05
N ARG A 31 -9.15 18.64 2.29
CA ARG A 31 -8.89 20.07 2.41
C ARG A 31 -9.07 20.77 1.07
N ARG A 32 -8.66 20.10 -0.01
CA ARG A 32 -8.79 20.66 -1.35
C ARG A 32 -10.22 21.07 -1.63
N GLY A 33 -11.17 20.23 -1.20
CA GLY A 33 -12.57 20.52 -1.42
C GLY A 33 -13.26 19.45 -2.25
N LEU A 34 -13.00 18.20 -1.92
CA LEU A 34 -13.60 17.07 -2.64
C LEU A 34 -14.25 16.09 -1.67
N PRO A 35 -15.38 15.52 -2.09
CA PRO A 35 -16.13 14.54 -1.29
C PRO A 35 -15.40 13.22 -1.15
N VAL A 36 -14.51 13.15 -0.16
CA VAL A 36 -13.74 11.92 0.08
C VAL A 36 -13.78 11.53 1.55
N ALA A 37 -14.24 10.30 1.81
CA ALA A 37 -14.33 9.80 3.17
C ALA A 37 -13.40 8.60 3.39
N ARG A 38 -13.18 7.85 2.31
CA ARG A 38 -12.32 6.67 2.38
C ARG A 38 -11.43 6.57 1.15
N VAL A 39 -10.51 5.62 1.16
CA VAL A 39 -9.60 5.42 0.04
C VAL A 39 -10.35 5.18 -1.26
N ALA A 40 -11.37 4.33 -1.20
CA ALA A 40 -12.18 4.02 -2.37
C ALA A 40 -12.70 5.30 -3.03
N ASP A 41 -12.97 6.31 -2.22
CA ASP A 41 -13.48 7.58 -2.72
C ASP A 41 -12.35 8.40 -3.34
N ALA A 42 -11.18 8.36 -2.71
CA ALA A 42 -10.02 9.10 -3.20
C ALA A 42 -9.28 8.30 -4.27
N ILE A 43 -9.82 7.15 -4.63
CA ILE A 43 -9.20 6.29 -5.63
C ILE A 43 -9.11 7.00 -6.98
N PRO A 44 -10.27 7.43 -7.50
CA PRO A 44 -10.35 8.13 -8.79
C PRO A 44 -9.76 9.54 -8.72
N TYR A 45 -9.93 10.19 -7.56
CA TYR A 45 -9.41 11.53 -7.38
C TYR A 45 -7.89 11.52 -7.22
N CYS A 46 -7.30 10.33 -7.34
CA CYS A 46 -5.85 10.18 -7.22
C CYS A 46 -5.29 9.44 -8.43
N SER A 47 -6.07 8.54 -8.99
CA SER A 47 -5.65 7.74 -10.14
C SER A 47 -4.78 8.59 -11.07
N SER A 48 -5.14 9.85 -11.23
CA SER A 48 -4.40 10.76 -12.09
C SER A 48 -3.04 11.10 -11.49
N ASP A 49 -3.04 11.46 -10.21
CA ASP A 49 -1.81 11.81 -9.52
C ASP A 49 -0.86 10.61 -9.45
N TRP A 50 -1.43 9.42 -9.33
CA TRP A 50 -0.64 8.19 -9.25
C TRP A 50 0.13 7.96 -10.54
N ALA A 51 -0.52 8.22 -11.66
CA ALA A 51 0.10 8.05 -12.98
C ALA A 51 1.23 9.06 -13.18
N LEU A 52 1.33 10.02 -12.26
CA LEU A 52 2.36 11.05 -12.35
C LEU A 52 3.61 10.62 -11.59
N LEU A 53 3.44 9.74 -10.63
CA LEU A 53 4.56 9.25 -9.82
C LEU A 53 5.59 8.53 -10.70
N ARG A 54 6.80 8.39 -10.19
CA ARG A 54 7.87 7.73 -10.93
C ARG A 54 8.05 6.29 -10.45
N GLU A 55 8.63 5.45 -11.32
CA GLU A 55 8.85 4.05 -10.98
C GLU A 55 9.45 3.91 -9.58
N GLU A 56 10.42 4.76 -9.27
CA GLU A 56 11.08 4.73 -7.98
C GLU A 56 10.06 4.92 -6.84
N GLU A 57 9.18 5.90 -7.01
CA GLU A 57 8.16 6.18 -6.02
C GLU A 57 7.23 4.99 -5.83
N LYS A 58 6.64 4.52 -6.93
CA LYS A 58 5.73 3.39 -6.89
C LYS A 58 6.36 2.21 -6.15
N GLU A 59 7.61 1.90 -6.50
CA GLU A 59 8.32 0.80 -5.87
C GLU A 59 8.46 1.02 -4.36
N LYS A 60 8.78 2.25 -3.99
CA LYS A 60 8.94 2.59 -2.58
C LYS A 60 7.66 2.30 -1.80
N TYR A 61 6.53 2.77 -2.32
CA TYR A 61 5.24 2.56 -1.68
C TYR A 61 4.93 1.08 -1.57
N ALA A 62 5.19 0.34 -2.64
CA ALA A 62 4.93 -1.09 -2.67
C ALA A 62 5.81 -1.83 -1.67
N GLU A 63 7.09 -1.44 -1.62
CA GLU A 63 8.03 -2.07 -0.71
C GLU A 63 7.59 -1.89 0.74
N MET A 64 7.32 -0.65 1.13
CA MET A 64 6.89 -0.34 2.48
C MET A 64 5.59 -1.06 2.81
N ALA A 65 4.73 -1.22 1.81
CA ALA A 65 3.45 -1.89 1.99
C ALA A 65 3.65 -3.36 2.34
N ARG A 66 4.43 -4.05 1.53
CA ARG A 66 4.70 -5.48 1.74
C ARG A 66 5.36 -5.70 3.09
N GLU A 67 6.50 -5.03 3.31
CA GLU A 67 7.24 -5.16 4.55
C GLU A 67 6.35 -4.80 5.75
N TRP A 68 5.49 -3.82 5.56
CA TRP A 68 4.59 -3.37 6.62
C TRP A 68 3.62 -4.48 7.00
N ARG A 69 2.99 -5.08 6.00
CA ARG A 69 2.03 -6.16 6.23
C ARG A 69 2.72 -7.37 6.87
N ALA A 70 3.91 -7.69 6.38
CA ALA A 70 4.67 -8.83 6.90
C ALA A 70 5.03 -8.61 8.37
N ALA A 71 5.64 -7.47 8.66
CA ALA A 71 6.03 -7.15 10.03
C ALA A 71 4.81 -7.04 10.94
N GLN A 72 3.73 -6.49 10.42
CA GLN A 72 2.50 -6.33 11.19
C GLN A 72 1.82 -7.67 11.41
N GLY A 73 2.10 -8.62 10.52
CA GLY A 73 1.50 -9.93 10.63
C GLY A 73 2.35 -10.89 11.47
N LYS A 74 3.55 -11.17 10.99
CA LYS A 74 4.46 -12.08 11.69
C LYS A 74 5.54 -11.29 12.42
N ASP A 75 5.96 -11.81 13.58
CA ASP A 75 7.00 -11.15 14.37
C ASP A 75 8.18 -12.10 14.60
N PRO A 76 9.07 -12.20 13.60
CA PRO A 76 10.24 -13.06 13.67
C PRO A 76 11.27 -12.55 14.67
N GLY A 77 11.06 -11.34 15.17
CA GLY A 77 11.98 -10.76 16.13
C GLY A 77 11.41 -9.53 16.80
N PRO A 78 11.76 -9.32 18.08
CA PRO A 78 11.29 -8.18 18.87
C PRO A 78 11.91 -6.87 18.39
N SER A 79 11.18 -6.15 17.54
CA SER A 79 11.66 -4.88 17.01
C SER A 79 10.64 -3.77 17.26
N GLU A 80 11.12 -2.54 17.34
CA GLU A 80 10.25 -1.39 17.56
C GLU A 80 9.65 -0.89 16.25
N LYS A 81 8.49 -0.26 16.34
CA LYS A 81 7.81 0.28 15.17
C LYS A 81 7.71 1.81 15.25
N GLN A 82 8.75 2.49 14.84
CA GLN A 82 8.78 3.95 14.86
C GLN A 82 9.50 4.51 13.62
N LYS A 83 8.84 5.43 12.93
CA LYS A 83 9.42 6.03 11.74
C LYS A 83 8.67 7.30 11.36
N PRO A 84 9.42 8.41 11.17
CA PRO A 84 8.86 9.70 10.81
C PRO A 84 8.31 9.72 9.39
N VAL A 85 7.21 10.45 9.18
CA VAL A 85 6.60 10.54 7.86
C VAL A 85 6.20 11.98 7.54
N PHE A 86 6.75 12.51 6.45
CA PHE A 86 6.46 13.88 6.05
C PHE A 86 5.74 13.90 4.69
N THR A 87 5.35 15.09 4.26
CA THR A 87 4.65 15.25 2.98
C THR A 87 4.80 16.66 2.45
N SER A 88 4.72 16.80 1.13
CA SER A 88 4.85 18.11 0.49
C SER A 88 3.47 18.69 0.16
N GLY A 89 2.63 17.88 -0.48
CA GLY A 89 1.30 18.32 -0.83
C GLY A 89 1.28 19.77 -1.31
N PRO A 90 1.95 20.03 -2.44
CA PRO A 90 2.02 21.37 -3.03
C PRO A 90 0.68 21.83 -3.59
N SER A 91 -0.15 22.41 -2.73
CA SER A 91 -1.47 22.90 -3.14
C SER A 91 -1.36 24.31 -3.71
N SER A 92 -1.62 24.43 -5.02
CA SER A 92 -1.55 25.73 -5.68
C SER A 92 -2.72 26.62 -5.26
N GLY A 93 -2.43 27.89 -5.04
CA GLY A 93 -3.46 28.83 -4.63
C GLY A 93 -2.89 30.16 -4.17
N GLY A 1 10.76 -3.90 8.32
CA GLY A 1 9.83 -4.96 8.00
C GLY A 1 10.49 -6.10 7.25
N SER A 2 9.73 -7.17 7.02
CA SER A 2 10.24 -8.34 6.30
C SER A 2 9.64 -8.43 4.91
N SER A 3 10.50 -8.64 3.91
CA SER A 3 10.06 -8.74 2.54
C SER A 3 11.20 -9.21 1.63
N GLY A 4 10.85 -9.97 0.60
CA GLY A 4 11.86 -10.47 -0.32
C GLY A 4 11.75 -9.85 -1.69
N SER A 5 12.39 -10.47 -2.69
CA SER A 5 12.36 -9.97 -4.05
C SER A 5 10.97 -10.12 -4.66
N SER A 6 10.45 -11.34 -4.64
CA SER A 6 9.13 -11.62 -5.19
C SER A 6 8.06 -11.56 -4.11
N GLY A 7 6.84 -11.22 -4.50
CA GLY A 7 5.75 -11.13 -3.55
C GLY A 7 4.62 -12.09 -3.87
N MET A 8 3.76 -12.33 -2.89
CA MET A 8 2.64 -13.24 -3.07
C MET A 8 1.64 -12.69 -4.07
N PRO A 9 0.95 -13.58 -4.79
CA PRO A 9 -0.04 -13.19 -5.81
C PRO A 9 -1.29 -12.59 -5.18
N ASN A 10 -1.44 -11.28 -5.33
CA ASN A 10 -2.60 -10.58 -4.78
C ASN A 10 -3.86 -10.93 -5.56
N ARG A 11 -4.78 -11.62 -4.90
CA ARG A 11 -6.04 -12.01 -5.52
C ARG A 11 -6.93 -10.80 -5.76
N LYS A 12 -7.16 -10.03 -4.71
CA LYS A 12 -8.00 -8.83 -4.81
C LYS A 12 -7.21 -7.59 -4.42
N ALA A 13 -5.94 -7.55 -4.81
CA ALA A 13 -5.07 -6.41 -4.50
C ALA A 13 -5.38 -5.84 -3.13
N SER A 14 -5.36 -6.71 -2.12
CA SER A 14 -5.64 -6.30 -0.75
C SER A 14 -5.09 -4.91 -0.47
N ARG A 15 -3.77 -4.79 -0.48
CA ARG A 15 -3.10 -3.51 -0.24
C ARG A 15 -1.77 -3.44 -0.97
N ASN A 16 -1.62 -2.40 -1.78
CA ASN A 16 -0.38 -2.21 -2.55
C ASN A 16 0.04 -0.75 -2.56
N ALA A 17 1.21 -0.47 -3.11
CA ALA A 17 1.72 0.90 -3.18
C ALA A 17 0.59 1.89 -3.40
N TYR A 18 -0.28 1.59 -4.33
CA TYR A 18 -1.41 2.46 -4.64
C TYR A 18 -2.25 2.73 -3.40
N TYR A 19 -2.57 1.66 -2.67
CA TYR A 19 -3.38 1.77 -1.46
C TYR A 19 -2.74 2.75 -0.47
N PHE A 20 -1.41 2.68 -0.35
CA PHE A 20 -0.68 3.55 0.55
C PHE A 20 -0.67 4.99 0.04
N PHE A 21 -0.64 5.13 -1.28
CA PHE A 21 -0.64 6.46 -1.90
C PHE A 21 -1.97 7.16 -1.70
N VAL A 22 -3.05 6.50 -2.11
CA VAL A 22 -4.40 7.05 -1.97
C VAL A 22 -4.75 7.30 -0.51
N GLN A 23 -4.14 6.51 0.38
CA GLN A 23 -4.38 6.65 1.81
C GLN A 23 -3.72 7.90 2.37
N GLU A 24 -2.51 8.18 1.89
CA GLU A 24 -1.76 9.34 2.34
C GLU A 24 -2.24 10.61 1.63
N LYS A 25 -3.37 10.50 0.94
CA LYS A 25 -3.94 11.63 0.21
C LYS A 25 -5.36 11.91 0.67
N ILE A 26 -6.03 10.88 1.18
CA ILE A 26 -7.40 11.01 1.66
C ILE A 26 -7.61 12.37 2.34
N PRO A 27 -6.82 12.64 3.38
CA PRO A 27 -6.90 13.89 4.14
C PRO A 27 -6.40 15.09 3.33
N GLU A 28 -5.57 14.81 2.33
CA GLU A 28 -5.03 15.86 1.48
C GLU A 28 -6.11 16.44 0.57
N LEU A 29 -6.96 15.56 0.04
CA LEU A 29 -8.02 15.99 -0.85
C LEU A 29 -9.16 16.64 -0.07
N ARG A 30 -9.51 16.04 1.06
CA ARG A 30 -10.57 16.57 1.90
C ARG A 30 -10.45 18.08 2.08
N ARG A 31 -9.22 18.55 2.26
CA ARG A 31 -8.95 19.97 2.42
C ARG A 31 -9.11 20.72 1.10
N ARG A 32 -8.59 20.13 0.03
CA ARG A 32 -8.68 20.73 -1.29
C ARG A 32 -10.13 21.10 -1.62
N GLY A 33 -11.04 20.19 -1.31
CA GLY A 33 -12.45 20.44 -1.59
C GLY A 33 -13.06 19.36 -2.46
N LEU A 34 -12.79 18.11 -2.11
CA LEU A 34 -13.33 16.97 -2.87
C LEU A 34 -14.01 15.98 -1.93
N PRO A 35 -15.10 15.38 -2.41
CA PRO A 35 -15.87 14.39 -1.64
C PRO A 35 -15.11 13.08 -1.47
N VAL A 36 -14.27 13.02 -0.44
CA VAL A 36 -13.48 11.83 -0.16
C VAL A 36 -13.63 11.39 1.29
N ALA A 37 -14.37 10.31 1.51
CA ALA A 37 -14.59 9.79 2.86
C ALA A 37 -13.65 8.63 3.16
N ARG A 38 -13.32 7.87 2.13
CA ARG A 38 -12.42 6.72 2.29
C ARG A 38 -11.55 6.54 1.05
N VAL A 39 -10.61 5.59 1.12
CA VAL A 39 -9.72 5.32 0.01
C VAL A 39 -10.49 5.13 -1.29
N ALA A 40 -11.46 4.21 -1.27
CA ALA A 40 -12.27 3.94 -2.45
C ALA A 40 -12.74 5.23 -3.11
N ASP A 41 -12.99 6.25 -2.29
CA ASP A 41 -13.43 7.54 -2.80
C ASP A 41 -12.27 8.31 -3.43
N ALA A 42 -11.11 8.24 -2.78
CA ALA A 42 -9.92 8.93 -3.27
C ALA A 42 -9.23 8.11 -4.36
N ILE A 43 -9.70 6.89 -4.57
CA ILE A 43 -9.12 6.02 -5.58
C ILE A 43 -9.04 6.70 -6.94
N PRO A 44 -10.21 7.14 -7.45
CA PRO A 44 -10.30 7.82 -8.74
C PRO A 44 -9.69 9.22 -8.69
N TYR A 45 -9.91 9.92 -7.59
CA TYR A 45 -9.38 11.28 -7.43
C TYR A 45 -7.86 11.25 -7.30
N CYS A 46 -7.29 10.06 -7.29
CA CYS A 46 -5.85 9.89 -7.16
C CYS A 46 -5.26 9.24 -8.41
N SER A 47 -6.00 8.30 -8.99
CA SER A 47 -5.57 7.60 -10.18
C SER A 47 -4.80 8.53 -11.11
N SER A 48 -5.18 9.81 -11.09
CA SER A 48 -4.53 10.81 -11.94
C SER A 48 -3.14 11.15 -11.41
N ASP A 49 -3.08 11.62 -10.17
CA ASP A 49 -1.81 11.97 -9.55
C ASP A 49 -0.87 10.78 -9.51
N TRP A 50 -1.40 9.61 -9.17
CA TRP A 50 -0.61 8.38 -9.10
C TRP A 50 0.16 8.16 -10.39
N ALA A 51 -0.46 8.51 -11.52
CA ALA A 51 0.17 8.34 -12.82
C ALA A 51 1.39 9.24 -12.96
N LEU A 52 1.41 10.33 -12.19
CA LEU A 52 2.53 11.27 -12.22
C LEU A 52 3.76 10.68 -11.55
N LEU A 53 3.53 9.85 -10.54
CA LEU A 53 4.61 9.22 -9.80
C LEU A 53 5.58 8.52 -10.76
N ARG A 54 6.82 8.30 -10.28
CA ARG A 54 7.83 7.65 -11.09
C ARG A 54 8.05 6.22 -10.64
N GLU A 55 8.41 5.35 -11.59
CA GLU A 55 8.65 3.94 -11.28
C GLU A 55 9.31 3.78 -9.91
N GLU A 56 10.33 4.60 -9.66
CA GLU A 56 11.05 4.56 -8.40
C GLU A 56 10.09 4.74 -7.21
N GLU A 57 9.33 5.83 -7.25
CA GLU A 57 8.37 6.12 -6.19
C GLU A 57 7.40 4.95 -5.99
N LYS A 58 6.78 4.53 -7.07
CA LYS A 58 5.83 3.42 -7.02
C LYS A 58 6.42 2.23 -6.27
N GLU A 59 7.65 1.86 -6.64
CA GLU A 59 8.33 0.74 -6.00
C GLU A 59 8.47 0.97 -4.49
N LYS A 60 8.99 2.14 -4.13
CA LYS A 60 9.18 2.49 -2.73
C LYS A 60 7.90 2.25 -1.93
N TYR A 61 6.79 2.80 -2.41
CA TYR A 61 5.50 2.65 -1.74
C TYR A 61 5.14 1.17 -1.60
N ALA A 62 5.29 0.42 -2.70
CA ALA A 62 4.97 -1.00 -2.70
C ALA A 62 5.82 -1.75 -1.68
N GLU A 63 7.12 -1.42 -1.64
CA GLU A 63 8.05 -2.05 -0.72
C GLU A 63 7.60 -1.84 0.74
N MET A 64 7.44 -0.59 1.13
CA MET A 64 7.02 -0.25 2.48
C MET A 64 5.71 -0.93 2.83
N ALA A 65 4.86 -1.14 1.82
CA ALA A 65 3.57 -1.78 2.02
C ALA A 65 3.75 -3.26 2.36
N ARG A 66 4.43 -3.99 1.49
CA ARG A 66 4.66 -5.41 1.70
C ARG A 66 5.32 -5.66 3.06
N GLU A 67 6.44 -4.97 3.30
CA GLU A 67 7.16 -5.12 4.55
C GLU A 67 6.26 -4.80 5.75
N TRP A 68 5.46 -3.75 5.60
CA TRP A 68 4.55 -3.33 6.66
C TRP A 68 3.61 -4.47 7.05
N ARG A 69 2.88 -4.98 6.08
CA ARG A 69 1.94 -6.07 6.32
C ARG A 69 2.65 -7.27 6.94
N ALA A 70 3.83 -7.60 6.41
CA ALA A 70 4.60 -8.73 6.91
C ALA A 70 4.85 -8.60 8.41
N ALA A 71 5.30 -7.41 8.84
CA ALA A 71 5.57 -7.16 10.24
C ALA A 71 4.28 -6.98 11.02
N GLN A 72 3.24 -6.49 10.36
CA GLN A 72 1.95 -6.26 11.00
C GLN A 72 1.32 -7.58 11.42
N GLY A 73 1.68 -8.65 10.72
CA GLY A 73 1.13 -9.97 11.03
C GLY A 73 0.99 -10.85 9.81
N LYS A 74 2.11 -11.05 9.09
CA LYS A 74 2.11 -11.87 7.90
C LYS A 74 3.47 -12.53 7.69
N ASP A 75 3.46 -13.80 7.31
CA ASP A 75 4.70 -14.54 7.08
C ASP A 75 4.84 -14.90 5.60
N PRO A 76 5.61 -14.08 4.86
CA PRO A 76 5.85 -14.30 3.43
C PRO A 76 6.73 -15.52 3.16
N GLY A 77 7.32 -16.06 4.22
CA GLY A 77 8.17 -17.23 4.09
C GLY A 77 9.58 -16.99 4.60
N PRO A 78 10.55 -17.74 4.06
CA PRO A 78 11.95 -17.62 4.45
C PRO A 78 12.57 -16.31 3.99
N SER A 79 12.00 -15.72 2.95
CA SER A 79 12.51 -14.46 2.40
C SER A 79 12.55 -13.38 3.48
N GLU A 80 13.70 -12.73 3.61
CA GLU A 80 13.86 -11.67 4.60
C GLU A 80 14.74 -10.55 4.06
N LYS A 81 14.60 -9.36 4.64
CA LYS A 81 15.38 -8.21 4.22
C LYS A 81 15.15 -7.02 5.15
N GLN A 82 16.22 -6.49 5.71
CA GLN A 82 16.14 -5.36 6.62
C GLN A 82 15.94 -4.05 5.85
N LYS A 83 14.69 -3.76 5.50
CA LYS A 83 14.37 -2.54 4.76
C LYS A 83 13.34 -1.71 5.51
N PRO A 84 13.81 -0.91 6.47
CA PRO A 84 12.95 -0.04 7.28
C PRO A 84 12.36 1.12 6.47
N VAL A 85 11.58 1.96 7.13
CA VAL A 85 10.96 3.10 6.48
C VAL A 85 10.67 4.22 7.47
N PHE A 86 10.79 5.46 7.02
CA PHE A 86 10.54 6.61 7.88
C PHE A 86 9.20 7.27 7.53
N THR A 87 8.77 8.21 8.36
CA THR A 87 7.51 8.91 8.15
C THR A 87 6.46 7.97 7.56
N SER A 88 6.30 6.81 8.18
CA SER A 88 5.33 5.82 7.72
C SER A 88 4.14 5.74 8.68
N GLY A 89 2.94 5.67 8.12
CA GLY A 89 1.75 5.59 8.94
C GLY A 89 0.81 6.77 8.73
N PRO A 90 -0.02 6.70 7.68
CA PRO A 90 -0.97 7.77 7.35
C PRO A 90 -2.10 7.87 8.37
N SER A 91 -2.66 9.07 8.51
CA SER A 91 -3.75 9.30 9.46
C SER A 91 -5.10 9.19 8.76
N SER A 92 -5.79 8.07 8.98
CA SER A 92 -7.09 7.85 8.36
C SER A 92 -8.22 8.27 9.30
N GLY A 93 -9.36 8.63 8.73
CA GLY A 93 -10.50 9.06 9.53
C GLY A 93 -10.18 10.28 10.38
N GLY A 1 -5.46 -17.97 -5.65
CA GLY A 1 -4.26 -17.20 -5.39
C GLY A 1 -3.70 -17.47 -4.00
N SER A 2 -2.66 -16.72 -3.64
CA SER A 2 -2.01 -16.89 -2.34
C SER A 2 -2.98 -16.56 -1.21
N SER A 3 -3.43 -15.31 -1.16
CA SER A 3 -4.35 -14.87 -0.13
C SER A 3 -5.73 -15.51 -0.32
N GLY A 4 -5.92 -16.66 0.30
CA GLY A 4 -7.20 -17.35 0.19
C GLY A 4 -7.39 -18.41 1.27
N SER A 5 -7.62 -17.95 2.49
CA SER A 5 -7.81 -18.86 3.62
C SER A 5 -9.27 -18.88 4.06
N SER A 6 -9.74 -20.05 4.50
CA SER A 6 -11.12 -20.21 4.94
C SER A 6 -11.18 -20.46 6.45
N GLY A 7 -11.68 -19.47 7.19
CA GLY A 7 -11.79 -19.61 8.63
C GLY A 7 -12.33 -18.37 9.30
N MET A 8 -11.67 -17.93 10.37
CA MET A 8 -12.10 -16.74 11.09
C MET A 8 -12.57 -15.66 10.13
N PRO A 9 -13.58 -14.88 10.56
CA PRO A 9 -14.15 -13.80 9.75
C PRO A 9 -13.17 -12.63 9.59
N ASN A 10 -11.97 -12.78 10.14
CA ASN A 10 -10.95 -11.73 10.07
C ASN A 10 -11.05 -10.99 8.74
N ARG A 11 -11.32 -9.69 8.81
CA ARG A 11 -11.44 -8.87 7.62
C ARG A 11 -10.32 -9.19 6.63
N LYS A 12 -10.62 -9.05 5.35
CA LYS A 12 -9.64 -9.33 4.30
C LYS A 12 -9.48 -8.12 3.38
N ALA A 13 -8.43 -7.34 3.59
CA ALA A 13 -8.16 -6.17 2.78
C ALA A 13 -6.88 -6.33 1.98
N SER A 14 -6.82 -5.69 0.81
CA SER A 14 -5.64 -5.78 -0.05
C SER A 14 -5.00 -4.39 -0.21
N ARG A 15 -4.10 -4.07 0.70
CA ARG A 15 -3.41 -2.78 0.66
C ARG A 15 -2.13 -2.88 -0.15
N ASN A 16 -2.04 -2.07 -1.21
CA ASN A 16 -0.86 -2.07 -2.08
C ASN A 16 -0.29 -0.66 -2.21
N ALA A 17 0.86 -0.55 -2.86
CA ALA A 17 1.51 0.73 -3.07
C ALA A 17 0.48 1.82 -3.35
N TYR A 18 -0.45 1.54 -4.26
CA TYR A 18 -1.48 2.49 -4.62
C TYR A 18 -2.27 2.93 -3.39
N TYR A 19 -2.67 1.95 -2.58
CA TYR A 19 -3.44 2.24 -1.37
C TYR A 19 -2.66 3.14 -0.43
N PHE A 20 -1.36 2.87 -0.30
CA PHE A 20 -0.50 3.67 0.58
C PHE A 20 -0.42 5.11 0.09
N PHE A 21 -0.42 5.30 -1.22
CA PHE A 21 -0.35 6.63 -1.80
C PHE A 21 -1.69 7.35 -1.67
N VAL A 22 -2.77 6.61 -1.88
CA VAL A 22 -4.11 7.18 -1.78
C VAL A 22 -4.45 7.55 -0.35
N GLN A 23 -4.11 6.66 0.58
CA GLN A 23 -4.38 6.89 2.00
C GLN A 23 -3.72 8.18 2.47
N GLU A 24 -2.51 8.43 2.00
CA GLU A 24 -1.76 9.62 2.38
C GLU A 24 -2.31 10.85 1.64
N LYS A 25 -3.34 10.64 0.83
CA LYS A 25 -3.94 11.72 0.07
C LYS A 25 -5.39 11.94 0.51
N ILE A 26 -6.01 10.89 1.04
CA ILE A 26 -7.40 10.97 1.50
C ILE A 26 -7.67 12.30 2.20
N PRO A 27 -6.91 12.57 3.26
CA PRO A 27 -7.04 13.80 4.05
C PRO A 27 -6.58 15.03 3.28
N GLU A 28 -5.75 14.82 2.26
CA GLU A 28 -5.23 15.91 1.45
C GLU A 28 -6.32 16.47 0.54
N LEU A 29 -7.24 15.60 0.12
CA LEU A 29 -8.33 16.01 -0.75
C LEU A 29 -9.47 16.64 0.05
N ARG A 30 -9.81 16.00 1.18
CA ARG A 30 -10.88 16.50 2.03
C ARG A 30 -10.79 18.02 2.19
N ARG A 31 -9.57 18.51 2.35
CA ARG A 31 -9.35 19.94 2.52
C ARG A 31 -9.63 20.70 1.21
N ARG A 32 -9.22 20.11 0.10
CA ARG A 32 -9.44 20.72 -1.21
C ARG A 32 -10.92 21.00 -1.44
N GLY A 33 -11.76 20.05 -1.07
CA GLY A 33 -13.19 20.20 -1.24
C GLY A 33 -13.80 19.08 -2.07
N LEU A 34 -13.37 17.86 -1.79
CA LEU A 34 -13.89 16.69 -2.51
C LEU A 34 -14.44 15.65 -1.54
N PRO A 35 -15.56 15.01 -1.93
CA PRO A 35 -16.20 13.98 -1.11
C PRO A 35 -15.37 12.70 -1.02
N VAL A 36 -14.44 12.68 -0.08
CA VAL A 36 -13.57 11.52 0.11
C VAL A 36 -13.64 11.01 1.55
N ALA A 37 -14.33 9.89 1.74
CA ALA A 37 -14.48 9.31 3.07
C ALA A 37 -13.41 8.24 3.32
N ARG A 38 -13.12 7.46 2.29
CA ARG A 38 -12.12 6.40 2.40
C ARG A 38 -11.33 6.27 1.09
N VAL A 39 -10.30 5.43 1.11
CA VAL A 39 -9.47 5.21 -0.06
C VAL A 39 -10.31 5.01 -1.31
N ALA A 40 -11.25 4.07 -1.23
CA ALA A 40 -12.13 3.78 -2.36
C ALA A 40 -12.65 5.07 -2.99
N ASP A 41 -12.96 6.05 -2.15
CA ASP A 41 -13.47 7.33 -2.62
C ASP A 41 -12.35 8.17 -3.21
N ALA A 42 -11.18 8.11 -2.60
CA ALA A 42 -10.02 8.87 -3.07
C ALA A 42 -9.21 8.07 -4.08
N ILE A 43 -9.78 6.98 -4.55
CA ILE A 43 -9.11 6.11 -5.52
C ILE A 43 -8.99 6.81 -6.87
N PRO A 44 -10.14 7.19 -7.44
CA PRO A 44 -10.19 7.87 -8.74
C PRO A 44 -9.64 9.29 -8.67
N TYR A 45 -9.93 9.99 -7.58
CA TYR A 45 -9.46 11.35 -7.40
C TYR A 45 -7.93 11.40 -7.30
N CYS A 46 -7.31 10.22 -7.27
CA CYS A 46 -5.86 10.12 -7.18
C CYS A 46 -5.32 9.19 -8.25
N SER A 47 -5.99 9.15 -9.40
CA SER A 47 -5.57 8.29 -10.50
C SER A 47 -4.67 9.05 -11.47
N SER A 48 -4.83 10.36 -11.51
CA SER A 48 -4.05 11.21 -12.39
C SER A 48 -2.70 11.57 -11.75
N ASP A 49 -2.72 11.73 -10.43
CA ASP A 49 -1.49 12.06 -9.69
C ASP A 49 -0.60 10.84 -9.53
N TRP A 50 -1.21 9.71 -9.17
CA TRP A 50 -0.46 8.47 -8.99
C TRP A 50 0.29 8.09 -10.26
N ALA A 51 -0.31 8.39 -11.41
CA ALA A 51 0.31 8.08 -12.69
C ALA A 51 1.56 8.92 -12.91
N LEU A 52 1.60 10.09 -12.30
CA LEU A 52 2.74 10.99 -12.44
C LEU A 52 3.99 10.38 -11.78
N LEU A 53 3.79 9.64 -10.71
CA LEU A 53 4.88 9.00 -10.00
C LEU A 53 5.76 8.19 -10.95
N ARG A 54 7.02 8.02 -10.59
CA ARG A 54 7.96 7.26 -11.42
C ARG A 54 8.07 5.82 -10.93
N GLU A 55 8.65 4.96 -11.77
CA GLU A 55 8.81 3.56 -11.42
C GLU A 55 9.43 3.40 -10.04
N GLU A 56 10.55 4.09 -9.83
CA GLU A 56 11.25 4.03 -8.55
C GLU A 56 10.29 4.30 -7.39
N GLU A 57 9.50 5.36 -7.52
CA GLU A 57 8.55 5.73 -6.48
C GLU A 57 7.56 4.60 -6.22
N LYS A 58 6.87 4.16 -7.27
CA LYS A 58 5.90 3.07 -7.17
C LYS A 58 6.49 1.89 -6.41
N GLU A 59 7.72 1.52 -6.78
CA GLU A 59 8.39 0.39 -6.13
C GLU A 59 8.57 0.64 -4.64
N LYS A 60 9.09 1.82 -4.30
CA LYS A 60 9.31 2.19 -2.91
C LYS A 60 8.03 2.00 -2.09
N TYR A 61 6.94 2.58 -2.56
CA TYR A 61 5.66 2.48 -1.88
C TYR A 61 5.23 1.02 -1.72
N ALA A 62 5.44 0.24 -2.78
CA ALA A 62 5.08 -1.17 -2.76
C ALA A 62 5.91 -1.93 -1.73
N GLU A 63 7.21 -1.63 -1.68
CA GLU A 63 8.11 -2.28 -0.74
C GLU A 63 7.68 -2.02 0.71
N MET A 64 7.55 -0.74 1.06
CA MET A 64 7.16 -0.35 2.40
C MET A 64 5.80 -0.97 2.76
N ALA A 65 4.94 -1.11 1.77
CA ALA A 65 3.61 -1.68 1.98
C ALA A 65 3.71 -3.15 2.36
N ARG A 66 4.38 -3.93 1.52
CA ARG A 66 4.54 -5.36 1.76
C ARG A 66 5.19 -5.61 3.13
N GLU A 67 6.34 -5.01 3.34
CA GLU A 67 7.06 -5.17 4.60
C GLU A 67 6.19 -4.76 5.78
N TRP A 68 5.46 -3.66 5.61
CA TRP A 68 4.59 -3.15 6.66
C TRP A 68 3.56 -4.21 7.06
N ARG A 69 2.90 -4.79 6.07
CA ARG A 69 1.89 -5.81 6.32
C ARG A 69 2.51 -7.05 6.97
N ALA A 70 3.60 -7.53 6.39
CA ALA A 70 4.29 -8.70 6.91
C ALA A 70 4.56 -8.55 8.40
N ALA A 71 5.26 -7.49 8.77
CA ALA A 71 5.59 -7.24 10.17
C ALA A 71 4.33 -7.02 11.00
N GLN A 72 3.33 -6.40 10.38
CA GLN A 72 2.07 -6.14 11.06
C GLN A 72 1.33 -7.43 11.39
N GLY A 73 1.67 -8.50 10.66
CA GLY A 73 1.04 -9.78 10.90
C GLY A 73 0.54 -10.41 9.61
N LYS A 74 1.39 -10.41 8.59
CA LYS A 74 1.02 -10.99 7.30
C LYS A 74 2.03 -12.06 6.88
N ASP A 75 1.53 -13.23 6.51
CA ASP A 75 2.38 -14.34 6.09
C ASP A 75 3.62 -13.82 5.36
N PRO A 76 4.73 -13.69 6.10
CA PRO A 76 5.99 -13.21 5.55
C PRO A 76 6.62 -14.21 4.58
N GLY A 77 5.93 -15.32 4.34
CA GLY A 77 6.44 -16.33 3.45
C GLY A 77 7.23 -15.75 2.29
N PRO A 78 6.54 -15.07 1.37
CA PRO A 78 7.17 -14.46 0.20
C PRO A 78 8.02 -13.24 0.57
N SER A 79 7.52 -12.44 1.50
CA SER A 79 8.23 -11.25 1.95
C SER A 79 9.37 -11.63 2.90
N GLU A 80 10.03 -10.61 3.45
CA GLU A 80 11.14 -10.83 4.37
C GLU A 80 10.75 -10.43 5.79
N LYS A 81 11.41 -11.03 6.77
CA LYS A 81 11.14 -10.74 8.17
C LYS A 81 12.01 -9.58 8.66
N GLN A 82 11.46 -8.37 8.60
CA GLN A 82 12.17 -7.18 9.04
C GLN A 82 11.22 -6.13 9.57
N LYS A 83 11.65 -5.41 10.60
CA LYS A 83 10.82 -4.36 11.20
C LYS A 83 11.68 -3.37 11.98
N PRO A 84 11.25 -2.10 11.99
CA PRO A 84 11.96 -1.03 12.69
C PRO A 84 11.89 -1.18 14.21
N VAL A 85 12.43 -0.19 14.92
CA VAL A 85 12.43 -0.21 16.37
C VAL A 85 11.42 0.79 16.94
N PHE A 86 10.26 0.88 16.29
CA PHE A 86 9.21 1.80 16.72
C PHE A 86 7.84 1.20 16.45
N THR A 87 6.96 1.29 17.44
CA THR A 87 5.60 0.76 17.31
C THR A 87 4.56 1.85 17.55
N SER A 88 3.92 2.30 16.48
CA SER A 88 2.90 3.34 16.59
C SER A 88 1.59 2.88 15.96
N GLY A 89 0.51 2.94 16.74
CA GLY A 89 -0.79 2.53 16.26
C GLY A 89 -1.83 2.49 17.35
N PRO A 90 -2.44 3.65 17.65
CA PRO A 90 -3.46 3.77 18.68
C PRO A 90 -4.77 3.09 18.28
N SER A 91 -4.77 2.45 17.11
CA SER A 91 -5.95 1.77 16.61
C SER A 91 -6.26 0.54 17.46
N SER A 92 -7.55 0.20 17.54
CA SER A 92 -7.98 -0.95 18.32
C SER A 92 -8.76 -1.94 17.45
N GLY A 93 -8.27 -3.18 17.39
CA GLY A 93 -8.93 -4.20 16.59
C GLY A 93 -8.26 -4.38 15.24
#